data_3WVR
#
_entry.id   3WVR
#
_cell.length_a   77.600
_cell.length_b   86.720
_cell.length_c   94.140
_cell.angle_alpha   73.870
_cell.angle_beta   86.060
_cell.angle_gamma   68.230
#
_symmetry.space_group_name_H-M   'P 1'
#
loop_
_entity.id
_entity.type
_entity.pdbx_description
1 polymer PGM1
2 non-polymer 'SULFATE ION'
3 non-polymer 'ADENOSINE MONOPHOSPHATE'
4 non-polymer GLYCEROL
5 water water
#
_entity_poly.entity_id   1
_entity_poly.type   'polypeptide(L)'
_entity_poly.pdbx_seq_one_letter_code
;(MSE)RLLVGNDWSEELAEPTGSTGWAVQRLVWFARDGDVLVLPVAPQEEFLAYVTSLTGTRRSSLTVVVPPPGRLGAGA
LTADRLADPRFLAALREAFAGRPVHEVFALWPDAVVADLADALGCPEALEGHDFLTQSGGLIGSSKAAFRALAAGAGVAL
PAGAVCADRRRAHRHVTRLLDEGSPVILKQDYGSGSDGNEILSRTPGLALRGARALRVLADSAALDAYLDERWDWLTEGG
RHRVVVERYHPGSRAYFAEFWISDGGVRLGGHGE(MSE)RYRPLPDSQV(MSE)PAPDLDQAQLDDLVEGGRRLCVALHA
LGYRGVLSADAVVTPAGEVLFTEHNGRATGSTHIYEIVGKRVVGPGFGTDRILLERVWPEGWEAPSFAGALTRLRDSGHL
YDPETRRGAVILAAYNTHRKGV(MSE)LCYVAEDLEAALHREESVSRLFAPALSALEHHHHHH
;
_entity_poly.pdbx_strand_id   A,B,C,D
#
# COMPACT_ATOMS: atom_id res chain seq x y z
N ARG A 2 -9.07 21.97 -8.37
CA ARG A 2 -8.98 21.35 -7.10
C ARG A 2 -9.86 22.09 -6.14
N LEU A 3 -10.40 21.41 -5.17
CA LEU A 3 -11.16 22.07 -4.12
C LEU A 3 -10.31 22.23 -2.84
N LEU A 4 -9.96 23.48 -2.53
CA LEU A 4 -9.20 23.81 -1.34
C LEU A 4 -10.15 24.27 -0.23
N VAL A 5 -9.99 23.71 0.95
CA VAL A 5 -10.90 24.07 2.03
C VAL A 5 -10.19 24.73 3.21
N GLY A 6 -10.56 25.99 3.46
CA GLY A 6 -9.96 26.76 4.53
C GLY A 6 -10.59 26.51 5.88
N ASN A 7 -10.65 25.25 6.32
CA ASN A 7 -11.26 24.95 7.60
C ASN A 7 -10.32 25.10 8.81
N ASP A 8 -10.95 25.17 9.98
CA ASP A 8 -10.30 25.45 11.24
C ASP A 8 -10.13 24.20 12.12
N TRP A 9 -9.52 24.40 13.29
CA TRP A 9 -9.45 23.37 14.33
C TRP A 9 -10.79 22.64 14.44
N SER A 10 -10.74 21.32 14.63
CA SER A 10 -11.94 20.51 14.59
C SER A 10 -13.04 20.93 15.56
N GLU A 11 -14.22 21.13 14.99
CA GLU A 11 -15.44 21.38 15.73
C GLU A 11 -15.69 20.28 16.79
N GLU A 12 -15.28 19.04 16.49
CA GLU A 12 -15.41 17.94 17.46
C GLU A 12 -14.59 18.16 18.73
N LEU A 13 -13.51 18.93 18.61
CA LEU A 13 -12.63 19.14 19.76
C LEU A 13 -12.98 20.41 20.52
N ALA A 14 -13.34 21.48 19.79
CA ALA A 14 -13.63 22.77 20.40
C ALA A 14 -14.54 23.65 19.53
N GLU A 15 -15.36 24.46 20.19
CA GLU A 15 -16.10 25.52 19.53
C GLU A 15 -15.17 26.65 19.05
N PRO A 16 -15.07 26.86 17.72
CA PRO A 16 -14.18 27.89 17.17
C PRO A 16 -14.73 29.31 17.33
N THR A 17 -15.07 29.70 18.57
CA THR A 17 -15.80 30.93 18.80
C THR A 17 -14.93 32.18 18.73
N GLY A 18 -13.61 32.00 18.81
CA GLY A 18 -12.71 33.13 18.75
C GLY A 18 -12.28 33.47 17.34
N SER A 19 -12.48 32.54 16.41
CA SER A 19 -11.97 32.72 15.05
C SER A 19 -12.57 33.94 14.35
N THR A 20 -11.74 34.62 13.54
CA THR A 20 -12.13 35.83 12.84
C THR A 20 -12.07 35.65 11.34
N GLY A 21 -11.53 34.52 10.90
CA GLY A 21 -11.45 34.23 9.48
C GLY A 21 -10.19 34.72 8.80
N TRP A 22 -9.22 35.14 9.60
CA TRP A 22 -7.96 35.68 9.09
C TRP A 22 -6.88 34.64 8.74
N ALA A 23 -6.54 33.79 9.71
CA ALA A 23 -5.43 32.86 9.56
C ALA A 23 -5.59 31.87 8.39
N VAL A 24 -6.82 31.38 8.17
CA VAL A 24 -7.01 30.39 7.14
C VAL A 24 -6.85 30.96 5.73
N GLN A 25 -6.78 32.29 5.59
CA GLN A 25 -6.57 32.89 4.29
C GLN A 25 -5.19 32.54 3.71
N ARG A 26 -4.32 31.93 4.52
CA ARG A 26 -3.07 31.37 4.03
C ARG A 26 -3.33 30.32 2.94
N LEU A 27 -4.57 29.81 2.88
CA LEU A 27 -4.99 28.88 1.84
C LEU A 27 -4.63 29.32 0.44
N VAL A 28 -4.74 30.64 0.18
CA VAL A 28 -4.43 31.21 -1.12
C VAL A 28 -3.02 30.83 -1.61
N TRP A 29 -2.05 30.73 -0.71
CA TRP A 29 -0.70 30.32 -1.11
C TRP A 29 -0.67 28.98 -1.84
N PHE A 30 -1.60 28.09 -1.47
CA PHE A 30 -1.67 26.78 -2.11
C PHE A 30 -2.44 26.78 -3.45
N ALA A 31 -3.18 27.85 -3.73
CA ALA A 31 -4.02 27.90 -4.93
C ALA A 31 -3.22 27.75 -6.21
N ARG A 32 -3.70 26.92 -7.12
CA ARG A 32 -3.11 26.83 -8.45
C ARG A 32 -4.21 27.07 -9.47
N ASP A 33 -3.85 27.24 -10.73
CA ASP A 33 -4.78 27.62 -11.80
C ASP A 33 -6.07 26.78 -11.84
N GLY A 34 -7.19 27.45 -11.68
CA GLY A 34 -8.48 26.81 -11.84
C GLY A 34 -9.11 26.42 -10.53
N ASP A 35 -8.35 26.52 -9.45
CA ASP A 35 -8.84 26.02 -8.16
C ASP A 35 -10.02 26.79 -7.60
N VAL A 36 -10.82 26.08 -6.80
CA VAL A 36 -11.94 26.66 -6.06
C VAL A 36 -11.63 26.64 -4.57
N LEU A 37 -11.69 27.81 -3.95
CA LEU A 37 -11.33 27.93 -2.55
C LEU A 37 -12.55 28.17 -1.69
N VAL A 38 -12.70 27.41 -0.62
CA VAL A 38 -13.78 27.65 0.34
C VAL A 38 -13.18 28.34 1.56
N LEU A 39 -13.67 29.55 1.85
CA LEU A 39 -13.16 30.29 3.00
C LEU A 39 -14.30 30.88 3.84
N PRO A 40 -14.07 31.06 5.15
CA PRO A 40 -15.13 31.61 6.00
C PRO A 40 -15.37 33.09 5.75
N VAL A 41 -14.33 33.83 5.37
CA VAL A 41 -14.44 35.24 5.06
C VAL A 41 -13.74 35.55 3.74
N ALA A 42 -14.45 36.21 2.83
CA ALA A 42 -13.87 36.62 1.55
C ALA A 42 -12.61 37.44 1.74
N PRO A 43 -11.51 37.03 1.10
CA PRO A 43 -10.28 37.82 1.20
C PRO A 43 -10.38 39.11 0.38
N GLN A 44 -9.60 40.13 0.74
CA GLN A 44 -9.54 41.36 -0.04
C GLN A 44 -8.82 41.06 -1.35
N GLU A 45 -9.22 41.75 -2.42
CA GLU A 45 -8.65 41.53 -3.75
C GLU A 45 -7.15 41.80 -3.77
N GLU A 46 -6.72 42.80 -3.00
CA GLU A 46 -5.31 43.18 -2.93
C GLU A 46 -4.46 42.02 -2.41
N PHE A 47 -4.92 41.33 -1.37
CA PHE A 47 -4.25 40.12 -0.89
C PHE A 47 -4.15 39.06 -1.99
N LEU A 48 -5.30 38.69 -2.58
CA LEU A 48 -5.32 37.72 -3.68
C LEU A 48 -4.35 38.07 -4.80
N ALA A 49 -4.46 39.30 -5.32
CA ALA A 49 -3.59 39.77 -6.41
C ALA A 49 -2.11 39.72 -6.04
N TYR A 50 -1.75 40.11 -4.82
CA TYR A 50 -0.35 40.02 -4.39
C TYR A 50 0.13 38.56 -4.37
N VAL A 51 -0.57 37.70 -3.63
CA VAL A 51 -0.15 36.31 -3.46
C VAL A 51 -0.08 35.57 -4.80
N THR A 52 -1.10 35.75 -5.65
CA THR A 52 -1.13 35.08 -6.95
C THR A 52 -0.02 35.60 -7.87
N SER A 53 0.33 36.88 -7.73
CA SER A 53 1.39 37.48 -8.57
C SER A 53 2.73 36.85 -8.26
N LEU A 54 2.91 36.43 -7.02
CA LEU A 54 4.14 35.78 -6.60
C LEU A 54 4.18 34.29 -6.91
N THR A 55 3.04 33.62 -6.82
CA THR A 55 2.99 32.17 -7.06
C THR A 55 2.92 31.85 -8.55
N GLY A 56 2.59 32.86 -9.36
CA GLY A 56 2.42 32.68 -10.78
C GLY A 56 1.05 32.15 -11.15
N THR A 57 0.14 32.10 -10.18
CA THR A 57 -1.22 31.60 -10.41
C THR A 57 -2.12 32.71 -10.98
N ARG A 58 -2.89 32.36 -12.01
CA ARG A 58 -3.84 33.28 -12.63
C ARG A 58 -5.05 33.53 -11.74
N ARG A 59 -5.11 34.71 -11.14
CA ARG A 59 -6.18 35.08 -10.21
C ARG A 59 -7.59 34.91 -10.80
N SER A 60 -7.76 35.30 -12.06
CA SER A 60 -9.08 35.22 -12.70
C SER A 60 -9.53 33.76 -12.92
N SER A 61 -8.58 32.83 -12.87
CA SER A 61 -8.91 31.40 -12.96
C SER A 61 -9.37 30.84 -11.61
N LEU A 62 -9.19 31.61 -10.55
CA LEU A 62 -9.59 31.20 -9.22
C LEU A 62 -11.01 31.61 -8.91
N THR A 63 -11.70 30.83 -8.09
CA THR A 63 -12.99 31.23 -7.56
C THR A 63 -13.01 31.05 -6.05
N VAL A 64 -13.45 32.08 -5.34
CA VAL A 64 -13.56 32.01 -3.89
C VAL A 64 -15.02 31.89 -3.48
N VAL A 65 -15.33 30.83 -2.77
CA VAL A 65 -16.69 30.59 -2.32
C VAL A 65 -16.81 30.69 -0.80
N VAL A 66 -17.69 31.57 -0.35
CA VAL A 66 -17.88 31.89 1.06
C VAL A 66 -19.28 31.47 1.48
N PRO A 67 -19.40 30.53 2.43
CA PRO A 67 -20.73 30.20 2.94
C PRO A 67 -21.37 31.39 3.67
N PRO A 68 -22.70 31.42 3.75
CA PRO A 68 -23.37 32.30 4.72
C PRO A 68 -22.87 32.05 6.16
N PRO A 69 -23.02 33.05 7.05
CA PRO A 69 -22.67 32.90 8.46
C PRO A 69 -23.42 31.72 9.09
N GLY A 70 -22.84 31.07 10.10
CA GLY A 70 -23.50 29.98 10.79
C GLY A 70 -23.86 30.30 12.24
N ARG A 71 -24.20 29.24 12.99
CA ARG A 71 -24.60 29.36 14.40
C ARG A 71 -23.57 30.09 15.28
N LEU A 72 -22.31 30.12 14.85
CA LEU A 72 -21.30 30.90 15.54
C LEU A 72 -20.79 32.08 14.71
N GLY A 73 -21.56 32.49 13.69
CA GLY A 73 -21.16 33.61 12.87
C GLY A 73 -20.34 33.24 11.64
N ALA A 74 -19.41 34.11 11.26
CA ALA A 74 -18.66 33.97 10.01
C ALA A 74 -17.20 33.51 10.18
N GLY A 75 -16.71 33.53 11.41
CA GLY A 75 -15.30 33.31 11.69
C GLY A 75 -14.68 32.02 11.20
N ALA A 76 -15.48 30.96 11.10
CA ALA A 76 -14.94 29.64 10.82
C ALA A 76 -15.93 28.78 10.05
N LEU A 77 -15.42 27.87 9.23
CA LEU A 77 -16.24 26.93 8.48
C LEU A 77 -16.83 25.87 9.39
N THR A 78 -17.76 26.28 10.24
CA THR A 78 -18.52 25.34 11.06
C THR A 78 -19.33 24.39 10.15
N ALA A 79 -19.73 23.25 10.73
CA ALA A 79 -20.42 22.19 10.01
C ALA A 79 -21.71 22.64 9.33
N ASP A 80 -22.48 23.49 10.01
CA ASP A 80 -23.74 23.97 9.48
C ASP A 80 -23.53 24.87 8.25
N ARG A 81 -22.39 25.54 8.20
CA ARG A 81 -22.11 26.43 7.07
C ARG A 81 -21.79 25.62 5.81
N LEU A 82 -21.12 24.49 6.00
CA LEU A 82 -20.69 23.68 4.87
C LEU A 82 -21.82 22.80 4.36
N ALA A 83 -22.89 22.67 5.14
CA ALA A 83 -24.05 21.91 4.72
C ALA A 83 -25.15 22.82 4.13
N ASP A 84 -24.93 24.13 4.19
CA ASP A 84 -25.92 25.11 3.72
C ASP A 84 -26.22 24.92 2.23
N PRO A 85 -27.49 24.69 1.89
CA PRO A 85 -27.90 24.58 0.48
C PRO A 85 -27.50 25.82 -0.34
N ARG A 86 -27.54 27.01 0.26
CA ARG A 86 -27.09 28.23 -0.42
C ARG A 86 -25.62 28.15 -0.81
N PHE A 87 -24.79 27.73 0.15
CA PHE A 87 -23.36 27.52 -0.07
C PHE A 87 -23.10 26.44 -1.10
N LEU A 88 -23.85 25.35 -1.01
CA LEU A 88 -23.64 24.22 -1.92
C LEU A 88 -23.95 24.63 -3.37
N ALA A 89 -25.02 25.41 -3.55
CA ALA A 89 -25.34 25.94 -4.87
C ALA A 89 -24.21 26.84 -5.36
N ALA A 90 -23.72 27.69 -4.47
CA ALA A 90 -22.59 28.54 -4.83
C ALA A 90 -21.37 27.70 -5.25
N LEU A 91 -21.12 26.61 -4.51
CA LEU A 91 -19.97 25.75 -4.78
C LEU A 91 -20.11 25.06 -6.13
N ARG A 92 -21.25 24.45 -6.39
CA ARG A 92 -21.48 23.79 -7.68
C ARG A 92 -21.39 24.76 -8.87
N GLU A 93 -21.88 25.99 -8.72
CA GLU A 93 -21.71 26.94 -9.81
C GLU A 93 -20.23 27.28 -10.02
N ALA A 94 -19.46 27.36 -8.92
CA ALA A 94 -18.04 27.63 -9.03
C ALA A 94 -17.32 26.50 -9.77
N PHE A 95 -17.77 25.26 -9.56
CA PHE A 95 -17.19 24.15 -10.29
C PHE A 95 -17.41 24.30 -11.80
N ALA A 96 -18.61 24.76 -12.17
CA ALA A 96 -19.01 24.97 -13.56
C ALA A 96 -18.86 23.72 -14.43
N GLY A 97 -19.37 22.59 -13.95
CA GLY A 97 -19.22 21.32 -14.65
C GLY A 97 -17.86 20.62 -14.54
N ARG A 98 -16.87 21.26 -13.96
CA ARG A 98 -15.54 20.65 -13.86
C ARG A 98 -15.50 19.56 -12.78
N PRO A 99 -14.80 18.46 -13.06
CA PRO A 99 -14.59 17.45 -12.02
C PRO A 99 -13.60 17.91 -10.94
N VAL A 100 -13.88 17.55 -9.70
CA VAL A 100 -12.95 17.82 -8.62
C VAL A 100 -11.82 16.81 -8.68
N HIS A 101 -10.64 17.28 -9.04
CA HIS A 101 -9.50 16.38 -9.19
C HIS A 101 -8.96 15.99 -7.83
N GLU A 102 -8.94 16.94 -6.89
CA GLU A 102 -8.36 16.74 -5.56
C GLU A 102 -9.04 17.61 -4.51
N VAL A 103 -9.28 17.07 -3.33
CA VAL A 103 -9.69 17.91 -2.22
C VAL A 103 -8.54 18.12 -1.25
N PHE A 104 -8.23 19.38 -0.97
CA PHE A 104 -7.19 19.71 -0.01
C PHE A 104 -7.78 20.58 1.09
N ALA A 105 -7.62 20.14 2.33
CA ALA A 105 -8.09 20.92 3.47
C ALA A 105 -6.95 21.26 4.46
N LEU A 106 -7.11 22.38 5.15
CA LEU A 106 -6.14 22.82 6.11
C LEU A 106 -6.13 21.87 7.33
N TRP A 107 -7.29 21.29 7.65
CA TRP A 107 -7.40 20.45 8.84
C TRP A 107 -8.15 19.15 8.48
N PRO A 108 -7.62 17.98 8.89
CA PRO A 108 -8.16 16.69 8.46
C PRO A 108 -9.37 16.25 9.28
N ASP A 109 -10.51 16.83 8.95
CA ASP A 109 -11.71 16.64 9.75
C ASP A 109 -12.83 15.96 8.98
N ALA A 110 -13.75 15.36 9.73
CA ALA A 110 -14.90 14.68 9.17
C ALA A 110 -15.78 15.63 8.34
N VAL A 111 -15.84 16.92 8.69
CA VAL A 111 -16.66 17.86 7.89
C VAL A 111 -16.17 17.93 6.44
N VAL A 112 -14.87 17.84 6.22
CA VAL A 112 -14.34 17.76 4.87
C VAL A 112 -14.86 16.53 4.13
N ALA A 113 -14.85 15.37 4.83
CA ALA A 113 -15.42 14.15 4.28
C ALA A 113 -16.90 14.33 3.95
N ASP A 114 -17.65 14.96 4.86
CA ASP A 114 -19.05 15.25 4.66
C ASP A 114 -19.25 16.07 3.37
N LEU A 115 -18.41 17.08 3.18
CA LEU A 115 -18.48 17.93 2.01
C LEU A 115 -18.22 17.12 0.76
N ALA A 116 -17.20 16.28 0.77
CA ALA A 116 -16.86 15.49 -0.41
C ALA A 116 -18.02 14.55 -0.78
N ASP A 117 -18.71 14.03 0.23
CA ASP A 117 -19.83 13.13 0.01
C ASP A 117 -21.05 13.88 -0.56
N ALA A 118 -21.37 15.04 0.02
CA ALA A 118 -22.44 15.89 -0.49
C ALA A 118 -22.21 16.26 -1.95
N LEU A 119 -20.95 16.44 -2.33
CA LEU A 119 -20.59 16.84 -3.68
C LEU A 119 -20.41 15.64 -4.62
N GLY A 120 -20.51 14.44 -4.06
CA GLY A 120 -20.28 13.23 -4.82
C GLY A 120 -18.86 13.06 -5.36
N CYS A 121 -17.86 13.59 -4.66
CA CYS A 121 -16.48 13.32 -5.04
C CYS A 121 -15.60 12.77 -3.89
N PRO A 122 -16.09 11.74 -3.15
CA PRO A 122 -15.25 11.25 -2.05
C PRO A 122 -13.89 10.75 -2.53
N GLU A 123 -13.89 10.15 -3.71
CA GLU A 123 -12.68 9.61 -4.30
C GLU A 123 -11.60 10.68 -4.51
N ALA A 124 -11.99 11.97 -4.52
CA ALA A 124 -11.02 13.04 -4.67
C ALA A 124 -10.34 13.40 -3.35
N LEU A 125 -10.89 12.89 -2.26
CA LEU A 125 -10.36 13.18 -0.94
C LEU A 125 -9.58 11.96 -0.44
N GLU A 126 -8.25 12.05 -0.43
CA GLU A 126 -7.46 10.94 0.08
C GLU A 126 -7.74 10.77 1.57
N GLY A 127 -7.93 9.52 1.95
CA GLY A 127 -8.27 9.17 3.32
C GLY A 127 -9.69 9.45 3.74
N HIS A 128 -10.58 9.59 2.76
CA HIS A 128 -11.99 9.90 3.00
C HIS A 128 -12.66 8.98 4.04
N ASP A 129 -12.54 7.68 3.86
CA ASP A 129 -13.15 6.70 4.78
C ASP A 129 -12.62 6.88 6.22
N PHE A 130 -11.30 6.93 6.36
CA PHE A 130 -10.63 7.24 7.64
C PHE A 130 -11.23 8.50 8.27
N LEU A 131 -11.40 9.55 7.47
CA LEU A 131 -11.92 10.83 7.97
C LEU A 131 -13.39 10.76 8.39
N THR A 132 -14.21 9.98 7.68
CA THR A 132 -15.62 9.80 8.07
C THR A 132 -15.74 9.21 9.48
N GLN A 133 -14.75 8.39 9.86
CA GLN A 133 -14.72 7.78 11.20
C GLN A 133 -13.97 8.66 12.24
N SER A 134 -13.75 9.91 11.88
CA SER A 134 -13.07 10.90 12.74
C SER A 134 -11.63 10.53 13.04
N GLY A 135 -11.00 9.82 12.12
CA GLY A 135 -9.64 9.36 12.29
C GLY A 135 -8.64 10.49 12.39
N GLY A 136 -8.95 11.60 11.73
CA GLY A 136 -8.07 12.76 11.65
C GLY A 136 -7.73 13.37 13.00
N LEU A 137 -8.60 13.19 14.00
CA LEU A 137 -8.30 13.63 15.36
C LEU A 137 -6.97 13.05 15.92
N ILE A 138 -6.52 11.93 15.37
CA ILE A 138 -5.30 11.30 15.86
C ILE A 138 -4.10 12.23 15.63
N GLY A 139 -4.25 13.13 14.64
CA GLY A 139 -3.21 14.05 14.25
C GLY A 139 -3.04 15.16 15.27
N SER A 140 -4.02 15.30 16.17
CA SER A 140 -3.88 16.35 17.17
C SER A 140 -3.90 15.80 18.61
N SER A 141 -3.60 14.52 18.77
CA SER A 141 -3.58 13.90 20.09
C SER A 141 -2.15 13.64 20.54
N LYS A 142 -1.76 14.24 21.65
CA LYS A 142 -0.42 13.97 22.21
C LYS A 142 -0.33 12.55 22.80
N ALA A 143 -1.42 12.07 23.38
CA ALA A 143 -1.51 10.69 23.82
C ALA A 143 -1.18 9.74 22.66
N ALA A 144 -1.79 10.00 21.51
CA ALA A 144 -1.57 9.19 20.32
C ALA A 144 -0.13 9.30 19.90
N PHE A 145 0.38 10.53 19.91
CA PHE A 145 1.79 10.76 19.61
C PHE A 145 2.70 9.91 20.52
N ARG A 146 2.46 9.93 21.83
CA ARG A 146 3.36 9.24 22.76
C ARG A 146 3.42 7.74 22.44
N ALA A 147 2.25 7.16 22.17
CA ALA A 147 2.15 5.74 21.87
C ALA A 147 2.86 5.41 20.57
N LEU A 148 2.58 6.21 19.55
CA LEU A 148 3.13 6.00 18.21
C LEU A 148 4.64 6.17 18.15
N ALA A 149 5.15 7.23 18.77
CA ALA A 149 6.58 7.45 18.78
C ALA A 149 7.28 6.30 19.52
N ALA A 150 6.75 5.93 20.69
CA ALA A 150 7.39 4.87 21.48
C ALA A 150 7.38 3.56 20.68
N GLY A 151 6.27 3.25 20.03
CA GLY A 151 6.20 2.05 19.23
C GLY A 151 7.11 2.05 18.02
N ALA A 152 7.30 3.22 17.41
CA ALA A 152 8.12 3.34 16.20
C ALA A 152 9.61 3.48 16.53
N GLY A 153 9.94 3.55 17.82
CA GLY A 153 11.31 3.73 18.24
C GLY A 153 11.83 5.16 18.05
N VAL A 154 10.96 6.13 18.25
CA VAL A 154 11.36 7.51 18.06
C VAL A 154 11.71 8.09 19.43
N ALA A 155 12.88 8.71 19.54
CA ALA A 155 13.33 9.20 20.85
C ALA A 155 12.35 10.23 21.45
N LEU A 156 12.13 10.08 22.73
CA LEU A 156 11.00 10.72 23.42
C LEU A 156 11.49 11.14 24.80
N PRO A 157 11.10 12.32 25.31
CA PRO A 157 11.48 12.52 26.71
C PRO A 157 10.81 11.45 27.58
N ALA A 158 11.41 11.09 28.69
CA ALA A 158 10.80 10.14 29.61
C ALA A 158 9.43 10.63 30.03
N GLY A 159 8.48 9.73 30.17
CA GLY A 159 7.17 10.07 30.69
C GLY A 159 6.11 9.01 30.42
N ALA A 160 4.85 9.42 30.56
CA ALA A 160 3.74 8.51 30.36
C ALA A 160 2.46 9.27 30.04
N VAL A 161 1.39 8.52 29.81
CA VAL A 161 0.09 9.10 29.52
C VAL A 161 -0.90 8.70 30.61
N CYS A 162 -1.46 9.66 31.31
CA CYS A 162 -2.24 9.38 32.50
C CYS A 162 -3.73 9.76 32.39
N ALA A 163 -4.60 8.87 32.84
CA ALA A 163 -6.05 9.07 32.80
C ALA A 163 -6.60 9.46 34.16
N ASP A 164 -5.76 9.42 35.19
CA ASP A 164 -6.23 9.65 36.55
C ASP A 164 -5.13 10.29 37.39
N ARG A 165 -5.51 10.82 38.55
CA ARG A 165 -4.57 11.56 39.39
C ARG A 165 -3.55 10.65 40.05
N ARG A 166 -3.99 9.47 40.46
CA ARG A 166 -3.12 8.50 41.08
C ARG A 166 -1.90 8.20 40.21
N ARG A 167 -2.15 7.84 38.96
CA ARG A 167 -1.03 7.56 38.05
C ARG A 167 -0.24 8.83 37.71
N ALA A 168 -0.93 9.95 37.56
CA ALA A 168 -0.26 11.20 37.21
C ALA A 168 0.74 11.54 38.32
N HIS A 169 0.27 11.47 39.56
CA HIS A 169 1.09 11.74 40.73
C HIS A 169 2.35 10.87 40.80
N ARG A 170 2.21 9.60 40.47
CA ARG A 170 3.35 8.70 40.49
C ARG A 170 4.39 9.11 39.44
N HIS A 171 3.96 9.41 38.21
CA HIS A 171 4.92 9.70 37.14
C HIS A 171 5.58 11.07 37.30
N VAL A 172 4.85 12.03 37.87
CA VAL A 172 5.41 13.33 38.14
C VAL A 172 6.48 13.18 39.22
N THR A 173 6.13 12.48 40.29
CA THR A 173 7.05 12.26 41.40
C THR A 173 8.32 11.52 40.96
N ARG A 174 8.19 10.47 40.16
CA ARG A 174 9.39 9.81 39.65
C ARG A 174 10.37 10.79 39.00
N LEU A 175 9.87 11.64 38.12
CA LEU A 175 10.68 12.56 37.35
C LEU A 175 11.27 13.69 38.22
N LEU A 176 10.43 14.29 39.07
CA LEU A 176 10.90 15.32 40.00
C LEU A 176 12.02 14.83 40.92
N ASP A 177 11.92 13.59 41.41
CA ASP A 177 12.95 13.05 42.32
C ASP A 177 14.26 12.73 41.61
N GLU A 178 14.23 12.60 40.29
CA GLU A 178 15.45 12.49 39.49
C GLU A 178 16.11 13.87 39.27
N GLY A 179 15.53 14.91 39.86
CA GLY A 179 16.05 16.26 39.73
C GLY A 179 15.55 17.04 38.52
N SER A 180 14.63 16.46 37.76
CA SER A 180 14.11 17.11 36.56
C SER A 180 12.79 17.82 36.81
N PRO A 181 12.55 18.94 36.12
CA PRO A 181 11.20 19.50 36.06
C PRO A 181 10.32 18.66 35.11
N VAL A 182 9.01 18.83 35.20
CA VAL A 182 8.07 18.04 34.41
C VAL A 182 7.12 18.97 33.63
N ILE A 183 6.67 18.54 32.46
CA ILE A 183 5.62 19.30 31.76
C ILE A 183 4.36 18.42 31.60
N LEU A 184 3.25 18.94 32.09
CA LEU A 184 1.95 18.30 31.88
C LEU A 184 1.32 18.87 30.61
N LYS A 185 0.65 18.03 29.85
CA LYS A 185 0.08 18.48 28.56
C LYS A 185 -1.29 17.93 28.30
N GLN A 186 -2.23 18.81 27.98
CA GLN A 186 -3.54 18.39 27.51
C GLN A 186 -3.40 17.55 26.24
N ASP A 187 -4.07 16.41 26.24
CA ASP A 187 -4.09 15.49 25.10
C ASP A 187 -4.29 16.28 23.80
N TYR A 188 -5.35 17.09 23.77
CA TYR A 188 -5.73 17.81 22.55
C TYR A 188 -5.47 19.31 22.65
N GLY A 189 -4.56 19.71 23.53
CA GLY A 189 -4.25 21.13 23.69
C GLY A 189 -3.66 21.71 22.42
N SER A 190 -3.98 22.95 22.12
CA SER A 190 -3.30 23.60 21.01
C SER A 190 -2.23 24.51 21.60
N GLY A 191 -0.99 24.32 21.15
CA GLY A 191 0.09 25.16 21.62
C GLY A 191 0.40 25.08 23.11
N SER A 192 1.12 26.09 23.58
CA SER A 192 1.61 26.07 24.95
C SER A 192 0.49 26.42 25.95
N ASP A 193 -0.61 26.97 25.46
CA ASP A 193 -1.77 27.20 26.33
C ASP A 193 -2.29 25.90 26.99
N GLY A 194 -1.93 24.76 26.44
CA GLY A 194 -2.42 23.51 26.96
C GLY A 194 -1.46 22.80 27.89
N ASN A 195 -0.35 23.46 28.24
CA ASN A 195 0.74 22.85 29.02
C ASN A 195 1.07 23.62 30.29
N GLU A 196 1.51 22.89 31.32
CA GLU A 196 2.05 23.50 32.51
C GLU A 196 3.35 22.80 32.92
N ILE A 197 4.30 23.58 33.43
CA ILE A 197 5.56 23.06 33.90
C ILE A 197 5.50 22.96 35.42
N LEU A 198 5.93 21.81 35.95
CA LEU A 198 6.01 21.56 37.38
C LEU A 198 7.46 21.41 37.77
N SER A 199 7.87 22.12 38.80
CA SER A 199 9.28 22.09 39.18
C SER A 199 9.46 22.14 40.68
N ARG A 200 10.51 21.50 41.18
CA ARG A 200 10.90 21.63 42.56
C ARG A 200 11.64 22.94 42.76
N THR A 201 12.18 23.50 41.67
CA THR A 201 12.99 24.70 41.76
C THR A 201 12.39 25.88 40.98
N PRO A 202 12.42 27.08 41.57
CA PRO A 202 11.83 28.31 41.02
C PRO A 202 12.65 28.93 39.89
N GLY A 203 12.04 29.85 39.14
CA GLY A 203 12.79 30.70 38.21
C GLY A 203 13.10 30.15 36.82
N LEU A 204 12.45 29.07 36.42
CA LEU A 204 12.62 28.54 35.06
C LEU A 204 11.89 29.41 34.05
N ALA A 205 12.45 29.54 32.86
CA ALA A 205 11.77 30.22 31.77
C ALA A 205 10.53 29.41 31.35
N LEU A 206 9.44 30.12 31.07
CA LEU A 206 8.20 29.50 30.66
C LEU A 206 8.24 29.26 29.17
N ARG A 207 8.99 28.27 28.72
CA ARG A 207 9.06 27.99 27.30
C ARG A 207 8.20 26.76 26.98
N GLY A 208 7.15 26.97 26.19
CA GLY A 208 6.29 25.86 25.81
C GLY A 208 5.15 25.58 26.76
N ALA A 209 4.88 26.51 27.68
CA ALA A 209 3.81 26.33 28.67
C ALA A 209 3.27 27.65 29.17
N ARG A 210 2.03 27.63 29.63
CA ARG A 210 1.35 28.85 30.08
C ARG A 210 1.77 29.28 31.48
N ALA A 211 2.29 28.35 32.28
CA ALA A 211 2.59 28.63 33.68
C ALA A 211 3.58 27.63 34.27
N LEU A 212 4.33 28.10 35.25
CA LEU A 212 5.24 27.27 36.02
C LEU A 212 4.69 27.11 37.43
N ARG A 213 4.60 25.88 37.90
CA ARG A 213 4.16 25.60 39.26
C ARG A 213 5.34 25.07 40.07
N VAL A 214 5.64 25.73 41.19
CA VAL A 214 6.72 25.26 42.02
C VAL A 214 6.15 24.43 43.16
N LEU A 215 6.51 23.16 43.17
CA LEU A 215 5.95 22.21 44.12
C LEU A 215 7.05 21.58 44.96
N ALA A 216 6.96 21.80 46.27
CA ALA A 216 7.99 21.39 47.22
C ALA A 216 8.04 19.89 47.46
N ASP A 217 6.86 19.28 47.60
CA ASP A 217 6.80 17.89 48.05
C ASP A 217 5.53 17.19 47.57
N SER A 218 5.35 15.95 48.02
CA SER A 218 4.23 15.11 47.61
C SER A 218 2.88 15.75 47.96
N ALA A 219 2.80 16.38 49.12
CA ALA A 219 1.57 17.04 49.54
C ALA A 219 1.25 18.25 48.65
N ALA A 220 2.27 19.02 48.26
CA ALA A 220 2.04 20.15 47.39
C ALA A 220 1.55 19.67 46.03
N LEU A 221 2.02 18.49 45.61
CA LEU A 221 1.60 17.93 44.35
C LEU A 221 0.14 17.47 44.42
N ASP A 222 -0.24 16.84 45.54
CA ASP A 222 -1.64 16.44 45.75
C ASP A 222 -2.54 17.65 45.63
N ALA A 223 -2.11 18.75 46.24
CA ALA A 223 -2.87 19.99 46.24
C ALA A 223 -3.01 20.51 44.80
N TYR A 224 -1.90 20.46 44.06
CA TYR A 224 -1.92 20.96 42.69
C TYR A 224 -2.86 20.11 41.82
N LEU A 225 -2.69 18.80 41.87
CA LEU A 225 -3.52 17.90 41.10
C LEU A 225 -5.00 18.03 41.46
N ASP A 226 -5.33 18.20 42.74
CA ASP A 226 -6.72 18.39 43.11
C ASP A 226 -7.31 19.66 42.49
N GLU A 227 -6.50 20.71 42.40
CA GLU A 227 -6.95 21.99 41.84
C GLU A 227 -6.99 22.04 40.31
N ARG A 228 -5.95 21.55 39.64
CA ARG A 228 -5.84 21.67 38.18
C ARG A 228 -6.33 20.46 37.37
N TRP A 229 -6.76 19.38 38.02
CA TRP A 229 -7.03 18.14 37.27
C TRP A 229 -8.20 18.31 36.32
N ASP A 230 -9.21 19.03 36.76
CA ASP A 230 -10.36 19.32 35.90
C ASP A 230 -9.92 20.04 34.64
N TRP A 231 -9.08 21.06 34.82
CA TRP A 231 -8.54 21.83 33.70
C TRP A 231 -7.63 20.99 32.80
N LEU A 232 -6.77 20.18 33.41
CA LEU A 232 -5.80 19.39 32.65
C LEU A 232 -6.51 18.34 31.79
N THR A 233 -7.65 17.85 32.27
CA THR A 233 -8.44 16.83 31.56
C THR A 233 -9.58 17.44 30.72
N GLU A 234 -9.65 18.77 30.65
CA GLU A 234 -10.79 19.45 30.01
C GLU A 234 -12.12 18.91 30.55
N GLY A 235 -12.33 19.06 31.85
CA GLY A 235 -13.55 18.64 32.50
C GLY A 235 -13.73 17.14 32.57
N GLY A 236 -12.63 16.40 32.65
CA GLY A 236 -12.71 14.95 32.79
C GLY A 236 -12.87 14.18 31.49
N ARG A 237 -12.63 14.84 30.37
CA ARG A 237 -12.82 14.22 29.06
C ARG A 237 -11.61 13.49 28.51
N HIS A 238 -10.43 14.03 28.79
CA HIS A 238 -9.21 13.60 28.12
C HIS A 238 -8.08 13.29 29.10
N ARG A 239 -7.09 12.56 28.59
CA ARG A 239 -5.94 12.16 29.38
C ARG A 239 -4.88 13.26 29.43
N VAL A 240 -3.89 13.07 30.28
CA VAL A 240 -2.83 14.08 30.45
C VAL A 240 -1.49 13.44 30.16
N VAL A 241 -0.72 14.04 29.27
CA VAL A 241 0.65 13.58 29.07
C VAL A 241 1.60 14.16 30.15
N VAL A 242 2.33 13.28 30.82
CA VAL A 242 3.37 13.64 31.77
C VAL A 242 4.73 13.31 31.16
N GLU A 243 5.60 14.29 30.96
CA GLU A 243 6.94 13.97 30.48
C GLU A 243 8.02 14.87 31.10
N ARG A 244 9.27 14.44 30.95
CA ARG A 244 10.39 15.17 31.49
C ARG A 244 10.54 16.47 30.71
N TYR A 245 10.64 17.59 31.41
CA TYR A 245 10.91 18.87 30.75
C TYR A 245 12.43 19.19 30.74
N HIS A 246 12.92 19.66 29.59
CA HIS A 246 14.32 19.95 29.35
C HIS A 246 14.53 21.47 29.13
N PRO A 247 14.82 22.22 30.21
CA PRO A 247 15.03 23.67 30.16
C PRO A 247 16.11 24.08 29.17
N GLY A 248 15.92 25.21 28.49
CA GLY A 248 16.91 25.76 27.59
C GLY A 248 17.12 24.97 26.30
N SER A 249 16.18 24.11 25.95
CA SER A 249 16.21 23.42 24.66
C SER A 249 15.76 24.33 23.51
N ARG A 250 16.27 24.09 22.31
CA ARG A 250 15.74 24.72 21.13
C ARG A 250 14.69 23.81 20.45
N ALA A 251 13.68 24.42 19.85
CA ALA A 251 12.56 23.69 19.24
C ALA A 251 12.69 23.63 17.72
N TYR A 252 12.55 22.42 17.20
CA TYR A 252 12.63 22.17 15.77
C TYR A 252 11.38 21.41 15.27
N PHE A 253 11.22 21.37 13.94
CA PHE A 253 10.19 20.57 13.32
C PHE A 253 10.67 19.98 12.01
N ALA A 254 10.09 18.83 11.66
CA ALA A 254 10.21 18.28 10.32
C ALA A 254 8.79 17.93 9.88
N GLU A 255 8.39 18.46 8.73
CA GLU A 255 7.02 18.35 8.29
C GLU A 255 6.93 17.45 7.07
N PHE A 256 5.91 16.61 7.03
CA PHE A 256 5.78 15.66 5.93
C PHE A 256 4.40 15.69 5.29
N TRP A 257 4.34 15.23 4.05
CA TRP A 257 3.08 15.09 3.36
C TRP A 257 2.76 13.62 3.17
N ILE A 258 1.69 13.20 3.82
CA ILE A 258 1.30 11.80 3.82
C ILE A 258 0.12 11.59 2.85
N SER A 259 0.42 10.90 1.75
CA SER A 259 -0.52 10.59 0.69
C SER A 259 -0.72 9.07 0.59
N ASP A 260 -1.59 8.65 -0.32
CA ASP A 260 -1.83 7.24 -0.54
C ASP A 260 -0.52 6.56 -0.92
N GLY A 261 0.26 7.23 -1.76
CA GLY A 261 1.53 6.71 -2.25
C GLY A 261 2.60 6.53 -1.17
N GLY A 262 2.49 7.27 -0.06
CA GLY A 262 3.44 7.15 1.03
C GLY A 262 3.76 8.45 1.72
N VAL A 263 5.00 8.56 2.22
CA VAL A 263 5.45 9.72 2.99
C VAL A 263 6.52 10.51 2.24
N ARG A 264 6.42 11.83 2.24
CA ARG A 264 7.31 12.70 1.51
C ARG A 264 7.70 13.88 2.42
N LEU A 265 8.99 14.16 2.51
CA LEU A 265 9.46 15.29 3.32
C LEU A 265 9.08 16.63 2.65
N GLY A 266 8.36 17.47 3.40
CA GLY A 266 8.07 18.82 2.96
C GLY A 266 9.25 19.75 3.30
N GLY A 267 9.53 19.91 4.59
CA GLY A 267 10.64 20.73 5.04
C GLY A 267 10.91 20.64 6.53
N HIS A 268 11.94 21.35 6.97
CA HIS A 268 12.29 21.43 8.37
C HIS A 268 12.69 22.85 8.78
N GLY A 269 12.54 23.17 10.06
CA GLY A 269 12.85 24.49 10.55
C GLY A 269 13.00 24.55 12.05
N GLU A 270 13.30 25.74 12.55
CA GLU A 270 13.36 26.00 13.96
C GLU A 270 12.32 27.03 14.36
N ARG A 272 11.46 29.68 17.12
CA ARG A 272 12.20 30.41 18.12
C ARG A 272 11.40 30.87 19.32
N TYR A 273 11.47 30.13 20.41
CA TYR A 273 10.89 30.56 21.69
C TYR A 273 11.83 31.58 22.32
N ARG A 274 11.69 32.83 21.88
CA ARG A 274 12.64 33.91 22.13
C ARG A 274 12.04 35.11 22.88
N PRO A 275 11.34 34.91 24.03
CA PRO A 275 10.88 33.76 24.83
C PRO A 275 9.53 33.17 24.40
N LEU A 276 8.80 33.92 23.59
CA LEU A 276 7.57 33.41 23.01
C LEU A 276 7.87 32.92 21.59
N PRO A 277 7.13 31.89 21.14
CA PRO A 277 7.37 31.36 19.79
C PRO A 277 6.88 32.31 18.71
N ASP A 278 7.49 33.50 18.60
CA ASP A 278 6.97 34.51 17.70
C ASP A 278 7.75 34.60 16.37
N SER A 279 8.60 33.63 16.10
CA SER A 279 9.29 33.58 14.82
C SER A 279 9.85 32.19 14.54
N GLN A 280 10.04 31.89 13.26
CA GLN A 280 10.59 30.62 12.85
C GLN A 280 11.52 30.79 11.65
N VAL A 281 12.53 29.97 11.54
CA VAL A 281 13.43 30.03 10.42
C VAL A 281 13.50 28.70 9.72
N PRO A 283 15.58 26.76 6.15
CA PRO A 283 15.49 25.53 6.95
C PRO A 283 16.20 25.57 8.28
N ALA A 284 16.21 24.43 8.95
CA ALA A 284 16.73 24.33 10.29
C ALA A 284 18.22 24.66 10.38
N PRO A 285 18.53 25.69 11.14
CA PRO A 285 19.92 26.11 11.33
C PRO A 285 20.57 25.49 12.59
N ASP A 286 21.90 25.48 12.62
CA ASP A 286 22.67 25.09 13.81
C ASP A 286 22.50 23.63 14.28
N LEU A 287 21.96 22.77 13.43
CA LEU A 287 22.05 21.33 13.68
C LEU A 287 23.29 20.78 12.98
N ASP A 288 23.96 19.81 13.59
CA ASP A 288 25.02 19.13 12.85
C ASP A 288 24.36 17.97 12.10
N GLN A 289 25.14 17.29 11.28
CA GLN A 289 24.58 16.32 10.34
C GLN A 289 23.76 15.22 11.05
N ALA A 290 24.30 14.71 12.15
CA ALA A 290 23.65 13.65 12.90
C ALA A 290 22.34 14.11 13.51
N GLN A 291 22.29 15.36 13.96
CA GLN A 291 21.05 15.87 14.54
C GLN A 291 19.97 16.10 13.47
N LEU A 292 20.39 16.57 12.31
CA LEU A 292 19.43 16.81 11.23
C LEU A 292 18.92 15.47 10.72
N ASP A 293 19.82 14.48 10.68
CA ASP A 293 19.43 13.15 10.25
C ASP A 293 18.42 12.55 11.24
N ASP A 294 18.70 12.68 12.54
CA ASP A 294 17.77 12.20 13.55
C ASP A 294 16.40 12.89 13.48
N LEU A 295 16.38 14.20 13.24
CA LEU A 295 15.12 14.95 13.17
C LEU A 295 14.23 14.46 12.01
N VAL A 296 14.85 14.24 10.86
CA VAL A 296 14.14 13.84 9.67
C VAL A 296 13.75 12.37 9.73
N GLU A 297 14.68 11.51 10.11
CA GLU A 297 14.36 10.09 10.23
C GLU A 297 13.32 9.86 11.33
N GLY A 298 13.47 10.57 12.44
CA GLY A 298 12.49 10.46 13.53
C GLY A 298 11.10 10.77 13.01
N GLY A 299 10.94 11.96 12.45
CA GLY A 299 9.66 12.36 11.87
C GLY A 299 9.14 11.40 10.80
N ARG A 300 10.01 10.95 9.90
CA ARG A 300 9.62 10.01 8.85
C ARG A 300 9.04 8.71 9.44
N ARG A 301 9.71 8.14 10.42
CA ARG A 301 9.23 6.91 11.07
C ARG A 301 7.85 7.07 11.68
N LEU A 302 7.67 8.19 12.36
CA LEU A 302 6.39 8.54 12.93
C LEU A 302 5.34 8.60 11.79
N CYS A 303 5.73 9.21 10.67
CA CYS A 303 4.79 9.40 9.59
C CYS A 303 4.47 8.07 8.87
N VAL A 304 5.44 7.16 8.84
CA VAL A 304 5.22 5.85 8.24
C VAL A 304 4.17 5.10 9.07
N ALA A 305 4.28 5.22 10.39
CA ALA A 305 3.26 4.65 11.27
C ALA A 305 1.88 5.26 10.97
N LEU A 306 1.81 6.59 10.91
CA LEU A 306 0.55 7.28 10.69
C LEU A 306 -0.04 6.94 9.32
N HIS A 307 0.82 6.85 8.32
CA HIS A 307 0.41 6.41 7.01
C HIS A 307 -0.25 5.02 7.07
N ALA A 308 0.39 4.10 7.78
CA ALA A 308 -0.06 2.72 7.81
C ALA A 308 -1.42 2.60 8.47
N LEU A 309 -1.70 3.47 9.44
CA LEU A 309 -3.02 3.36 10.05
C LEU A 309 -4.10 4.17 9.31
N GLY A 310 -3.71 4.86 8.24
CA GLY A 310 -4.69 5.55 7.41
C GLY A 310 -4.74 7.07 7.39
N TYR A 311 -3.90 7.75 8.20
CA TYR A 311 -3.85 9.21 8.17
C TYR A 311 -3.42 9.69 6.80
N ARG A 312 -4.05 10.74 6.31
CA ARG A 312 -3.64 11.31 5.05
C ARG A 312 -3.61 12.84 5.20
N GLY A 313 -2.59 13.49 4.67
CA GLY A 313 -2.47 14.93 4.80
C GLY A 313 -1.09 15.43 5.24
N VAL A 314 -1.07 16.62 5.82
CA VAL A 314 0.19 17.20 6.29
C VAL A 314 0.45 16.83 7.75
N LEU A 315 1.68 16.43 8.04
CA LEU A 315 2.06 16.06 9.41
C LEU A 315 3.35 16.75 9.83
N SER A 316 3.23 17.57 10.86
CA SER A 316 4.40 18.24 11.45
C SER A 316 4.93 17.48 12.68
N ALA A 317 6.15 16.97 12.61
CA ALA A 317 6.73 16.33 13.78
C ALA A 317 7.61 17.33 14.56
N ASP A 318 7.18 17.70 15.77
CA ASP A 318 7.91 18.64 16.60
C ASP A 318 8.91 17.96 17.54
N ALA A 319 10.08 18.57 17.69
CA ALA A 319 11.16 18.06 18.53
C ALA A 319 11.94 19.17 19.25
N VAL A 320 12.70 18.77 20.26
CA VAL A 320 13.63 19.66 20.90
C VAL A 320 15.02 19.09 20.75
N VAL A 321 16.00 19.99 20.68
CA VAL A 321 17.39 19.67 20.89
C VAL A 321 17.72 20.15 22.29
N THR A 322 18.09 19.22 23.15
CA THR A 322 18.43 19.56 24.52
C THR A 322 19.80 20.25 24.57
N PRO A 323 20.09 20.95 25.68
CA PRO A 323 21.44 21.53 25.79
C PRO A 323 22.56 20.48 25.57
N ALA A 324 22.35 19.22 25.95
CA ALA A 324 23.36 18.19 25.71
C ALA A 324 23.41 17.75 24.24
N GLY A 325 22.50 18.28 23.44
CA GLY A 325 22.49 17.97 22.02
C GLY A 325 21.65 16.78 21.56
N GLU A 326 20.75 16.31 22.41
CA GLU A 326 19.92 15.16 22.06
C GLU A 326 18.59 15.59 21.41
N VAL A 327 18.28 15.00 20.25
CA VAL A 327 17.01 15.28 19.59
C VAL A 327 15.90 14.42 20.17
N LEU A 328 14.95 15.05 20.85
CA LEU A 328 13.79 14.36 21.40
C LEU A 328 12.49 14.92 20.79
N PHE A 329 11.60 14.03 20.35
CA PHE A 329 10.31 14.45 19.78
C PHE A 329 9.25 14.69 20.85
N THR A 330 8.48 15.76 20.69
CA THR A 330 7.60 16.21 21.74
C THR A 330 6.12 16.14 21.37
N GLU A 331 5.84 16.18 20.07
CA GLU A 331 4.47 16.01 19.58
C GLU A 331 4.38 15.99 18.07
N HIS A 332 3.20 15.62 17.56
CA HIS A 332 2.92 15.84 16.15
C HIS A 332 1.66 16.70 15.92
N ASN A 333 1.59 17.24 14.72
CA ASN A 333 0.53 18.18 14.38
C ASN A 333 0.04 17.81 12.99
N GLY A 334 -1.11 17.16 12.95
CA GLY A 334 -1.71 16.70 11.72
C GLY A 334 -2.64 17.76 11.15
N ARG A 335 -2.09 18.63 10.30
CA ARG A 335 -2.78 19.80 9.73
C ARG A 335 -1.80 20.63 8.94
N ALA A 336 -2.31 21.53 8.09
CA ALA A 336 -1.48 22.58 7.48
C ALA A 336 -1.08 23.55 8.59
N THR A 337 0.21 23.58 8.95
CA THR A 337 0.68 24.41 10.07
C THR A 337 1.03 25.85 9.66
N GLY A 338 1.55 26.61 10.62
CA GLY A 338 2.05 27.97 10.38
C GLY A 338 3.21 27.97 9.40
N SER A 339 3.85 26.82 9.26
CA SER A 339 5.05 26.66 8.45
C SER A 339 4.81 26.14 7.04
N THR A 340 3.67 25.48 6.82
CA THR A 340 3.48 24.65 5.63
C THR A 340 3.57 25.43 4.33
N HIS A 341 2.76 26.47 4.21
CA HIS A 341 2.78 27.30 3.01
C HIS A 341 4.13 28.01 2.84
N ILE A 342 4.86 28.22 3.94
CA ILE A 342 6.11 28.99 3.87
C ILE A 342 7.24 28.20 3.17
N TYR A 343 7.57 26.98 3.63
CA TYR A 343 8.61 26.20 2.95
C TYR A 343 8.11 25.64 1.62
N GLU A 344 6.84 25.21 1.57
CA GLU A 344 6.32 24.55 0.37
C GLU A 344 6.08 25.53 -0.79
N ILE A 345 5.43 26.66 -0.50
CA ILE A 345 5.15 27.61 -1.57
C ILE A 345 6.17 28.74 -1.59
N VAL A 346 6.23 29.56 -0.52
CA VAL A 346 7.18 30.67 -0.49
C VAL A 346 8.61 30.18 -0.73
N GLY A 347 9.02 29.13 -0.03
CA GLY A 347 10.35 28.57 -0.22
C GLY A 347 10.56 27.94 -1.59
N LYS A 348 9.87 26.84 -1.85
CA LYS A 348 10.16 26.00 -3.01
C LYS A 348 9.70 26.60 -4.34
N ARG A 349 8.59 27.35 -4.32
CA ARG A 349 8.02 27.88 -5.56
C ARG A 349 8.39 29.34 -5.85
N VAL A 350 8.18 30.23 -4.88
CA VAL A 350 8.53 31.63 -5.06
C VAL A 350 10.03 31.86 -5.16
N VAL A 351 10.79 31.48 -4.13
CA VAL A 351 12.24 31.69 -4.14
C VAL A 351 12.93 30.73 -5.10
N GLY A 352 12.52 29.47 -5.08
CA GLY A 352 13.04 28.51 -6.03
C GLY A 352 14.12 27.61 -5.45
N PRO A 353 14.87 26.94 -6.33
CA PRO A 353 15.94 25.98 -5.99
C PRO A 353 16.96 26.52 -4.99
N GLY A 354 17.18 27.82 -5.00
CA GLY A 354 18.13 28.44 -4.10
C GLY A 354 17.75 28.39 -2.62
N PHE A 355 16.46 28.25 -2.33
CA PHE A 355 15.97 28.10 -0.96
C PHE A 355 16.57 26.84 -0.34
N GLY A 356 17.27 26.99 0.77
CA GLY A 356 17.99 25.89 1.40
C GLY A 356 19.46 25.87 1.00
N THR A 357 19.79 26.58 -0.07
CA THR A 357 21.17 26.61 -0.57
C THR A 357 21.81 27.97 -0.35
N ASP A 358 21.29 29.02 -0.99
CA ASP A 358 21.82 30.36 -0.77
C ASP A 358 20.77 31.27 -0.14
N ARG A 359 19.62 30.71 0.20
CA ARG A 359 18.53 31.49 0.81
C ARG A 359 17.88 30.81 1.99
N ILE A 360 17.59 31.57 3.03
CA ILE A 360 16.76 31.10 4.13
C ILE A 360 15.50 31.95 4.24
N LEU A 361 14.57 31.52 5.08
CA LEU A 361 13.33 32.24 5.33
C LEU A 361 13.19 32.54 6.82
N LEU A 362 12.78 33.76 7.16
CA LEU A 362 12.52 34.10 8.55
C LEU A 362 11.15 34.71 8.66
N GLU A 363 10.24 34.05 9.35
CA GLU A 363 8.90 34.61 9.48
C GLU A 363 8.75 35.12 10.92
N ARG A 364 8.19 36.32 11.07
CA ARG A 364 7.89 36.82 12.40
C ARG A 364 6.43 37.23 12.53
N VAL A 365 5.83 36.88 13.65
CA VAL A 365 4.50 37.39 13.96
C VAL A 365 4.61 38.90 14.01
N TRP A 366 3.66 39.58 13.39
CA TRP A 366 3.58 41.03 13.40
C TRP A 366 3.95 41.55 14.78
N PRO A 367 5.10 42.22 14.88
CA PRO A 367 5.55 42.75 16.17
C PRO A 367 4.52 43.68 16.78
N GLU A 368 4.34 43.56 18.08
CA GLU A 368 3.50 44.54 18.77
C GLU A 368 4.22 45.88 18.77
N GLY A 369 3.46 46.95 18.54
CA GLY A 369 4.07 48.25 18.37
C GLY A 369 4.20 48.59 16.89
N TRP A 370 4.00 47.61 16.04
CA TRP A 370 3.96 47.85 14.59
C TRP A 370 2.53 48.13 14.13
N GLU A 371 2.40 49.09 13.22
CA GLU A 371 1.09 49.44 12.69
C GLU A 371 1.16 49.70 11.19
N ALA A 372 0.14 49.24 10.49
CA ALA A 372 -0.03 49.52 9.07
C ALA A 372 -1.53 49.71 8.82
N PRO A 373 -1.89 50.72 8.03
CA PRO A 373 -3.28 51.17 7.90
C PRO A 373 -4.18 50.19 7.14
N SER A 374 -3.58 49.39 6.26
CA SER A 374 -4.31 48.46 5.42
C SER A 374 -3.32 47.56 4.72
N PHE A 375 -3.80 46.58 3.98
CA PHE A 375 -2.92 45.73 3.21
C PHE A 375 -2.17 46.55 2.17
N ALA A 376 -2.91 47.35 1.40
CA ALA A 376 -2.34 48.17 0.34
C ALA A 376 -1.31 49.13 0.91
N GLY A 377 -1.59 49.69 2.08
CA GLY A 377 -0.67 50.58 2.76
C GLY A 377 0.65 49.92 3.13
N ALA A 378 0.58 48.69 3.61
CA ALA A 378 1.80 47.97 3.99
C ALA A 378 2.63 47.65 2.75
N LEU A 379 1.97 47.19 1.70
CA LEU A 379 2.65 46.87 0.45
C LEU A 379 3.34 48.09 -0.16
N THR A 380 2.65 49.23 -0.14
CA THR A 380 3.19 50.46 -0.71
C THR A 380 4.51 50.84 -0.03
N ARG A 381 4.47 50.93 1.29
CA ARG A 381 5.64 51.28 2.08
C ARG A 381 6.81 50.32 1.85
N LEU A 382 6.52 49.03 1.74
CA LEU A 382 7.53 48.03 1.42
C LEU A 382 8.11 48.23 0.02
N ARG A 383 7.23 48.36 -0.97
CA ARG A 383 7.62 48.66 -2.35
C ARG A 383 8.51 49.89 -2.46
N ASP A 384 8.19 50.95 -1.73
CA ASP A 384 8.87 52.23 -1.87
C ASP A 384 10.23 52.27 -1.18
N SER A 385 10.36 51.52 -0.09
CA SER A 385 11.61 51.50 0.66
C SER A 385 12.61 50.54 0.02
N GLY A 386 12.14 49.76 -0.94
CA GLY A 386 12.97 48.76 -1.59
C GLY A 386 13.15 47.48 -0.78
N HIS A 387 12.38 47.33 0.30
CA HIS A 387 12.50 46.13 1.16
C HIS A 387 11.49 45.05 0.81
N LEU A 388 10.56 45.37 -0.09
CA LEU A 388 9.60 44.37 -0.56
C LEU A 388 10.35 43.27 -1.30
N TYR A 389 9.92 42.01 -1.09
CA TYR A 389 10.58 40.88 -1.74
C TYR A 389 10.64 41.05 -3.25
N ASP A 390 11.85 40.94 -3.78
CA ASP A 390 12.10 41.19 -5.20
C ASP A 390 12.52 39.92 -5.91
N PRO A 391 11.63 39.37 -6.76
CA PRO A 391 11.77 38.07 -7.42
C PRO A 391 13.05 37.84 -8.21
N GLU A 392 13.84 38.88 -8.40
CA GLU A 392 15.06 38.70 -9.14
C GLU A 392 16.32 39.02 -8.39
N THR A 393 16.20 39.57 -7.21
CA THR A 393 17.32 39.65 -6.30
C THR A 393 17.17 38.50 -5.29
N ARG A 394 15.95 37.99 -5.21
CA ARG A 394 15.53 36.96 -4.24
C ARG A 394 15.77 37.39 -2.80
N ARG A 395 15.61 38.68 -2.55
CA ARG A 395 15.74 39.22 -1.19
C ARG A 395 14.56 40.10 -0.85
N GLY A 396 14.20 40.14 0.43
CA GLY A 396 13.22 41.11 0.89
C GLY A 396 12.09 40.48 1.65
N ALA A 397 11.11 41.30 2.03
CA ALA A 397 9.96 40.84 2.79
C ALA A 397 8.83 40.34 1.89
N VAL A 398 8.43 39.08 2.09
CA VAL A 398 7.20 38.57 1.47
C VAL A 398 6.03 38.81 2.43
N ILE A 399 4.96 39.44 1.96
CA ILE A 399 3.78 39.57 2.78
C ILE A 399 3.05 38.22 2.83
N LEU A 400 2.98 37.63 4.01
CA LEU A 400 2.41 36.30 4.19
C LEU A 400 0.90 36.26 4.33
N ALA A 401 0.36 37.20 5.08
CA ALA A 401 -1.04 37.13 5.47
C ALA A 401 -1.84 38.34 5.01
N ALA A 402 -3.15 38.22 5.12
CA ALA A 402 -4.06 39.31 4.81
C ALA A 402 -3.99 40.37 5.90
N TYR A 403 -4.72 41.46 5.71
CA TYR A 403 -4.75 42.49 6.73
C TYR A 403 -5.46 42.00 7.97
N ASN A 404 -4.81 42.19 9.10
CA ASN A 404 -5.35 41.84 10.41
C ASN A 404 -5.67 43.12 11.17
N THR A 405 -6.94 43.35 11.45
CA THR A 405 -7.36 44.59 12.12
C THR A 405 -7.14 44.54 13.63
N GLY A 409 -2.15 44.91 11.47
CA GLY A 409 -1.19 44.83 10.38
C GLY A 409 -1.24 43.53 9.59
N VAL A 410 -0.06 43.06 9.17
CA VAL A 410 0.00 41.84 8.36
C VAL A 410 0.97 40.84 8.98
N LEU A 412 4.99 39.17 7.92
CA LEU A 412 6.02 39.09 6.91
C LEU A 412 6.98 37.94 7.00
N CYS A 413 7.55 37.63 5.86
CA CYS A 413 8.57 36.59 5.77
C CYS A 413 9.78 37.14 5.01
N TYR A 414 10.89 37.28 5.71
CA TYR A 414 12.10 37.85 5.12
C TYR A 414 12.94 36.77 4.44
N VAL A 415 13.24 36.96 3.16
CA VAL A 415 14.11 36.06 2.41
C VAL A 415 15.51 36.64 2.29
N ALA A 416 16.51 35.93 2.85
CA ALA A 416 17.89 36.43 2.88
C ALA A 416 18.90 35.29 2.74
N GLU A 417 20.17 35.63 2.58
CA GLU A 417 21.23 34.64 2.46
C GLU A 417 21.43 33.86 3.76
N ASP A 418 21.33 34.54 4.89
CA ASP A 418 21.36 33.87 6.21
C ASP A 418 20.54 34.63 7.24
N LEU A 419 20.49 34.10 8.46
CA LEU A 419 19.62 34.66 9.49
C LEU A 419 20.00 36.09 9.86
N GLU A 420 21.30 36.36 9.97
CA GLU A 420 21.76 37.71 10.33
C GLU A 420 21.26 38.72 9.30
N ALA A 421 21.34 38.34 8.02
CA ALA A 421 20.93 39.22 6.93
C ALA A 421 19.42 39.51 6.99
N ALA A 422 18.62 38.47 7.25
CA ALA A 422 17.19 38.65 7.36
C ALA A 422 16.87 39.52 8.57
N LEU A 423 17.53 39.23 9.69
CA LEU A 423 17.33 40.02 10.90
C LEU A 423 17.59 41.51 10.69
N HIS A 424 18.53 41.80 9.79
CA HIS A 424 18.88 43.15 9.45
C HIS A 424 17.83 43.74 8.53
N ARG A 425 17.37 42.95 7.58
CA ARG A 425 16.29 43.41 6.71
C ARG A 425 15.14 43.89 7.57
N GLU A 426 14.79 43.12 8.60
CA GLU A 426 13.60 43.37 9.39
C GLU A 426 13.70 44.65 10.22
N GLU A 427 14.86 44.93 10.81
CA GLU A 427 15.00 46.16 11.59
C GLU A 427 14.82 47.39 10.71
N SER A 428 15.21 47.28 9.45
CA SER A 428 14.95 48.34 8.48
C SER A 428 13.45 48.53 8.30
N VAL A 429 12.72 47.43 8.14
CA VAL A 429 11.27 47.50 7.95
C VAL A 429 10.65 48.18 9.18
N SER A 430 9.82 49.20 8.93
CA SER A 430 9.22 50.02 9.99
C SER A 430 8.14 50.98 9.44
N ARG B 2 -19.32 13.72 -20.40
CA ARG B 2 -18.23 12.81 -20.48
C ARG B 2 -17.81 12.70 -21.91
N LEU B 3 -16.55 12.40 -22.14
CA LEU B 3 -16.06 12.08 -23.47
C LEU B 3 -15.97 10.56 -23.62
N LEU B 4 -16.77 9.99 -24.51
CA LEU B 4 -16.75 8.54 -24.75
C LEU B 4 -16.06 8.26 -26.06
N VAL B 5 -15.04 7.41 -26.05
CA VAL B 5 -14.26 7.16 -27.26
C VAL B 5 -14.42 5.74 -27.77
N GLY B 6 -14.94 5.62 -28.99
CA GLY B 6 -15.20 4.34 -29.62
C GLY B 6 -14.00 3.81 -30.37
N ASN B 7 -12.88 3.60 -29.67
CA ASN B 7 -11.66 3.13 -30.34
C ASN B 7 -11.50 1.62 -30.31
N ASP B 8 -10.52 1.15 -31.09
CA ASP B 8 -10.36 -0.25 -31.39
C ASP B 8 -9.03 -0.80 -30.86
N TRP B 9 -8.76 -2.06 -31.21
CA TRP B 9 -7.50 -2.73 -30.85
C TRP B 9 -6.34 -1.81 -31.13
N SER B 10 -5.32 -1.83 -30.27
CA SER B 10 -4.27 -0.82 -30.32
C SER B 10 -3.49 -0.84 -31.63
N GLU B 11 -3.49 0.31 -32.27
CA GLU B 11 -2.69 0.59 -33.45
C GLU B 11 -1.21 0.23 -33.26
N GLU B 12 -0.73 0.25 -32.02
CA GLU B 12 0.64 -0.20 -31.73
C GLU B 12 0.83 -1.72 -31.80
N LEU B 13 -0.26 -2.47 -31.65
CA LEU B 13 -0.20 -3.93 -31.72
C LEU B 13 -0.46 -4.46 -33.13
N ALA B 14 -1.41 -3.83 -33.84
CA ALA B 14 -1.69 -4.27 -35.21
C ALA B 14 -2.28 -3.13 -36.05
N GLU B 15 -2.18 -3.27 -37.36
CA GLU B 15 -2.83 -2.34 -38.29
C GLU B 15 -4.34 -2.62 -38.35
N PRO B 16 -5.15 -1.75 -37.75
CA PRO B 16 -6.60 -1.99 -37.68
C PRO B 16 -7.30 -1.91 -39.05
N THR B 17 -6.73 -2.58 -40.04
CA THR B 17 -7.33 -2.67 -41.35
C THR B 17 -8.34 -3.81 -41.29
N GLY B 18 -9.52 -3.61 -41.88
CA GLY B 18 -10.53 -4.64 -41.85
C GLY B 18 -11.60 -4.31 -40.84
N SER B 19 -11.42 -3.19 -40.15
CA SER B 19 -12.49 -2.67 -39.31
C SER B 19 -13.45 -1.84 -40.17
N THR B 20 -14.74 -1.90 -39.83
CA THR B 20 -15.78 -1.27 -40.63
C THR B 20 -16.56 -0.23 -39.82
N GLY B 21 -16.28 -0.18 -38.53
CA GLY B 21 -16.90 0.82 -37.66
C GLY B 21 -18.23 0.40 -37.07
N TRP B 22 -18.51 -0.90 -37.09
CA TRP B 22 -19.79 -1.41 -36.60
C TRP B 22 -19.77 -1.84 -35.13
N ALA B 23 -18.77 -2.63 -34.74
CA ALA B 23 -18.73 -3.17 -33.37
C ALA B 23 -18.62 -2.07 -32.32
N VAL B 24 -17.90 -0.99 -32.62
CA VAL B 24 -17.65 0.02 -31.60
C VAL B 24 -18.87 0.89 -31.33
N GLN B 25 -19.92 0.74 -32.15
CA GLN B 25 -21.12 1.53 -31.92
C GLN B 25 -21.83 1.04 -30.65
N ARG B 26 -21.38 -0.08 -30.10
CA ARG B 26 -21.79 -0.49 -28.76
C ARG B 26 -21.53 0.62 -27.72
N LEU B 27 -20.67 1.58 -28.08
CA LEU B 27 -20.38 2.74 -27.24
C LEU B 27 -21.65 3.45 -26.76
N VAL B 28 -22.71 3.45 -27.58
CA VAL B 28 -23.92 4.21 -27.25
C VAL B 28 -24.63 3.71 -25.98
N TRP B 29 -24.51 2.42 -25.68
CA TRP B 29 -25.11 1.87 -24.46
C TRP B 29 -24.58 2.60 -23.22
N PHE B 30 -23.30 2.95 -23.25
CA PHE B 30 -22.68 3.57 -22.10
C PHE B 30 -23.02 5.05 -21.96
N ALA B 31 -23.62 5.63 -23.01
CA ALA B 31 -23.91 7.07 -23.03
C ALA B 31 -24.89 7.50 -21.96
N ARG B 32 -24.58 8.60 -21.28
CA ARG B 32 -25.53 9.23 -20.36
C ARG B 32 -25.78 10.67 -20.84
N ASP B 33 -26.73 11.37 -20.23
CA ASP B 33 -27.13 12.68 -20.72
C ASP B 33 -25.96 13.64 -20.81
N GLY B 34 -25.84 14.30 -21.95
CA GLY B 34 -24.83 15.33 -22.15
C GLY B 34 -23.54 14.82 -22.75
N ASP B 35 -23.40 13.50 -22.86
CA ASP B 35 -22.13 12.95 -23.31
C ASP B 35 -21.81 13.33 -24.75
N VAL B 36 -20.52 13.31 -25.07
CA VAL B 36 -20.02 13.48 -26.41
C VAL B 36 -19.40 12.16 -26.82
N LEU B 37 -19.83 11.61 -27.95
CA LEU B 37 -19.34 10.30 -28.38
C LEU B 37 -18.44 10.44 -29.60
N VAL B 38 -17.26 9.85 -29.55
CA VAL B 38 -16.34 9.87 -30.68
C VAL B 38 -16.33 8.51 -31.37
N LEU B 39 -16.94 8.42 -32.55
CA LEU B 39 -17.01 7.17 -33.29
C LEU B 39 -16.40 7.30 -34.69
N PRO B 40 -15.93 6.19 -35.26
CA PRO B 40 -15.32 6.25 -36.60
C PRO B 40 -16.34 6.35 -37.73
N VAL B 41 -17.53 5.81 -37.51
CA VAL B 41 -18.63 5.89 -38.48
C VAL B 41 -19.88 6.35 -37.73
N ALA B 42 -20.57 7.35 -38.30
CA ALA B 42 -21.83 7.83 -37.76
C ALA B 42 -22.80 6.66 -37.60
N PRO B 43 -23.40 6.51 -36.39
CA PRO B 43 -24.50 5.55 -36.27
C PRO B 43 -25.78 6.09 -36.89
N GLN B 44 -26.70 5.19 -37.21
CA GLN B 44 -28.01 5.59 -37.74
C GLN B 44 -28.86 6.12 -36.60
N GLU B 45 -29.73 7.08 -36.91
CA GLU B 45 -30.56 7.72 -35.90
C GLU B 45 -31.47 6.69 -35.24
N GLU B 46 -31.95 5.76 -36.05
CA GLU B 46 -32.83 4.68 -35.61
C GLU B 46 -32.18 3.87 -34.49
N PHE B 47 -30.92 3.51 -34.68
CA PHE B 47 -30.16 2.80 -33.63
C PHE B 47 -29.99 3.65 -32.36
N LEU B 48 -29.54 4.89 -32.52
CA LEU B 48 -29.38 5.81 -31.40
C LEU B 48 -30.68 5.98 -30.62
N ALA B 49 -31.79 6.14 -31.34
CA ALA B 49 -33.10 6.39 -30.74
C ALA B 49 -33.56 5.20 -29.87
N TYR B 50 -33.44 4.00 -30.41
CA TYR B 50 -33.83 2.78 -29.69
C TYR B 50 -33.00 2.59 -28.42
N VAL B 51 -31.68 2.59 -28.57
CA VAL B 51 -30.79 2.35 -27.43
C VAL B 51 -31.06 3.38 -26.32
N THR B 52 -31.18 4.66 -26.70
CA THR B 52 -31.39 5.69 -25.69
C THR B 52 -32.77 5.61 -25.05
N SER B 53 -33.75 5.09 -25.79
CA SER B 53 -35.09 4.96 -25.21
C SER B 53 -35.10 3.87 -24.12
N LEU B 54 -34.19 2.91 -24.23
CA LEU B 54 -34.10 1.82 -23.24
C LEU B 54 -33.26 2.21 -22.02
N THR B 55 -32.24 3.03 -22.24
CA THR B 55 -31.38 3.46 -21.14
C THR B 55 -31.89 4.74 -20.51
N GLY B 56 -32.90 5.35 -21.13
CA GLY B 56 -33.50 6.58 -20.64
C GLY B 56 -32.60 7.80 -20.80
N THR B 57 -31.57 7.66 -21.63
CA THR B 57 -30.72 8.80 -21.96
C THR B 57 -31.43 9.68 -22.99
N ARG B 58 -31.53 10.97 -22.71
CA ARG B 58 -32.16 11.91 -23.65
C ARG B 58 -31.27 12.07 -24.88
N ARG B 59 -31.76 11.61 -26.03
CA ARG B 59 -30.95 11.55 -27.25
C ARG B 59 -30.43 12.92 -27.68
N SER B 60 -31.29 13.94 -27.56
CA SER B 60 -30.91 15.28 -28.01
C SER B 60 -29.71 15.85 -27.23
N SER B 61 -29.39 15.25 -26.08
CA SER B 61 -28.29 15.73 -25.23
C SER B 61 -26.94 15.19 -25.66
N LEU B 62 -26.95 14.13 -26.46
CA LEU B 62 -25.72 13.53 -26.96
C LEU B 62 -25.26 14.23 -28.22
N THR B 63 -23.96 14.29 -28.42
CA THR B 63 -23.42 14.68 -29.71
C THR B 63 -22.46 13.60 -30.16
N VAL B 64 -22.54 13.22 -31.41
CA VAL B 64 -21.69 12.18 -31.98
C VAL B 64 -20.73 12.86 -32.93
N VAL B 65 -19.43 12.76 -32.64
CA VAL B 65 -18.40 13.37 -33.47
C VAL B 65 -17.62 12.30 -34.21
N VAL B 66 -17.56 12.44 -35.53
CA VAL B 66 -16.92 11.46 -36.39
C VAL B 66 -15.79 12.11 -37.18
N PRO B 67 -14.52 11.73 -36.88
CA PRO B 67 -13.44 12.39 -37.62
C PRO B 67 -13.49 12.04 -39.08
N PRO B 68 -12.89 12.87 -39.94
CA PRO B 68 -12.76 12.49 -41.35
C PRO B 68 -11.99 11.18 -41.50
N PRO B 69 -12.11 10.53 -42.67
CA PRO B 69 -11.32 9.32 -42.94
C PRO B 69 -9.83 9.57 -42.72
N GLY B 70 -9.08 8.49 -42.44
CA GLY B 70 -7.65 8.61 -42.19
C GLY B 70 -6.85 7.81 -43.19
N ARG B 71 -5.59 7.52 -42.85
CA ARG B 71 -4.67 6.81 -43.74
C ARG B 71 -5.12 5.37 -43.99
N LEU B 72 -6.03 4.87 -43.17
CA LEU B 72 -6.54 3.51 -43.37
C LEU B 72 -8.06 3.50 -43.59
N GLY B 73 -8.62 4.64 -44.02
CA GLY B 73 -10.04 4.69 -44.27
C GLY B 73 -10.82 5.15 -43.05
N ALA B 74 -12.10 4.77 -42.98
CA ALA B 74 -12.98 5.29 -41.95
C ALA B 74 -13.39 4.22 -40.93
N GLY B 75 -12.91 2.99 -41.10
CA GLY B 75 -13.29 1.88 -40.27
C GLY B 75 -12.91 1.95 -38.79
N ALA B 76 -11.77 2.55 -38.49
CA ALA B 76 -11.32 2.63 -37.10
C ALA B 76 -10.69 3.97 -36.79
N LEU B 77 -10.75 4.34 -35.52
CA LEU B 77 -10.12 5.56 -35.05
C LEU B 77 -8.62 5.39 -34.99
N THR B 78 -7.93 5.59 -36.11
CA THR B 78 -6.47 5.59 -36.09
C THR B 78 -5.94 6.91 -35.54
N ALA B 79 -4.72 6.88 -35.02
CA ALA B 79 -4.10 8.04 -34.39
C ALA B 79 -4.19 9.30 -35.24
N ASP B 80 -4.01 9.17 -36.55
CA ASP B 80 -4.04 10.34 -37.42
C ASP B 80 -5.42 11.00 -37.50
N ARG B 81 -6.48 10.22 -37.31
CA ARG B 81 -7.82 10.79 -37.32
C ARG B 81 -8.07 11.58 -36.04
N LEU B 82 -7.50 11.11 -34.94
CA LEU B 82 -7.78 11.70 -33.63
C LEU B 82 -6.95 12.95 -33.42
N ALA B 83 -5.92 13.11 -34.24
CA ALA B 83 -5.04 14.30 -34.21
C ALA B 83 -5.49 15.34 -35.23
N ASP B 84 -6.40 14.93 -36.11
CA ASP B 84 -6.87 15.80 -37.20
C ASP B 84 -7.49 17.09 -36.66
N PRO B 85 -6.95 18.25 -37.07
CA PRO B 85 -7.47 19.52 -36.57
C PRO B 85 -8.95 19.72 -36.95
N ARG B 86 -9.38 19.12 -38.06
CA ARG B 86 -10.79 19.23 -38.47
C ARG B 86 -11.68 18.51 -37.48
N PHE B 87 -11.26 17.30 -37.07
CA PHE B 87 -11.92 16.57 -36.01
C PHE B 87 -11.85 17.33 -34.69
N LEU B 88 -10.68 17.90 -34.38
CA LEU B 88 -10.50 18.59 -33.11
C LEU B 88 -11.39 19.83 -32.99
N ALA B 89 -11.54 20.58 -34.07
CA ALA B 89 -12.47 21.70 -34.09
C ALA B 89 -13.91 21.22 -33.90
N ALA B 90 -14.27 20.14 -34.58
CA ALA B 90 -15.59 19.54 -34.40
C ALA B 90 -15.81 19.11 -32.95
N LEU B 91 -14.79 18.51 -32.36
CA LEU B 91 -14.89 18.00 -31.00
C LEU B 91 -15.13 19.13 -30.02
N ARG B 92 -14.32 20.19 -30.13
CA ARG B 92 -14.46 21.39 -29.31
C ARG B 92 -15.80 22.12 -29.51
N GLU B 93 -16.34 22.05 -30.73
CA GLU B 93 -17.66 22.62 -30.94
C GLU B 93 -18.74 21.80 -30.23
N ALA B 94 -18.60 20.47 -30.23
CA ALA B 94 -19.54 19.60 -29.51
C ALA B 94 -19.48 19.84 -28.00
N PHE B 95 -18.30 20.15 -27.48
CA PHE B 95 -18.18 20.47 -26.06
C PHE B 95 -19.04 21.66 -25.69
N ALA B 96 -19.03 22.66 -26.57
CA ALA B 96 -19.80 23.89 -26.38
C ALA B 96 -19.45 24.59 -25.08
N GLY B 97 -18.16 24.74 -24.81
CA GLY B 97 -17.70 25.38 -23.59
C GLY B 97 -17.57 24.43 -22.40
N ARG B 98 -18.25 23.30 -22.47
CA ARG B 98 -18.32 22.40 -21.32
C ARG B 98 -16.97 21.72 -21.07
N PRO B 99 -16.63 21.53 -19.80
CA PRO B 99 -15.40 20.77 -19.48
C PRO B 99 -15.63 19.27 -19.50
N VAL B 100 -14.64 18.52 -19.93
CA VAL B 100 -14.67 17.08 -19.88
C VAL B 100 -14.65 16.60 -18.42
N HIS B 101 -15.74 15.99 -17.96
CA HIS B 101 -15.82 15.54 -16.58
C HIS B 101 -15.15 14.18 -16.38
N GLU B 102 -15.04 13.42 -17.47
CA GLU B 102 -14.46 12.09 -17.42
C GLU B 102 -14.27 11.56 -18.82
N VAL B 103 -13.20 10.82 -19.04
CA VAL B 103 -12.97 10.18 -20.33
C VAL B 103 -13.17 8.67 -20.22
N PHE B 104 -14.05 8.13 -21.05
CA PHE B 104 -14.25 6.69 -21.13
C PHE B 104 -13.91 6.22 -22.54
N ALA B 105 -12.92 5.35 -22.68
CA ALA B 105 -12.63 4.73 -23.96
C ALA B 105 -12.80 3.20 -23.92
N LEU B 106 -13.19 2.63 -25.07
CA LEU B 106 -13.33 1.18 -25.18
C LEU B 106 -11.99 0.42 -25.03
N TRP B 107 -10.89 0.99 -25.53
CA TRP B 107 -9.60 0.31 -25.44
C TRP B 107 -8.59 1.27 -24.73
N PRO B 108 -7.85 0.79 -23.72
CA PRO B 108 -6.96 1.66 -22.95
C PRO B 108 -5.65 1.96 -23.67
N ASP B 109 -5.66 2.97 -24.53
CA ASP B 109 -4.53 3.17 -25.43
C ASP B 109 -3.81 4.49 -25.18
N ALA B 110 -2.56 4.57 -25.65
CA ALA B 110 -1.80 5.81 -25.62
C ALA B 110 -2.48 6.91 -26.46
N VAL B 111 -3.20 6.53 -27.52
CA VAL B 111 -3.82 7.55 -28.35
C VAL B 111 -4.92 8.24 -27.56
N VAL B 112 -5.61 7.53 -26.69
CA VAL B 112 -6.62 8.20 -25.86
C VAL B 112 -5.96 9.22 -24.94
N ALA B 113 -4.80 8.87 -24.38
CA ALA B 113 -4.05 9.81 -23.56
C ALA B 113 -3.58 11.03 -24.37
N ASP B 114 -3.19 10.81 -25.62
CA ASP B 114 -2.83 11.88 -26.55
C ASP B 114 -3.99 12.85 -26.77
N LEU B 115 -5.17 12.29 -27.01
CA LEU B 115 -6.37 13.08 -27.22
C LEU B 115 -6.67 13.93 -26.00
N ALA B 116 -6.56 13.32 -24.83
CA ALA B 116 -6.79 14.04 -23.58
C ALA B 116 -5.77 15.17 -23.39
N ASP B 117 -4.55 14.95 -23.88
CA ASP B 117 -3.50 15.96 -23.77
C ASP B 117 -3.79 17.14 -24.70
N ALA B 118 -4.24 16.86 -25.92
CA ALA B 118 -4.57 17.93 -26.87
C ALA B 118 -5.77 18.73 -26.41
N LEU B 119 -6.72 18.06 -25.76
CA LEU B 119 -7.93 18.71 -25.30
C LEU B 119 -7.74 19.43 -23.97
N GLY B 120 -6.58 19.24 -23.35
CA GLY B 120 -6.27 19.90 -22.11
C GLY B 120 -6.96 19.30 -20.88
N CYS B 121 -7.26 18.01 -20.93
CA CYS B 121 -7.92 17.39 -19.80
C CYS B 121 -7.35 16.02 -19.42
N PRO B 122 -6.02 15.94 -19.20
CA PRO B 122 -5.42 14.66 -18.82
C PRO B 122 -6.00 14.11 -17.52
N GLU B 123 -6.25 14.99 -16.54
CA GLU B 123 -6.78 14.56 -15.24
C GLU B 123 -8.15 13.89 -15.36
N ALA B 124 -8.90 14.21 -16.41
CA ALA B 124 -10.22 13.59 -16.62
C ALA B 124 -10.09 12.15 -17.09
N LEU B 125 -8.88 11.75 -17.48
CA LEU B 125 -8.62 10.39 -17.90
C LEU B 125 -7.87 9.61 -16.82
N GLU B 126 -8.53 8.67 -16.16
CA GLU B 126 -7.86 7.84 -15.16
C GLU B 126 -6.75 7.02 -15.81
N GLY B 127 -5.57 7.05 -15.20
CA GLY B 127 -4.45 6.25 -15.65
C GLY B 127 -3.73 6.86 -16.83
N HIS B 128 -3.93 8.15 -17.03
CA HIS B 128 -3.33 8.88 -18.14
C HIS B 128 -1.81 8.68 -18.28
N ASP B 129 -1.07 8.99 -17.22
CA ASP B 129 0.40 8.84 -17.21
C ASP B 129 0.86 7.45 -17.63
N PHE B 130 0.24 6.45 -17.00
CA PHE B 130 0.47 5.05 -17.32
C PHE B 130 0.22 4.81 -18.81
N LEU B 131 -0.91 5.30 -19.32
CA LEU B 131 -1.25 5.13 -20.73
C LEU B 131 -0.25 5.80 -21.67
N THR B 132 0.28 6.97 -21.29
CA THR B 132 1.28 7.67 -22.12
C THR B 132 2.51 6.80 -22.32
N GLN B 133 2.80 5.96 -21.32
CA GLN B 133 3.94 5.07 -21.40
C GLN B 133 3.54 3.68 -21.94
N SER B 134 2.39 3.59 -22.60
CA SER B 134 1.96 2.40 -23.29
C SER B 134 1.71 1.25 -22.33
N GLY B 135 1.40 1.61 -21.08
CA GLY B 135 1.16 0.62 -20.05
C GLY B 135 -0.07 -0.20 -20.34
N GLY B 136 -0.95 0.35 -21.17
CA GLY B 136 -2.21 -0.30 -21.49
C GLY B 136 -2.08 -1.60 -22.29
N LEU B 137 -1.00 -1.75 -23.05
CA LEU B 137 -0.72 -3.00 -23.75
C LEU B 137 -0.63 -4.21 -22.80
N ILE B 138 -0.32 -3.96 -21.52
CA ILE B 138 -0.30 -5.05 -20.56
C ILE B 138 -1.67 -5.75 -20.45
N GLY B 139 -2.74 -5.04 -20.82
CA GLY B 139 -4.08 -5.60 -20.75
C GLY B 139 -4.35 -6.63 -21.84
N SER B 140 -3.42 -6.74 -22.79
CA SER B 140 -3.66 -7.63 -23.92
C SER B 140 -2.50 -8.58 -24.14
N SER B 141 -1.67 -8.73 -23.13
CA SER B 141 -0.48 -9.58 -23.19
C SER B 141 -0.73 -10.82 -22.36
N LYS B 142 -0.69 -12.00 -22.99
CA LYS B 142 -0.84 -13.26 -22.27
C LYS B 142 0.42 -13.57 -21.43
N ALA B 143 1.58 -13.16 -21.94
CA ALA B 143 2.82 -13.28 -21.20
C ALA B 143 2.72 -12.55 -19.86
N ALA B 144 2.19 -11.34 -19.88
CA ALA B 144 1.98 -10.56 -18.66
C ALA B 144 0.93 -11.17 -17.78
N PHE B 145 -0.15 -11.65 -18.38
CA PHE B 145 -1.16 -12.38 -17.63
C PHE B 145 -0.57 -13.56 -16.86
N ARG B 146 0.21 -14.41 -17.53
CA ARG B 146 0.82 -15.59 -16.87
C ARG B 146 1.67 -15.22 -15.64
N ALA B 147 2.52 -14.21 -15.81
CA ALA B 147 3.32 -13.67 -14.71
C ALA B 147 2.47 -13.11 -13.58
N LEU B 148 1.48 -12.28 -13.93
CA LEU B 148 0.66 -11.66 -12.90
C LEU B 148 -0.20 -12.67 -12.17
N ALA B 149 -0.70 -13.65 -12.91
CA ALA B 149 -1.56 -14.68 -12.35
C ALA B 149 -0.77 -15.52 -11.40
N ALA B 150 0.40 -15.98 -11.86
CA ALA B 150 1.30 -16.81 -11.04
C ALA B 150 1.68 -16.11 -9.75
N GLY B 151 2.08 -14.86 -9.86
CA GLY B 151 2.46 -14.08 -8.70
C GLY B 151 1.33 -13.74 -7.75
N ALA B 152 0.08 -13.70 -8.24
CA ALA B 152 -1.05 -13.38 -7.38
C ALA B 152 -1.74 -14.64 -6.83
N GLY B 153 -1.10 -15.80 -7.05
CA GLY B 153 -1.62 -17.07 -6.56
C GLY B 153 -2.90 -17.51 -7.25
N VAL B 154 -3.04 -17.17 -8.52
CA VAL B 154 -4.26 -17.43 -9.28
C VAL B 154 -4.09 -18.67 -10.14
N ALA B 155 -4.98 -19.65 -9.97
CA ALA B 155 -4.81 -20.95 -10.60
C ALA B 155 -4.73 -20.82 -12.13
N LEU B 156 -3.80 -21.58 -12.70
CA LEU B 156 -3.39 -21.49 -14.10
C LEU B 156 -3.19 -22.89 -14.63
N PRO B 157 -3.45 -23.12 -15.93
CA PRO B 157 -2.97 -24.38 -16.51
C PRO B 157 -1.44 -24.45 -16.38
N ALA B 158 -0.88 -25.63 -16.18
CA ALA B 158 0.57 -25.76 -16.12
C ALA B 158 1.17 -25.24 -17.42
N GLY B 159 2.30 -24.54 -17.33
CA GLY B 159 2.97 -24.06 -18.52
C GLY B 159 4.05 -23.01 -18.29
N ALA B 160 4.47 -22.36 -19.37
CA ALA B 160 5.54 -21.37 -19.29
C ALA B 160 5.45 -20.36 -20.44
N VAL B 161 6.27 -19.33 -20.35
CA VAL B 161 6.37 -18.29 -21.36
C VAL B 161 7.71 -18.44 -22.06
N CYS B 162 7.70 -18.62 -23.38
CA CYS B 162 8.94 -18.96 -24.07
C CYS B 162 9.33 -17.95 -25.15
N ALA B 163 10.63 -17.64 -25.21
CA ALA B 163 11.14 -16.65 -26.15
C ALA B 163 11.89 -17.29 -27.31
N ASP B 164 12.17 -18.58 -27.18
CA ASP B 164 12.93 -19.27 -28.23
C ASP B 164 12.47 -20.72 -28.34
N ARG B 165 12.93 -21.41 -29.37
CA ARG B 165 12.42 -22.75 -29.66
C ARG B 165 12.95 -23.76 -28.66
N ARG B 166 14.19 -23.58 -28.24
CA ARG B 166 14.81 -24.47 -27.25
C ARG B 166 13.92 -24.63 -26.02
N ARG B 167 13.54 -23.53 -25.38
CA ARG B 167 12.70 -23.65 -24.20
C ARG B 167 11.27 -24.10 -24.55
N ALA B 168 10.73 -23.62 -25.69
CA ALA B 168 9.38 -24.02 -26.10
C ALA B 168 9.33 -25.53 -26.23
N HIS B 169 10.29 -26.07 -26.96
CA HIS B 169 10.40 -27.50 -27.17
C HIS B 169 10.44 -28.26 -25.83
N ARG B 170 11.22 -27.77 -24.87
CA ARG B 170 11.33 -28.45 -23.56
C ARG B 170 9.98 -28.53 -22.86
N HIS B 171 9.26 -27.42 -22.88
CA HIS B 171 8.00 -27.33 -22.13
C HIS B 171 6.85 -28.03 -22.82
N VAL B 172 6.85 -28.04 -24.15
CA VAL B 172 5.82 -28.76 -24.89
C VAL B 172 5.96 -30.25 -24.57
N THR B 173 7.19 -30.72 -24.72
CA THR B 173 7.54 -32.12 -24.49
C THR B 173 7.28 -32.60 -23.07
N ARG B 174 7.54 -31.76 -22.07
CA ARG B 174 7.23 -32.13 -20.71
C ARG B 174 5.75 -32.44 -20.55
N LEU B 175 4.92 -31.59 -21.14
CA LEU B 175 3.47 -31.70 -21.01
C LEU B 175 2.91 -32.84 -21.86
N LEU B 176 3.39 -32.99 -23.09
CA LEU B 176 2.98 -34.12 -23.92
C LEU B 176 3.38 -35.47 -23.30
N ASP B 177 4.53 -35.51 -22.62
CA ASP B 177 4.98 -36.77 -22.02
C ASP B 177 4.08 -37.18 -20.86
N GLU B 178 3.46 -36.21 -20.19
CA GLU B 178 2.49 -36.50 -19.14
C GLU B 178 1.12 -36.91 -19.72
N GLY B 179 1.06 -37.11 -21.03
CA GLY B 179 -0.15 -37.56 -21.70
C GLY B 179 -1.13 -36.43 -21.97
N SER B 180 -0.67 -35.19 -21.82
CA SER B 180 -1.52 -34.03 -22.03
C SER B 180 -1.33 -33.39 -23.38
N PRO B 181 -2.44 -32.90 -23.97
CA PRO B 181 -2.34 -32.02 -25.13
C PRO B 181 -1.88 -30.62 -24.69
N VAL B 182 -1.30 -29.82 -25.60
CA VAL B 182 -0.73 -28.52 -25.27
C VAL B 182 -1.28 -27.44 -26.21
N ILE B 183 -1.50 -26.24 -25.69
CA ILE B 183 -1.91 -25.13 -26.55
C ILE B 183 -0.83 -24.03 -26.57
N LEU B 184 -0.34 -23.68 -27.75
CA LEU B 184 0.57 -22.55 -27.92
C LEU B 184 -0.19 -21.27 -28.23
N LYS B 185 0.19 -20.15 -27.64
CA LYS B 185 -0.54 -18.90 -27.82
C LYS B 185 0.35 -17.70 -28.11
N GLN B 186 -0.02 -16.92 -29.12
CA GLN B 186 0.62 -15.64 -29.35
C GLN B 186 0.35 -14.73 -28.16
N ASP B 187 1.41 -14.10 -27.69
CA ASP B 187 1.39 -13.18 -26.54
C ASP B 187 0.28 -12.14 -26.75
N TYR B 188 0.34 -11.43 -27.88
CA TYR B 188 -0.65 -10.40 -28.22
C TYR B 188 -1.65 -10.94 -29.23
N GLY B 189 -1.78 -12.26 -29.28
CA GLY B 189 -2.75 -12.92 -30.15
C GLY B 189 -4.15 -12.44 -29.83
N SER B 190 -4.89 -12.11 -30.88
CA SER B 190 -6.29 -11.73 -30.74
C SER B 190 -7.13 -12.98 -30.92
N GLY B 191 -7.95 -13.29 -29.92
CA GLY B 191 -8.82 -14.46 -29.98
C GLY B 191 -8.12 -15.79 -30.22
N SER B 192 -8.86 -16.77 -30.72
CA SER B 192 -8.32 -18.11 -30.93
C SER B 192 -7.55 -18.21 -32.25
N ASP B 193 -7.61 -17.18 -33.08
CA ASP B 193 -6.77 -17.12 -34.27
C ASP B 193 -5.27 -17.05 -33.92
N GLY B 194 -4.96 -16.75 -32.67
CA GLY B 194 -3.57 -16.72 -32.23
C GLY B 194 -3.09 -17.98 -31.51
N ASN B 195 -3.90 -19.05 -31.53
CA ASN B 195 -3.57 -20.26 -30.79
C ASN B 195 -3.51 -21.54 -31.64
N GLU B 196 -2.61 -22.45 -31.30
CA GLU B 196 -2.64 -23.78 -31.89
C GLU B 196 -2.52 -24.83 -30.81
N ILE B 197 -3.18 -25.97 -31.02
CA ILE B 197 -3.12 -27.10 -30.09
C ILE B 197 -2.17 -28.16 -30.62
N LEU B 198 -1.27 -28.61 -29.76
CA LEU B 198 -0.37 -29.71 -30.10
C LEU B 198 -0.83 -30.92 -29.32
N SER B 199 -0.94 -32.06 -30.00
CA SER B 199 -1.39 -33.26 -29.32
C SER B 199 -0.64 -34.48 -29.85
N ARG B 200 -0.46 -35.50 -29.01
CA ARG B 200 0.04 -36.77 -29.54
C ARG B 200 -1.10 -37.63 -30.05
N THR B 201 -2.34 -37.38 -29.62
CA THR B 201 -3.49 -38.16 -30.10
C THR B 201 -4.47 -37.34 -30.99
N PRO B 202 -4.92 -37.94 -32.09
CA PRO B 202 -5.75 -37.21 -33.06
C PRO B 202 -7.19 -36.98 -32.58
N GLY B 203 -7.95 -36.17 -33.31
CA GLY B 203 -9.40 -36.16 -33.17
C GLY B 203 -9.98 -35.29 -32.06
N LEU B 204 -9.17 -34.39 -31.52
CA LEU B 204 -9.66 -33.46 -30.50
C LEU B 204 -10.48 -32.32 -31.13
N ALA B 205 -11.47 -31.83 -30.40
CA ALA B 205 -12.21 -30.63 -30.79
C ALA B 205 -11.32 -29.39 -30.66
N LEU B 206 -11.44 -28.46 -31.59
CA LEU B 206 -10.58 -27.27 -31.61
C LEU B 206 -11.09 -26.10 -30.76
N ARG B 207 -11.68 -26.36 -29.60
CA ARG B 207 -12.22 -25.26 -28.79
C ARG B 207 -11.07 -24.35 -28.35
N GLY B 208 -11.12 -23.11 -28.83
CA GLY B 208 -10.16 -22.09 -28.44
C GLY B 208 -8.93 -21.99 -29.33
N ALA B 209 -8.92 -22.69 -30.45
CA ALA B 209 -7.75 -22.63 -31.31
C ALA B 209 -8.07 -22.78 -32.80
N ARG B 210 -7.14 -22.29 -33.61
CA ARG B 210 -7.19 -22.34 -35.07
C ARG B 210 -7.05 -23.74 -35.62
N ALA B 211 -6.11 -24.48 -35.05
CA ALA B 211 -5.66 -25.70 -35.67
C ALA B 211 -5.06 -26.67 -34.66
N LEU B 212 -5.11 -27.95 -35.00
CA LEU B 212 -4.56 -29.01 -34.19
C LEU B 212 -3.41 -29.69 -34.93
N ARG B 213 -2.27 -29.84 -34.27
CA ARG B 213 -1.16 -30.53 -34.89
C ARG B 213 -0.88 -31.79 -34.08
N VAL B 214 -1.02 -32.93 -34.73
CA VAL B 214 -0.74 -34.20 -34.09
C VAL B 214 0.74 -34.50 -34.28
N LEU B 215 1.48 -34.53 -33.18
CA LEU B 215 2.92 -34.70 -33.23
C LEU B 215 3.34 -35.94 -32.44
N ALA B 216 3.92 -36.91 -33.15
CA ALA B 216 4.35 -38.17 -32.55
C ALA B 216 5.54 -37.97 -31.62
N ASP B 217 6.67 -37.66 -32.24
CA ASP B 217 7.96 -37.71 -31.57
C ASP B 217 8.62 -36.33 -31.44
N SER B 218 9.81 -36.34 -30.84
CA SER B 218 10.63 -35.15 -30.67
C SER B 218 10.99 -34.51 -32.02
N ALA B 219 11.18 -35.32 -33.04
CA ALA B 219 11.54 -34.80 -34.36
C ALA B 219 10.39 -34.04 -35.00
N ALA B 220 9.18 -34.58 -34.88
CA ALA B 220 8.00 -33.91 -35.43
C ALA B 220 7.80 -32.57 -34.76
N LEU B 221 8.11 -32.50 -33.46
CA LEU B 221 7.98 -31.25 -32.73
C LEU B 221 9.04 -30.25 -33.23
N ASP B 222 10.24 -30.74 -33.51
CA ASP B 222 11.29 -29.90 -34.09
C ASP B 222 10.78 -29.30 -35.38
N ALA B 223 10.24 -30.15 -36.24
CA ALA B 223 9.77 -29.73 -37.56
C ALA B 223 8.61 -28.75 -37.46
N TYR B 224 7.69 -28.99 -36.54
CA TYR B 224 6.59 -28.06 -36.31
C TYR B 224 7.15 -26.70 -35.87
N LEU B 225 8.01 -26.72 -34.86
CA LEU B 225 8.55 -25.49 -34.32
C LEU B 225 9.33 -24.70 -35.37
N ASP B 226 10.14 -25.39 -36.17
CA ASP B 226 10.92 -24.70 -37.19
C ASP B 226 10.02 -24.08 -38.24
N GLU B 227 8.93 -24.78 -38.58
CA GLU B 227 7.95 -24.28 -39.55
C GLU B 227 7.10 -23.11 -39.04
N ARG B 228 6.57 -23.22 -37.82
CA ARG B 228 5.58 -22.26 -37.33
C ARG B 228 6.13 -21.23 -36.36
N TRP B 229 7.40 -21.30 -36.03
CA TRP B 229 7.92 -20.38 -35.03
C TRP B 229 7.75 -18.93 -35.45
N ASP B 230 7.97 -18.66 -36.74
CA ASP B 230 7.82 -17.29 -37.25
C ASP B 230 6.41 -16.77 -37.05
N TRP B 231 5.43 -17.62 -37.32
CA TRP B 231 4.03 -17.25 -37.12
C TRP B 231 3.67 -17.11 -35.63
N LEU B 232 4.21 -18.00 -34.80
CA LEU B 232 3.87 -17.99 -33.38
C LEU B 232 4.39 -16.73 -32.70
N THR B 233 5.52 -16.21 -33.20
CA THR B 233 6.16 -15.03 -32.60
C THR B 233 5.82 -13.73 -33.36
N GLU B 234 4.94 -13.83 -34.36
CA GLU B 234 4.62 -12.70 -35.24
C GLU B 234 5.88 -12.06 -35.81
N GLY B 235 6.64 -12.82 -36.59
CA GLY B 235 7.82 -12.30 -37.24
C GLY B 235 9.01 -12.16 -36.30
N GLY B 236 8.96 -12.85 -35.16
CA GLY B 236 10.05 -12.83 -34.21
C GLY B 236 10.04 -11.62 -33.30
N ARG B 237 8.86 -11.16 -32.92
CA ARG B 237 8.71 -9.96 -32.10
C ARG B 237 8.31 -10.25 -30.68
N HIS B 238 7.51 -11.30 -30.51
CA HIS B 238 6.87 -11.58 -29.23
C HIS B 238 7.12 -13.01 -28.79
N ARG B 239 6.81 -13.27 -27.53
CA ARG B 239 7.06 -14.57 -26.95
C ARG B 239 5.84 -15.47 -27.19
N VAL B 240 5.96 -16.74 -26.81
CA VAL B 240 4.88 -17.68 -27.03
C VAL B 240 4.51 -18.32 -25.70
N VAL B 241 3.23 -18.27 -25.37
CA VAL B 241 2.79 -18.90 -24.15
C VAL B 241 2.56 -20.39 -24.43
N VAL B 242 3.12 -21.22 -23.56
CA VAL B 242 2.94 -22.67 -23.62
C VAL B 242 2.17 -23.15 -22.38
N GLU B 243 0.99 -23.73 -22.56
CA GLU B 243 0.26 -24.26 -21.42
C GLU B 243 -0.44 -25.58 -21.73
N ARG B 244 -0.86 -26.25 -20.65
CA ARG B 244 -1.60 -27.49 -20.77
C ARG B 244 -3.02 -27.22 -21.28
N TYR B 245 -3.40 -27.91 -22.34
CA TYR B 245 -4.76 -27.78 -22.85
C TYR B 245 -5.71 -28.82 -22.18
N HIS B 246 -6.85 -28.33 -21.70
CA HIS B 246 -7.84 -29.16 -21.04
C HIS B 246 -9.10 -29.37 -21.92
N PRO B 247 -9.12 -30.43 -22.74
CA PRO B 247 -10.25 -30.71 -23.65
C PRO B 247 -11.60 -30.82 -22.93
N GLY B 248 -12.64 -30.30 -23.57
CA GLY B 248 -14.00 -30.45 -23.07
C GLY B 248 -14.33 -29.48 -21.96
N SER B 249 -13.50 -28.45 -21.77
CA SER B 249 -13.76 -27.46 -20.73
C SER B 249 -14.80 -26.44 -21.22
N ARG B 250 -15.56 -25.90 -20.29
CA ARG B 250 -16.45 -24.78 -20.55
C ARG B 250 -15.74 -23.47 -20.23
N ALA B 251 -16.07 -22.41 -20.96
CA ALA B 251 -15.37 -21.13 -20.82
C ALA B 251 -16.20 -20.13 -20.04
N TYR B 252 -15.57 -19.50 -19.05
CA TYR B 252 -16.23 -18.49 -18.25
C TYR B 252 -15.37 -17.23 -18.21
N PHE B 253 -15.95 -16.14 -17.72
CA PHE B 253 -15.24 -14.87 -17.57
C PHE B 253 -15.82 -14.15 -16.36
N ALA B 254 -15.00 -13.32 -15.73
CA ALA B 254 -15.47 -12.39 -14.72
C ALA B 254 -14.82 -11.05 -15.07
N GLU B 255 -15.59 -9.97 -14.97
CA GLU B 255 -15.14 -8.70 -15.54
C GLU B 255 -15.20 -7.65 -14.46
N PHE B 256 -14.15 -6.83 -14.39
CA PHE B 256 -14.09 -5.85 -13.33
C PHE B 256 -13.85 -4.46 -13.88
N TRP B 257 -14.29 -3.48 -13.11
CA TRP B 257 -13.98 -2.10 -13.37
C TRP B 257 -12.88 -1.65 -12.41
N ILE B 258 -11.72 -1.32 -12.97
CA ILE B 258 -10.59 -0.92 -12.18
C ILE B 258 -10.44 0.61 -12.28
N SER B 259 -10.86 1.30 -11.22
CA SER B 259 -10.76 2.75 -11.15
C SER B 259 -9.68 3.13 -10.13
N ASP B 260 -9.52 4.44 -9.93
CA ASP B 260 -8.59 4.93 -8.91
C ASP B 260 -9.01 4.44 -7.54
N GLY B 261 -10.33 4.37 -7.33
CA GLY B 261 -10.88 3.96 -6.04
C GLY B 261 -10.71 2.48 -5.73
N GLY B 262 -10.52 1.66 -6.77
CA GLY B 262 -10.24 0.26 -6.56
C GLY B 262 -10.88 -0.67 -7.58
N VAL B 263 -11.19 -1.88 -7.15
CA VAL B 263 -11.69 -2.91 -8.04
C VAL B 263 -13.14 -3.23 -7.71
N ARG B 264 -13.98 -3.22 -8.73
CA ARG B 264 -15.41 -3.47 -8.60
C ARG B 264 -15.85 -4.55 -9.59
N LEU B 265 -16.56 -5.57 -9.10
CA LEU B 265 -17.09 -6.59 -9.99
C LEU B 265 -18.12 -5.99 -10.95
N GLY B 266 -17.91 -6.24 -12.24
CA GLY B 266 -18.87 -5.87 -13.27
C GLY B 266 -19.90 -6.98 -13.39
N GLY B 267 -19.52 -8.07 -14.06
CA GLY B 267 -20.34 -9.25 -14.11
C GLY B 267 -19.55 -10.49 -14.48
N HIS B 268 -20.23 -11.63 -14.47
CA HIS B 268 -19.64 -12.87 -14.95
C HIS B 268 -20.58 -13.59 -15.90
N GLY B 269 -20.04 -14.48 -16.71
CA GLY B 269 -20.86 -15.25 -17.64
C GLY B 269 -20.12 -16.40 -18.26
N GLU B 270 -20.78 -17.08 -19.19
CA GLU B 270 -20.20 -18.17 -19.94
C GLU B 270 -20.24 -17.90 -21.40
N ARG B 272 -20.30 -19.78 -24.80
CA ARG B 272 -20.78 -21.09 -25.17
C ARG B 272 -20.34 -21.55 -26.51
N TYR B 273 -19.80 -22.76 -26.56
CA TYR B 273 -19.34 -23.38 -27.80
C TYR B 273 -20.35 -24.41 -28.26
N ARG B 274 -21.35 -23.97 -29.04
CA ARG B 274 -22.41 -24.85 -29.52
C ARG B 274 -22.63 -24.83 -31.04
N PRO B 275 -21.73 -25.43 -31.82
CA PRO B 275 -20.45 -26.02 -31.39
C PRO B 275 -19.37 -24.95 -31.38
N LEU B 276 -19.71 -23.77 -31.89
CA LEU B 276 -18.79 -22.65 -32.00
C LEU B 276 -19.16 -21.52 -31.01
N PRO B 277 -18.20 -20.66 -30.65
CA PRO B 277 -18.47 -19.64 -29.62
C PRO B 277 -19.33 -18.44 -30.10
N ASP B 278 -20.60 -18.68 -30.40
CA ASP B 278 -21.46 -17.63 -30.92
C ASP B 278 -22.52 -17.17 -29.93
N SER B 279 -22.35 -17.49 -28.66
CA SER B 279 -23.35 -17.11 -27.67
C SER B 279 -22.75 -17.03 -26.29
N GLN B 280 -23.34 -16.20 -25.45
CA GLN B 280 -22.91 -16.11 -24.07
C GLN B 280 -24.10 -15.85 -23.15
N VAL B 281 -24.08 -16.43 -21.98
CA VAL B 281 -25.11 -16.24 -21.01
C VAL B 281 -24.54 -15.57 -19.79
N PRO B 283 -26.01 -14.34 -15.77
CA PRO B 283 -24.69 -14.64 -15.23
C PRO B 283 -24.23 -16.02 -15.53
N ALA B 284 -23.06 -16.35 -15.03
CA ALA B 284 -22.48 -17.64 -15.22
C ALA B 284 -23.45 -18.69 -14.66
N PRO B 285 -23.82 -19.66 -15.47
CA PRO B 285 -24.66 -20.73 -14.95
C PRO B 285 -23.85 -21.99 -14.59
N ASP B 286 -24.49 -22.93 -13.88
CA ASP B 286 -23.96 -24.26 -13.64
C ASP B 286 -22.68 -24.32 -12.80
N LEU B 287 -22.35 -23.20 -12.16
CA LEU B 287 -21.24 -23.17 -11.19
C LEU B 287 -21.78 -23.35 -9.78
N ASP B 288 -21.12 -24.19 -8.98
CA ASP B 288 -21.47 -24.21 -7.57
C ASP B 288 -20.79 -23.00 -6.89
N GLN B 289 -21.08 -22.79 -5.60
CA GLN B 289 -20.57 -21.63 -4.87
C GLN B 289 -19.05 -21.59 -4.85
N ALA B 290 -18.43 -22.73 -4.56
CA ALA B 290 -16.99 -22.87 -4.58
C ALA B 290 -16.40 -22.41 -5.90
N GLN B 291 -17.02 -22.82 -7.00
CA GLN B 291 -16.51 -22.48 -8.34
C GLN B 291 -16.72 -21.02 -8.68
N LEU B 292 -17.88 -20.49 -8.28
CA LEU B 292 -18.19 -19.10 -8.57
C LEU B 292 -17.25 -18.19 -7.79
N ASP B 293 -16.94 -18.59 -6.55
CA ASP B 293 -16.01 -17.81 -5.74
C ASP B 293 -14.61 -17.92 -6.32
N ASP B 294 -14.22 -19.09 -6.80
CA ASP B 294 -12.94 -19.25 -7.47
C ASP B 294 -12.80 -18.33 -8.67
N LEU B 295 -13.78 -18.37 -9.58
CA LEU B 295 -13.80 -17.49 -10.76
C LEU B 295 -13.69 -16.01 -10.37
N VAL B 296 -14.63 -15.55 -9.56
CA VAL B 296 -14.70 -14.16 -9.17
C VAL B 296 -13.51 -13.70 -8.34
N GLU B 297 -13.24 -14.40 -7.24
CA GLU B 297 -12.14 -13.95 -6.35
C GLU B 297 -10.80 -14.12 -7.04
N GLY B 298 -10.69 -15.11 -7.93
CA GLY B 298 -9.52 -15.24 -8.78
C GLY B 298 -9.30 -13.99 -9.63
N GLY B 299 -10.32 -13.60 -10.39
CA GLY B 299 -10.22 -12.40 -11.19
C GLY B 299 -9.94 -11.15 -10.36
N ARG B 300 -10.61 -11.04 -9.21
CA ARG B 300 -10.39 -9.90 -8.33
C ARG B 300 -8.92 -9.74 -7.95
N ARG B 301 -8.28 -10.82 -7.53
CA ARG B 301 -6.87 -10.79 -7.15
C ARG B 301 -5.99 -10.34 -8.33
N LEU B 302 -6.36 -10.76 -9.52
CA LEU B 302 -5.64 -10.38 -10.72
C LEU B 302 -5.74 -8.87 -10.89
N CYS B 303 -6.96 -8.36 -10.69
CA CYS B 303 -7.24 -6.97 -10.92
C CYS B 303 -6.62 -6.07 -9.86
N VAL B 304 -6.37 -6.64 -8.70
CA VAL B 304 -5.73 -5.90 -7.61
C VAL B 304 -4.25 -5.70 -7.97
N ALA B 305 -3.63 -6.73 -8.50
CA ALA B 305 -2.28 -6.60 -9.06
C ALA B 305 -2.24 -5.51 -10.13
N LEU B 306 -3.12 -5.61 -11.12
CA LEU B 306 -3.16 -4.62 -12.21
C LEU B 306 -3.47 -3.22 -11.71
N HIS B 307 -4.41 -3.13 -10.77
CA HIS B 307 -4.73 -1.84 -10.17
C HIS B 307 -3.51 -1.22 -9.50
N ALA B 308 -2.76 -2.04 -8.77
CA ALA B 308 -1.64 -1.55 -8.00
C ALA B 308 -0.53 -1.09 -8.92
N LEU B 309 -0.40 -1.69 -10.10
CA LEU B 309 0.68 -1.24 -10.99
C LEU B 309 0.27 -0.06 -11.90
N GLY B 310 -0.97 0.39 -11.82
CA GLY B 310 -1.38 1.54 -12.58
C GLY B 310 -2.49 1.38 -13.61
N TYR B 311 -2.82 0.14 -13.97
CA TYR B 311 -3.86 -0.11 -14.97
C TYR B 311 -5.17 0.48 -14.50
N ARG B 312 -5.87 1.15 -15.41
CA ARG B 312 -7.20 1.65 -15.13
C ARG B 312 -8.14 1.31 -16.30
N GLY B 313 -9.38 0.97 -16.00
CA GLY B 313 -10.32 0.62 -17.06
C GLY B 313 -11.13 -0.63 -16.77
N VAL B 314 -11.49 -1.35 -17.83
CA VAL B 314 -12.27 -2.58 -17.72
C VAL B 314 -11.32 -3.77 -17.93
N LEU B 315 -11.49 -4.81 -17.11
CA LEU B 315 -10.63 -5.97 -17.20
C LEU B 315 -11.45 -7.26 -17.15
N SER B 316 -11.30 -8.08 -18.18
CA SER B 316 -12.02 -9.32 -18.28
C SER B 316 -11.08 -10.50 -17.99
N ALA B 317 -11.31 -11.20 -16.88
CA ALA B 317 -10.53 -12.39 -16.55
C ALA B 317 -11.18 -13.63 -17.18
N ASP B 318 -10.47 -14.26 -18.12
CA ASP B 318 -10.96 -15.45 -18.79
C ASP B 318 -10.52 -16.72 -18.05
N ALA B 319 -11.40 -17.72 -18.03
CA ALA B 319 -11.15 -18.95 -17.30
C ALA B 319 -11.87 -20.14 -17.93
N VAL B 320 -11.39 -21.35 -17.65
CA VAL B 320 -12.12 -22.55 -18.01
C VAL B 320 -12.52 -23.31 -16.75
N VAL B 321 -13.55 -24.13 -16.87
CA VAL B 321 -13.89 -25.11 -15.85
C VAL B 321 -13.67 -26.46 -16.48
N THR B 322 -12.60 -27.12 -16.07
CA THR B 322 -12.24 -28.43 -16.60
C THR B 322 -13.35 -29.45 -16.29
N PRO B 323 -13.38 -30.57 -17.04
CA PRO B 323 -14.39 -31.59 -16.76
C PRO B 323 -14.44 -32.04 -15.29
N ALA B 324 -13.29 -32.00 -14.61
CA ALA B 324 -13.25 -32.38 -13.19
C ALA B 324 -13.72 -31.25 -12.27
N GLY B 325 -14.07 -30.10 -12.84
CA GLY B 325 -14.58 -28.98 -12.06
C GLY B 325 -13.52 -28.01 -11.54
N GLU B 326 -12.37 -27.94 -12.21
CA GLU B 326 -11.31 -27.03 -11.77
C GLU B 326 -11.34 -25.70 -12.54
N VAL B 327 -11.38 -24.61 -11.78
CA VAL B 327 -11.34 -23.27 -12.34
C VAL B 327 -9.89 -22.85 -12.63
N LEU B 328 -9.52 -22.81 -13.90
CA LEU B 328 -8.20 -22.37 -14.31
C LEU B 328 -8.32 -21.12 -15.18
N PHE B 329 -7.53 -20.09 -14.90
CA PHE B 329 -7.58 -18.89 -15.70
C PHE B 329 -6.67 -19.00 -16.90
N THR B 330 -7.10 -18.42 -18.02
CA THR B 330 -6.41 -18.65 -19.27
C THR B 330 -5.88 -17.36 -19.91
N GLU B 331 -6.45 -16.23 -19.55
CA GLU B 331 -5.99 -14.93 -20.06
C GLU B 331 -6.77 -13.77 -19.47
N HIS B 332 -6.26 -12.55 -19.62
CA HIS B 332 -7.10 -11.41 -19.27
C HIS B 332 -7.27 -10.50 -20.48
N ASN B 333 -8.27 -9.64 -20.43
CA ASN B 333 -8.61 -8.77 -21.56
C ASN B 333 -8.88 -7.39 -21.03
N GLY B 334 -7.95 -6.49 -21.23
CA GLY B 334 -8.05 -5.16 -20.72
C GLY B 334 -8.64 -4.24 -21.73
N ARG B 335 -9.95 -4.10 -21.70
CA ARG B 335 -10.73 -3.32 -22.66
C ARG B 335 -12.20 -3.60 -22.41
N ALA B 336 -13.06 -2.79 -23.01
CA ALA B 336 -14.49 -3.11 -23.05
C ALA B 336 -14.66 -4.28 -24.03
N THR B 337 -15.21 -5.37 -23.52
CA THR B 337 -15.36 -6.58 -24.34
C THR B 337 -16.75 -6.62 -24.95
N GLY B 338 -17.07 -7.73 -25.61
CA GLY B 338 -18.39 -7.92 -26.18
C GLY B 338 -19.47 -8.05 -25.11
N SER B 339 -19.02 -8.24 -23.86
CA SER B 339 -19.93 -8.53 -22.74
C SER B 339 -20.22 -7.31 -21.84
N THR B 340 -19.37 -6.29 -21.90
CA THR B 340 -19.41 -5.23 -20.90
C THR B 340 -20.72 -4.44 -20.89
N HIS B 341 -21.17 -4.00 -22.06
CA HIS B 341 -22.38 -3.20 -22.12
C HIS B 341 -23.61 -4.05 -21.81
N ILE B 342 -23.46 -5.37 -21.92
CA ILE B 342 -24.60 -6.27 -21.73
C ILE B 342 -24.96 -6.47 -20.25
N TYR B 343 -23.97 -6.79 -19.40
CA TYR B 343 -24.32 -6.96 -17.98
C TYR B 343 -24.50 -5.60 -17.33
N GLU B 344 -23.65 -4.65 -17.72
CA GLU B 344 -23.55 -3.38 -17.00
C GLU B 344 -24.67 -2.40 -17.35
N ILE B 345 -25.07 -2.41 -18.62
CA ILE B 345 -26.13 -1.53 -19.07
C ILE B 345 -27.40 -2.34 -19.35
N VAL B 346 -27.33 -3.34 -20.22
CA VAL B 346 -28.57 -4.06 -20.57
C VAL B 346 -29.10 -4.78 -19.34
N GLY B 347 -28.21 -5.38 -18.57
CA GLY B 347 -28.59 -6.08 -17.36
C GLY B 347 -28.99 -5.19 -16.20
N LYS B 348 -28.05 -4.39 -15.70
CA LYS B 348 -28.27 -3.67 -14.45
C LYS B 348 -29.14 -2.43 -14.62
N ARG B 349 -29.03 -1.78 -15.78
CA ARG B 349 -29.76 -0.54 -16.03
C ARG B 349 -31.13 -0.78 -16.64
N VAL B 350 -31.17 -1.51 -17.75
CA VAL B 350 -32.44 -1.75 -18.44
C VAL B 350 -33.31 -2.73 -17.67
N VAL B 351 -32.90 -3.99 -17.58
CA VAL B 351 -33.72 -5.03 -16.95
C VAL B 351 -33.97 -4.74 -15.47
N GLY B 352 -32.94 -4.29 -14.76
CA GLY B 352 -33.06 -3.93 -13.35
C GLY B 352 -32.35 -4.92 -12.44
N PRO B 353 -32.60 -4.79 -11.12
CA PRO B 353 -31.99 -5.63 -10.07
C PRO B 353 -32.36 -7.13 -10.18
N GLY B 354 -33.52 -7.42 -10.76
CA GLY B 354 -33.90 -8.79 -11.04
C GLY B 354 -32.95 -9.51 -11.97
N PHE B 355 -32.15 -8.76 -12.70
CA PHE B 355 -31.07 -9.33 -13.47
C PHE B 355 -30.12 -10.01 -12.50
N GLY B 356 -29.77 -11.26 -12.77
CA GLY B 356 -28.93 -12.03 -11.87
C GLY B 356 -29.76 -12.79 -10.86
N THR B 357 -30.99 -12.33 -10.65
CA THR B 357 -31.91 -12.98 -9.70
C THR B 357 -32.99 -13.77 -10.42
N ASP B 358 -33.90 -13.07 -11.09
CA ASP B 358 -35.00 -13.74 -11.78
C ASP B 358 -34.94 -13.56 -13.30
N ARG B 359 -33.83 -12.99 -13.78
CA ARG B 359 -33.63 -12.83 -15.22
C ARG B 359 -32.20 -13.12 -15.63
N ILE B 360 -32.05 -13.90 -16.71
CA ILE B 360 -30.73 -14.07 -17.32
C ILE B 360 -30.68 -13.36 -18.66
N LEU B 361 -29.47 -13.17 -19.18
CA LEU B 361 -29.26 -12.60 -20.50
C LEU B 361 -28.61 -13.61 -21.42
N LEU B 362 -29.10 -13.70 -22.66
CA LEU B 362 -28.51 -14.58 -23.66
C LEU B 362 -28.27 -13.82 -24.96
N GLU B 363 -27.02 -13.59 -25.26
CA GLU B 363 -26.63 -12.92 -26.45
C GLU B 363 -26.19 -13.94 -27.44
N ARG B 364 -26.58 -13.79 -28.68
CA ARG B 364 -26.05 -14.65 -29.71
C ARG B 364 -25.68 -13.82 -30.93
N VAL B 365 -24.54 -14.15 -31.54
CA VAL B 365 -24.15 -13.58 -32.81
C VAL B 365 -25.30 -13.79 -33.77
N TRP B 366 -25.58 -12.78 -34.58
CA TRP B 366 -26.62 -12.90 -35.60
C TRP B 366 -26.50 -14.27 -36.28
N PRO B 367 -27.48 -15.15 -36.05
CA PRO B 367 -27.40 -16.52 -36.57
C PRO B 367 -27.20 -16.44 -38.05
N GLU B 368 -26.21 -17.14 -38.59
CA GLU B 368 -25.73 -16.82 -39.92
C GLU B 368 -26.81 -17.02 -40.96
N GLY B 369 -27.72 -17.97 -40.72
CA GLY B 369 -28.83 -18.17 -41.64
C GLY B 369 -29.89 -17.06 -41.65
N TRP B 370 -29.71 -16.04 -40.81
CA TRP B 370 -30.72 -15.00 -40.65
C TRP B 370 -30.52 -13.78 -41.54
N GLU B 371 -31.59 -13.03 -41.76
CA GLU B 371 -31.50 -11.84 -42.60
C GLU B 371 -32.58 -10.81 -42.25
N ALA B 372 -32.17 -9.56 -42.16
CA ALA B 372 -33.06 -8.41 -41.96
C ALA B 372 -32.82 -7.37 -43.05
N PRO B 373 -33.83 -6.53 -43.35
CA PRO B 373 -33.68 -5.48 -44.38
C PRO B 373 -32.94 -4.25 -43.86
N SER B 374 -33.10 -3.97 -42.57
CA SER B 374 -32.56 -2.77 -41.95
C SER B 374 -32.84 -2.84 -40.45
N PHE B 375 -32.31 -1.86 -39.71
CA PHE B 375 -32.56 -1.77 -38.28
C PHE B 375 -34.03 -1.52 -38.02
N ALA B 376 -34.59 -0.54 -38.71
CA ALA B 376 -36.00 -0.16 -38.55
C ALA B 376 -36.93 -1.35 -38.82
N GLY B 377 -36.65 -2.11 -39.87
CA GLY B 377 -37.40 -3.32 -40.16
C GLY B 377 -37.25 -4.42 -39.10
N ALA B 378 -36.03 -4.66 -38.66
CA ALA B 378 -35.79 -5.64 -37.60
C ALA B 378 -36.58 -5.28 -36.34
N LEU B 379 -36.53 -4.01 -35.97
CA LEU B 379 -37.24 -3.51 -34.80
C LEU B 379 -38.77 -3.68 -34.91
N THR B 380 -39.35 -3.36 -36.06
CA THR B 380 -40.81 -3.43 -36.17
C THR B 380 -41.30 -4.87 -36.23
N ARG B 381 -40.53 -5.75 -36.89
CA ARG B 381 -40.87 -7.16 -36.92
C ARG B 381 -40.93 -7.74 -35.51
N LEU B 382 -40.00 -7.32 -34.66
CA LEU B 382 -39.91 -7.75 -33.27
C LEU B 382 -41.04 -7.18 -32.40
N ARG B 383 -41.34 -5.90 -32.59
CA ARG B 383 -42.45 -5.28 -31.87
C ARG B 383 -43.81 -5.84 -32.33
N ASP B 384 -43.95 -6.06 -33.63
CA ASP B 384 -45.20 -6.62 -34.17
C ASP B 384 -45.40 -8.05 -33.73
N SER B 385 -44.30 -8.79 -33.62
CA SER B 385 -44.37 -10.19 -33.20
C SER B 385 -44.68 -10.27 -31.71
N GLY B 386 -44.37 -9.20 -30.99
CA GLY B 386 -44.53 -9.19 -29.55
C GLY B 386 -43.38 -9.87 -28.81
N HIS B 387 -42.25 -10.01 -29.47
CA HIS B 387 -41.10 -10.65 -28.85
C HIS B 387 -40.00 -9.64 -28.57
N LEU B 388 -40.24 -8.38 -28.95
CA LEU B 388 -39.34 -7.30 -28.59
C LEU B 388 -39.21 -7.25 -27.07
N TYR B 389 -38.04 -6.89 -26.53
CA TYR B 389 -37.94 -6.69 -25.08
C TYR B 389 -38.99 -5.64 -24.68
N ASP B 390 -39.62 -5.87 -23.53
CA ASP B 390 -40.72 -5.11 -23.02
C ASP B 390 -40.59 -4.86 -21.50
N PRO B 391 -40.33 -3.60 -21.14
CA PRO B 391 -40.01 -3.18 -19.77
C PRO B 391 -41.05 -3.56 -18.70
N GLU B 392 -42.34 -3.75 -19.02
CA GLU B 392 -43.30 -4.08 -17.95
C GLU B 392 -43.40 -5.60 -17.69
N THR B 393 -42.90 -6.41 -18.61
CA THR B 393 -42.83 -7.88 -18.40
C THR B 393 -41.38 -8.26 -18.09
N ARG B 394 -40.46 -7.35 -18.40
CA ARG B 394 -39.02 -7.59 -18.28
C ARG B 394 -38.54 -8.82 -19.08
N ARG B 395 -39.23 -9.13 -20.18
CA ARG B 395 -38.92 -10.30 -21.02
C ARG B 395 -38.80 -9.94 -22.50
N GLY B 396 -38.00 -10.71 -23.25
CA GLY B 396 -37.94 -10.54 -24.68
C GLY B 396 -36.59 -10.11 -25.23
N ALA B 397 -36.55 -9.80 -26.52
CA ALA B 397 -35.27 -9.54 -27.18
C ALA B 397 -34.88 -8.06 -27.18
N VAL B 398 -33.69 -7.78 -26.65
CA VAL B 398 -33.08 -6.46 -26.78
C VAL B 398 -32.18 -6.45 -27.99
N ILE B 399 -32.24 -5.38 -28.77
CA ILE B 399 -31.38 -5.22 -29.93
C ILE B 399 -30.06 -4.58 -29.50
N LEU B 400 -28.99 -5.36 -29.51
CA LEU B 400 -27.69 -4.92 -29.00
C LEU B 400 -26.92 -3.99 -29.94
N ALA B 401 -27.00 -4.22 -31.24
CA ALA B 401 -26.08 -3.55 -32.15
C ALA B 401 -26.77 -2.87 -33.32
N ALA B 402 -25.99 -2.03 -34.00
CA ALA B 402 -26.42 -1.36 -35.23
C ALA B 402 -26.65 -2.39 -36.34
N TYR B 403 -27.10 -1.92 -37.48
CA TYR B 403 -27.31 -2.79 -38.63
C TYR B 403 -25.97 -3.16 -39.27
N ASN B 404 -25.68 -4.45 -39.33
CA ASN B 404 -24.45 -4.94 -39.94
C ASN B 404 -24.72 -5.35 -41.38
N THR B 405 -24.46 -4.45 -42.32
CA THR B 405 -24.76 -4.68 -43.73
C THR B 405 -24.10 -5.94 -44.26
N HIS B 406 -22.83 -6.11 -43.90
CA HIS B 406 -22.04 -7.25 -44.36
C HIS B 406 -22.64 -8.58 -43.90
N ARG B 407 -23.46 -8.53 -42.86
CA ARG B 407 -24.14 -9.71 -42.32
C ARG B 407 -25.66 -9.68 -42.54
N LYS B 408 -26.16 -8.55 -43.04
CA LYS B 408 -27.59 -8.30 -43.21
C LYS B 408 -28.41 -8.59 -41.94
N GLY B 409 -27.96 -8.04 -40.81
CA GLY B 409 -28.68 -8.26 -39.56
C GLY B 409 -28.28 -7.29 -38.46
N VAL B 410 -28.78 -7.57 -37.27
CA VAL B 410 -28.38 -6.84 -36.10
C VAL B 410 -27.70 -7.82 -35.14
N LEU B 412 -28.75 -9.68 -31.20
CA LEU B 412 -29.83 -9.75 -30.24
C LEU B 412 -29.47 -10.32 -28.91
N CYS B 413 -30.13 -9.81 -27.90
CA CYS B 413 -29.98 -10.31 -26.54
C CYS B 413 -31.33 -10.68 -25.97
N TYR B 414 -31.47 -11.91 -25.52
CA TYR B 414 -32.77 -12.37 -25.03
C TYR B 414 -32.80 -12.32 -23.52
N VAL B 415 -33.78 -11.62 -22.97
CA VAL B 415 -33.98 -11.57 -21.53
C VAL B 415 -35.10 -12.54 -21.12
N ALA B 416 -34.79 -13.49 -20.24
CA ALA B 416 -35.78 -14.50 -19.82
C ALA B 416 -35.57 -14.91 -18.36
N GLU B 417 -36.49 -15.73 -17.85
CA GLU B 417 -36.42 -16.15 -16.45
C GLU B 417 -35.33 -17.20 -16.26
N ASP B 418 -35.03 -17.94 -17.33
CA ASP B 418 -33.87 -18.83 -17.38
C ASP B 418 -33.49 -19.10 -18.83
N LEU B 419 -32.38 -19.81 -19.04
CA LEU B 419 -31.82 -19.99 -20.37
C LEU B 419 -32.76 -20.64 -21.38
N GLU B 420 -33.41 -21.70 -20.97
CA GLU B 420 -34.28 -22.49 -21.85
C GLU B 420 -35.41 -21.61 -22.36
N ALA B 421 -35.91 -20.76 -21.47
CA ALA B 421 -36.92 -19.79 -21.84
C ALA B 421 -36.35 -18.81 -22.87
N ALA B 422 -35.11 -18.36 -22.63
CA ALA B 422 -34.43 -17.46 -23.54
C ALA B 422 -34.18 -18.12 -24.89
N LEU B 423 -33.75 -19.38 -24.86
CA LEU B 423 -33.59 -20.15 -26.08
C LEU B 423 -34.92 -20.35 -26.77
N HIS B 424 -36.00 -20.40 -25.99
CA HIS B 424 -37.34 -20.54 -26.57
C HIS B 424 -37.86 -19.19 -27.06
N ARG B 425 -37.24 -18.10 -26.64
CA ARG B 425 -37.60 -16.83 -27.24
C ARG B 425 -36.95 -16.81 -28.63
N GLU B 426 -35.75 -17.36 -28.73
CA GLU B 426 -34.96 -17.25 -29.95
C GLU B 426 -35.51 -17.98 -31.17
N GLU B 427 -35.93 -19.22 -31.07
CA GLU B 427 -36.42 -19.87 -32.27
C GLU B 427 -37.77 -19.28 -32.73
N SER B 428 -38.52 -18.72 -31.79
CA SER B 428 -39.76 -18.02 -32.13
C SER B 428 -39.43 -16.80 -32.98
N VAL B 429 -38.29 -16.18 -32.66
CA VAL B 429 -37.80 -15.00 -33.35
C VAL B 429 -37.23 -15.35 -34.73
N SER B 430 -36.69 -16.55 -34.86
CA SER B 430 -36.17 -17.03 -36.14
C SER B 430 -37.27 -17.13 -37.20
N ARG C 2 21.06 -22.36 3.39
CA ARG C 2 20.53 -21.65 2.27
C ARG C 2 21.20 -22.12 1.02
N LEU C 3 20.49 -22.06 -0.08
CA LEU C 3 21.05 -22.34 -1.34
C LEU C 3 21.32 -21.05 -2.07
N LEU C 4 22.56 -20.81 -2.36
CA LEU C 4 23.01 -19.60 -2.99
C LEU C 4 23.41 -19.92 -4.42
N VAL C 5 22.80 -19.22 -5.38
CA VAL C 5 23.10 -19.46 -6.79
C VAL C 5 23.72 -18.24 -7.45
N GLY C 6 24.93 -18.43 -7.98
CA GLY C 6 25.64 -17.32 -8.59
C GLY C 6 25.42 -17.28 -10.08
N ASN C 7 24.16 -17.04 -10.46
CA ASN C 7 23.82 -17.02 -11.88
C ASN C 7 24.06 -15.67 -12.51
N ASP C 8 24.11 -15.68 -13.83
CA ASP C 8 24.43 -14.50 -14.62
C ASP C 8 23.17 -13.93 -15.30
N TRP C 9 23.35 -12.87 -16.07
CA TRP C 9 22.28 -12.28 -16.87
C TRP C 9 21.49 -13.34 -17.60
N SER C 10 20.17 -13.29 -17.47
CA SER C 10 19.26 -14.27 -18.07
C SER C 10 19.61 -14.77 -19.49
N GLU C 11 19.70 -16.09 -19.61
CA GLU C 11 19.91 -16.75 -20.88
C GLU C 11 18.77 -16.45 -21.88
N GLU C 12 17.63 -16.05 -21.35
CA GLU C 12 16.49 -15.69 -22.21
C GLU C 12 16.75 -14.41 -22.98
N LEU C 13 17.46 -13.47 -22.35
CA LEU C 13 17.70 -12.16 -22.96
C LEU C 13 18.97 -12.13 -23.79
N ALA C 14 19.95 -12.93 -23.38
CA ALA C 14 21.22 -12.94 -24.09
C ALA C 14 22.03 -14.20 -23.76
N GLU C 15 22.81 -14.67 -24.73
CA GLU C 15 23.82 -15.69 -24.50
C GLU C 15 24.98 -15.07 -23.72
N PRO C 16 25.35 -15.69 -22.58
CA PRO C 16 26.45 -15.19 -21.75
C PRO C 16 27.82 -15.78 -22.12
N THR C 17 28.20 -15.66 -23.40
CA THR C 17 29.43 -16.28 -23.89
C THR C 17 30.69 -15.56 -23.40
N GLY C 18 30.55 -14.30 -22.99
CA GLY C 18 31.69 -13.52 -22.53
C GLY C 18 32.12 -13.85 -21.11
N SER C 19 31.17 -14.25 -20.27
CA SER C 19 31.42 -14.46 -18.84
C SER C 19 32.56 -15.44 -18.57
N THR C 20 33.29 -15.19 -17.50
CA THR C 20 34.46 -15.99 -17.14
C THR C 20 34.35 -16.60 -15.75
N GLY C 21 33.27 -16.31 -15.05
CA GLY C 21 33.03 -16.91 -13.75
C GLY C 21 33.62 -16.13 -12.59
N TRP C 22 34.12 -14.93 -12.89
CA TRP C 22 34.79 -14.07 -11.91
C TRP C 22 33.79 -13.23 -11.10
N ALA C 23 32.93 -12.49 -11.79
CA ALA C 23 32.06 -11.51 -11.15
C ALA C 23 31.07 -12.11 -10.16
N VAL C 24 30.55 -13.30 -10.49
CA VAL C 24 29.62 -13.97 -9.60
C VAL C 24 30.27 -14.53 -8.33
N GLN C 25 31.60 -14.56 -8.27
CA GLN C 25 32.23 -15.03 -7.04
C GLN C 25 31.89 -14.11 -5.86
N ARG C 26 31.25 -12.98 -6.14
CA ARG C 26 30.81 -12.04 -5.11
C ARG C 26 29.73 -12.64 -4.23
N LEU C 27 29.16 -13.75 -4.71
CA LEU C 27 28.21 -14.57 -3.97
C LEU C 27 28.70 -14.93 -2.57
N VAL C 28 29.98 -15.29 -2.47
CA VAL C 28 30.60 -15.66 -1.21
C VAL C 28 30.34 -14.65 -0.09
N TRP C 29 30.17 -13.37 -0.45
CA TRP C 29 29.92 -12.35 0.57
C TRP C 29 28.59 -12.61 1.27
N PHE C 30 27.61 -13.13 0.53
CA PHE C 30 26.31 -13.41 1.08
C PHE C 30 26.25 -14.70 1.90
N ALA C 31 27.26 -15.55 1.77
CA ALA C 31 27.28 -16.85 2.47
C ALA C 31 27.17 -16.74 4.00
N ARG C 32 26.25 -17.49 4.59
CA ARG C 32 26.21 -17.65 6.04
C ARG C 32 26.45 -19.12 6.39
N ASP C 33 26.48 -19.45 7.67
CA ASP C 33 26.91 -20.78 8.10
C ASP C 33 26.08 -21.94 7.54
N GLY C 34 26.75 -22.84 6.84
CA GLY C 34 26.13 -24.08 6.39
C GLY C 34 25.54 -23.96 4.99
N ASP C 35 25.77 -22.83 4.35
CA ASP C 35 25.14 -22.60 3.06
C ASP C 35 25.82 -23.42 1.99
N VAL C 36 25.13 -23.59 0.87
CA VAL C 36 25.71 -24.27 -0.26
C VAL C 36 25.72 -23.27 -1.39
N LEU C 37 26.85 -23.20 -2.09
CA LEU C 37 27.06 -22.18 -3.10
C LEU C 37 27.15 -22.87 -4.44
N VAL C 38 26.38 -22.35 -5.40
CA VAL C 38 26.44 -22.85 -6.77
C VAL C 38 27.14 -21.81 -7.62
N LEU C 39 28.27 -22.18 -8.19
CA LEU C 39 29.09 -21.25 -8.93
C LEU C 39 29.55 -21.91 -10.22
N PRO C 40 29.73 -21.13 -11.29
CA PRO C 40 30.22 -21.67 -12.56
C PRO C 40 31.67 -22.10 -12.50
N VAL C 41 32.45 -21.40 -11.70
CA VAL C 41 33.89 -21.69 -11.56
C VAL C 41 34.28 -21.65 -10.09
N ALA C 42 35.00 -22.68 -9.64
CA ALA C 42 35.38 -22.76 -8.23
C ALA C 42 36.35 -21.64 -7.86
N PRO C 43 36.00 -20.88 -6.83
CA PRO C 43 36.77 -19.73 -6.32
C PRO C 43 38.07 -20.18 -5.62
N GLN C 44 39.13 -19.39 -5.74
CA GLN C 44 40.39 -19.69 -5.03
C GLN C 44 40.09 -19.84 -3.55
N GLU C 45 40.79 -20.77 -2.90
CA GLU C 45 40.60 -20.98 -1.48
C GLU C 45 40.95 -19.73 -0.67
N GLU C 46 41.99 -19.02 -1.10
CA GLU C 46 42.46 -17.85 -0.35
C GLU C 46 41.42 -16.73 -0.37
N PHE C 47 40.71 -16.60 -1.48
CA PHE C 47 39.62 -15.62 -1.55
C PHE C 47 38.48 -16.02 -0.60
N LEU C 48 38.08 -17.29 -0.70
CA LEU C 48 37.09 -17.88 0.18
C LEU C 48 37.44 -17.63 1.65
N ALA C 49 38.67 -18.00 2.02
CA ALA C 49 39.16 -17.80 3.39
C ALA C 49 39.10 -16.33 3.78
N TYR C 50 39.61 -15.46 2.91
CA TYR C 50 39.60 -14.04 3.22
C TYR C 50 38.18 -13.52 3.49
N VAL C 51 37.26 -13.77 2.56
CA VAL C 51 35.92 -13.21 2.68
C VAL C 51 35.24 -13.70 3.96
N THR C 52 35.28 -15.01 4.21
CA THR C 52 34.64 -15.57 5.40
C THR C 52 35.31 -15.11 6.72
N SER C 53 36.63 -14.90 6.71
CA SER C 53 37.29 -14.34 7.90
C SER C 53 36.66 -12.99 8.29
N LEU C 54 36.31 -12.22 7.27
CA LEU C 54 35.65 -10.92 7.46
C LEU C 54 34.18 -11.01 7.86
N THR C 55 33.44 -11.91 7.22
CA THR C 55 32.02 -12.01 7.51
C THR C 55 31.71 -12.83 8.76
N GLY C 56 32.70 -13.55 9.26
CA GLY C 56 32.51 -14.36 10.45
C GLY C 56 31.93 -15.72 10.17
N THR C 57 31.70 -16.01 8.91
CA THR C 57 31.19 -17.30 8.49
C THR C 57 32.27 -18.35 8.58
N ARG C 58 31.94 -19.50 9.18
CA ARG C 58 32.85 -20.62 9.24
C ARG C 58 32.97 -21.27 7.86
N ARG C 59 34.15 -21.12 7.26
CA ARG C 59 34.39 -21.61 5.91
C ARG C 59 34.08 -23.09 5.74
N SER C 60 34.47 -23.90 6.72
CA SER C 60 34.34 -25.34 6.60
C SER C 60 32.88 -25.78 6.64
N SER C 61 32.00 -24.90 7.09
CA SER C 61 30.57 -25.17 7.10
C SER C 61 29.99 -25.01 5.69
N LEU C 62 30.72 -24.30 4.82
CA LEU C 62 30.23 -24.03 3.47
C LEU C 62 30.60 -25.12 2.50
N THR C 63 29.74 -25.31 1.51
CA THR C 63 30.03 -26.20 0.39
C THR C 63 29.88 -25.44 -0.90
N VAL C 64 30.81 -25.65 -1.83
CA VAL C 64 30.69 -25.08 -3.16
C VAL C 64 30.52 -26.21 -4.17
N VAL C 65 29.42 -26.15 -4.92
CA VAL C 65 29.15 -27.13 -5.96
C VAL C 65 29.29 -26.48 -7.32
N VAL C 66 30.11 -27.08 -8.17
CA VAL C 66 30.33 -26.52 -9.49
C VAL C 66 29.87 -27.51 -10.55
N PRO C 67 28.87 -27.12 -11.36
CA PRO C 67 28.38 -27.98 -12.45
C PRO C 67 29.52 -28.34 -13.37
N PRO C 68 29.35 -29.44 -14.12
CA PRO C 68 30.26 -29.70 -15.23
C PRO C 68 30.08 -28.57 -16.25
N PRO C 69 31.03 -28.41 -17.18
CA PRO C 69 30.89 -27.38 -18.22
C PRO C 69 29.64 -27.64 -19.08
N GLY C 70 29.18 -26.61 -19.77
CA GLY C 70 28.02 -26.68 -20.65
C GLY C 70 28.37 -26.27 -22.06
N ARG C 71 27.36 -25.89 -22.83
CA ARG C 71 27.48 -25.57 -24.25
C ARG C 71 28.30 -24.33 -24.52
N LEU C 72 28.31 -23.46 -23.55
CA LEU C 72 29.08 -22.22 -23.65
C LEU C 72 30.32 -22.26 -22.76
N GLY C 73 30.75 -23.45 -22.37
CA GLY C 73 31.91 -23.59 -21.52
C GLY C 73 31.57 -23.58 -20.04
N ALA C 74 32.44 -22.96 -19.23
CA ALA C 74 32.29 -22.98 -17.78
C ALA C 74 32.00 -21.61 -17.17
N GLY C 75 32.11 -20.57 -17.97
CA GLY C 75 32.07 -19.20 -17.47
C GLY C 75 30.78 -18.74 -16.82
N ALA C 76 29.67 -19.40 -17.13
CA ALA C 76 28.39 -18.97 -16.56
C ALA C 76 27.48 -20.17 -16.34
N LEU C 77 26.54 -20.02 -15.41
CA LEU C 77 25.57 -21.09 -15.16
C LEU C 77 24.46 -21.14 -16.22
N THR C 78 24.77 -21.69 -17.38
CA THR C 78 23.75 -21.96 -18.39
C THR C 78 22.72 -23.01 -17.94
N ALA C 79 21.51 -22.95 -18.49
CA ALA C 79 20.39 -23.82 -18.09
C ALA C 79 20.73 -25.30 -18.11
N ASP C 80 21.59 -25.71 -19.04
CA ASP C 80 21.89 -27.12 -19.20
C ASP C 80 22.87 -27.59 -18.13
N ARG C 81 23.66 -26.66 -17.59
CA ARG C 81 24.55 -26.99 -16.49
C ARG C 81 23.75 -27.21 -15.21
N LEU C 82 22.73 -26.39 -15.00
CA LEU C 82 21.92 -26.53 -13.80
C LEU C 82 20.94 -27.70 -13.84
N ALA C 83 20.73 -28.26 -15.04
CA ALA C 83 19.79 -29.37 -15.22
C ALA C 83 20.51 -30.69 -15.34
N ASP C 84 21.84 -30.62 -15.37
CA ASP C 84 22.70 -31.77 -15.52
C ASP C 84 22.54 -32.71 -14.32
N PRO C 85 22.19 -33.99 -14.58
CA PRO C 85 22.05 -35.01 -13.52
C PRO C 85 23.25 -35.14 -12.60
N ARG C 86 24.46 -35.01 -13.15
CA ARG C 86 25.67 -35.12 -12.35
C ARG C 86 25.76 -33.96 -11.38
N PHE C 87 25.39 -32.77 -11.85
CA PHE C 87 25.37 -31.59 -11.00
C PHE C 87 24.32 -31.71 -9.89
N LEU C 88 23.15 -32.20 -10.26
CA LEU C 88 22.03 -32.27 -9.32
C LEU C 88 22.28 -33.32 -8.27
N ALA C 89 22.95 -34.39 -8.67
CA ALA C 89 23.36 -35.44 -7.75
C ALA C 89 24.34 -34.88 -6.73
N ALA C 90 25.37 -34.18 -7.23
CA ALA C 90 26.37 -33.55 -6.38
C ALA C 90 25.72 -32.54 -5.42
N LEU C 91 24.71 -31.84 -5.91
CA LEU C 91 24.04 -30.82 -5.10
C LEU C 91 23.23 -31.43 -3.94
N ARG C 92 22.53 -32.52 -4.21
CA ARG C 92 21.84 -33.27 -3.16
C ARG C 92 22.79 -33.83 -2.12
N GLU C 93 24.02 -34.15 -2.51
CA GLU C 93 25.00 -34.61 -1.53
C GLU C 93 25.51 -33.47 -0.65
N ALA C 94 25.49 -32.25 -1.21
CA ALA C 94 25.95 -31.10 -0.46
C ALA C 94 24.95 -30.75 0.64
N PHE C 95 23.66 -30.96 0.35
CA PHE C 95 22.61 -30.76 1.35
C PHE C 95 22.74 -31.84 2.42
N ALA C 96 23.17 -33.03 2.00
CA ALA C 96 23.25 -34.21 2.86
C ALA C 96 22.00 -34.42 3.71
N GLY C 97 20.83 -34.28 3.08
CA GLY C 97 19.58 -34.48 3.78
C GLY C 97 19.06 -33.22 4.46
N ARG C 98 19.86 -32.15 4.44
CA ARG C 98 19.37 -30.88 5.00
C ARG C 98 18.29 -30.28 4.11
N PRO C 99 17.22 -29.77 4.72
CA PRO C 99 16.20 -29.06 3.94
C PRO C 99 16.69 -27.67 3.52
N VAL C 100 16.32 -27.24 2.32
CA VAL C 100 16.69 -25.91 1.87
C VAL C 100 15.77 -24.90 2.54
N HIS C 101 16.34 -23.97 3.30
CA HIS C 101 15.53 -23.01 4.03
C HIS C 101 15.11 -21.82 3.13
N GLU C 102 16.04 -21.37 2.31
CA GLU C 102 15.77 -20.25 1.43
C GLU C 102 16.70 -20.42 0.24
N VAL C 103 16.26 -19.95 -0.93
CA VAL C 103 17.12 -19.88 -2.09
C VAL C 103 17.43 -18.41 -2.34
N PHE C 104 18.68 -18.10 -2.62
CA PHE C 104 19.10 -16.76 -2.98
C PHE C 104 19.84 -16.86 -4.28
N ALA C 105 19.39 -16.12 -5.30
CA ALA C 105 20.07 -16.11 -6.59
C ALA C 105 20.47 -14.69 -6.98
N LEU C 106 21.50 -14.56 -7.82
CA LEU C 106 22.02 -13.23 -8.14
C LEU C 106 21.15 -12.58 -9.21
N TRP C 107 20.49 -13.43 -10.01
CA TRP C 107 19.56 -12.97 -11.03
C TRP C 107 18.22 -13.75 -10.91
N PRO C 108 17.08 -13.03 -10.88
CA PRO C 108 15.77 -13.67 -10.70
C PRO C 108 15.27 -14.34 -11.98
N ASP C 109 15.85 -15.49 -12.29
CA ASP C 109 15.60 -16.14 -13.56
C ASP C 109 14.74 -17.38 -13.42
N ALA C 110 14.10 -17.75 -14.53
CA ALA C 110 13.33 -18.99 -14.58
C ALA C 110 14.19 -20.21 -14.27
N VAL C 111 15.49 -20.14 -14.55
CA VAL C 111 16.35 -21.30 -14.29
C VAL C 111 16.52 -21.50 -12.79
N VAL C 112 16.34 -20.44 -12.02
CA VAL C 112 16.42 -20.60 -10.59
C VAL C 112 15.19 -21.35 -10.07
N ALA C 113 14.03 -21.06 -10.66
CA ALA C 113 12.79 -21.80 -10.35
C ALA C 113 12.86 -23.24 -10.82
N ASP C 114 13.48 -23.49 -11.97
CA ASP C 114 13.66 -24.86 -12.45
C ASP C 114 14.53 -25.67 -11.49
N LEU C 115 15.62 -25.07 -11.03
CA LEU C 115 16.49 -25.73 -10.08
C LEU C 115 15.69 -26.02 -8.82
N ALA C 116 15.00 -25.01 -8.31
CA ALA C 116 14.16 -25.17 -7.13
C ALA C 116 13.16 -26.32 -7.30
N ASP C 117 12.50 -26.37 -8.47
CA ASP C 117 11.53 -27.45 -8.75
C ASP C 117 12.20 -28.82 -8.79
N ALA C 118 13.39 -28.87 -9.40
CA ALA C 118 14.13 -30.11 -9.55
C ALA C 118 14.50 -30.68 -8.18
N LEU C 119 14.85 -29.80 -7.25
CA LEU C 119 15.22 -30.17 -5.90
C LEU C 119 14.01 -30.45 -5.01
N GLY C 120 12.82 -30.13 -5.49
CA GLY C 120 11.63 -30.32 -4.69
C GLY C 120 11.52 -29.34 -3.54
N CYS C 121 12.15 -28.17 -3.67
CA CYS C 121 11.97 -27.10 -2.67
C CYS C 121 11.47 -25.76 -3.24
N PRO C 122 10.34 -25.78 -4.00
CA PRO C 122 9.84 -24.50 -4.50
C PRO C 122 9.45 -23.53 -3.38
N GLU C 123 9.10 -24.05 -2.21
CA GLU C 123 8.69 -23.19 -1.10
C GLU C 123 9.86 -22.37 -0.53
N ALA C 124 11.09 -22.77 -0.81
CA ALA C 124 12.27 -22.03 -0.33
C ALA C 124 12.60 -20.82 -1.21
N LEU C 125 11.99 -20.78 -2.40
CA LEU C 125 12.19 -19.68 -3.33
C LEU C 125 11.00 -18.73 -3.30
N GLU C 126 11.17 -17.58 -2.66
CA GLU C 126 10.16 -16.54 -2.68
C GLU C 126 9.89 -16.10 -4.12
N GLY C 127 8.62 -16.03 -4.50
CA GLY C 127 8.24 -15.67 -5.86
C GLY C 127 8.54 -16.75 -6.89
N HIS C 128 8.57 -18.00 -6.46
CA HIS C 128 8.81 -19.14 -7.33
C HIS C 128 7.86 -19.20 -8.54
N ASP C 129 6.56 -19.11 -8.27
CA ASP C 129 5.57 -19.23 -9.34
C ASP C 129 5.72 -18.08 -10.36
N PHE C 130 5.90 -16.87 -9.84
CA PHE C 130 6.14 -15.68 -10.69
C PHE C 130 7.34 -15.88 -11.61
N LEU C 131 8.40 -16.50 -11.07
CA LEU C 131 9.62 -16.81 -11.80
C LEU C 131 9.49 -17.94 -12.82
N THR C 132 8.66 -18.96 -12.54
CA THR C 132 8.43 -20.02 -13.54
C THR C 132 7.78 -19.44 -14.79
N GLN C 133 7.04 -18.34 -14.64
CA GLN C 133 6.40 -17.65 -15.76
C GLN C 133 7.28 -16.52 -16.27
N SER C 134 8.56 -16.57 -15.90
CA SER C 134 9.55 -15.62 -16.38
C SER C 134 9.24 -14.17 -16.00
N GLY C 135 8.54 -13.98 -14.90
CA GLY C 135 8.22 -12.65 -14.45
C GLY C 135 9.43 -11.82 -14.05
N GLY C 136 10.53 -12.48 -13.69
CA GLY C 136 11.73 -11.77 -13.26
C GLY C 136 12.33 -10.90 -14.36
N LEU C 137 11.98 -11.19 -15.60
CA LEU C 137 12.44 -10.40 -16.73
C LEU C 137 11.94 -8.96 -16.66
N ILE C 138 10.83 -8.75 -15.96
CA ILE C 138 10.25 -7.43 -15.77
C ILE C 138 11.24 -6.52 -15.06
N GLY C 139 12.08 -7.11 -14.22
CA GLY C 139 13.02 -6.35 -13.42
C GLY C 139 14.12 -5.74 -14.26
N SER C 140 14.32 -6.26 -15.46
CA SER C 140 15.34 -5.74 -16.36
C SER C 140 14.75 -4.99 -17.58
N SER C 141 13.47 -4.64 -17.54
CA SER C 141 12.80 -4.03 -18.70
C SER C 141 12.65 -2.51 -18.56
N LYS C 142 13.27 -1.73 -19.44
CA LYS C 142 13.12 -0.26 -19.32
C LYS C 142 11.72 0.19 -19.71
N ALA C 143 11.10 -0.53 -20.64
CA ALA C 143 9.69 -0.31 -20.98
C ALA C 143 8.77 -0.47 -19.76
N ALA C 144 9.03 -1.49 -18.95
CA ALA C 144 8.20 -1.71 -17.77
C ALA C 144 8.45 -0.67 -16.68
N PHE C 145 9.70 -0.27 -16.51
CA PHE C 145 10.01 0.81 -15.60
C PHE C 145 9.17 2.06 -15.94
N ARG C 146 9.21 2.47 -17.20
CA ARG C 146 8.49 3.68 -17.61
C ARG C 146 7.02 3.67 -17.22
N ALA C 147 6.34 2.55 -17.50
CA ALA C 147 4.93 2.41 -17.14
C ALA C 147 4.73 2.31 -15.63
N LEU C 148 5.60 1.56 -14.96
CA LEU C 148 5.51 1.41 -13.51
C LEU C 148 5.76 2.73 -12.78
N ALA C 149 6.82 3.43 -13.19
CA ALA C 149 7.12 4.75 -12.63
C ALA C 149 5.99 5.75 -12.91
N ALA C 150 5.51 5.79 -14.15
CA ALA C 150 4.35 6.61 -14.50
C ALA C 150 3.14 6.26 -13.63
N GLY C 151 2.88 4.96 -13.48
CA GLY C 151 1.74 4.52 -12.70
C GLY C 151 1.86 4.92 -11.25
N ALA C 152 3.10 4.84 -10.74
CA ALA C 152 3.39 5.08 -9.33
C ALA C 152 3.62 6.55 -8.97
N GLY C 153 3.65 7.42 -9.99
CA GLY C 153 3.76 8.85 -9.76
C GLY C 153 5.18 9.21 -9.37
N VAL C 154 6.11 8.44 -9.91
CA VAL C 154 7.53 8.60 -9.65
C VAL C 154 8.14 9.45 -10.75
N ALA C 155 8.87 10.50 -10.37
CA ALA C 155 9.42 11.42 -11.35
C ALA C 155 10.35 10.73 -12.34
N LEU C 156 10.28 11.12 -13.61
CA LEU C 156 11.08 10.49 -14.65
C LEU C 156 11.19 11.44 -15.85
N PRO C 157 12.21 11.25 -16.69
CA PRO C 157 12.37 12.19 -17.79
C PRO C 157 11.18 12.12 -18.73
N ALA C 158 10.84 13.25 -19.37
CA ALA C 158 9.79 13.26 -20.37
C ALA C 158 10.18 12.24 -21.43
N GLY C 159 9.19 11.51 -21.94
CA GLY C 159 9.50 10.49 -22.91
C GLY C 159 8.38 9.50 -23.14
N ALA C 160 8.69 8.41 -23.85
CA ALA C 160 7.68 7.45 -24.31
C ALA C 160 8.34 6.11 -24.64
N VAL C 161 7.52 5.06 -24.79
CA VAL C 161 7.99 3.76 -25.23
C VAL C 161 7.46 3.47 -26.63
N CYS C 162 8.36 3.11 -27.54
CA CYS C 162 8.03 3.08 -28.96
C CYS C 162 8.28 1.73 -29.61
N ALA C 163 7.28 1.25 -30.35
CA ALA C 163 7.35 -0.06 -30.99
C ALA C 163 7.74 0.04 -32.46
N ASP C 164 7.50 1.20 -33.06
CA ASP C 164 7.93 1.38 -34.44
C ASP C 164 8.56 2.75 -34.66
N ARG C 165 9.22 2.88 -35.78
CA ARG C 165 9.93 4.10 -36.13
C ARG C 165 9.02 5.32 -36.25
N ARG C 166 7.78 5.13 -36.69
CA ARG C 166 6.88 6.27 -36.86
C ARG C 166 6.67 7.04 -35.56
N ARG C 167 6.42 6.31 -34.49
CA ARG C 167 6.18 6.91 -33.18
C ARG C 167 7.47 7.40 -32.52
N ALA C 168 8.57 6.70 -32.76
CA ALA C 168 9.86 7.15 -32.24
C ALA C 168 10.23 8.49 -32.86
N HIS C 169 10.09 8.58 -34.18
CA HIS C 169 10.39 9.82 -34.90
C HIS C 169 9.63 10.99 -34.31
N ARG C 170 8.33 10.82 -34.14
CA ARG C 170 7.50 11.86 -33.54
C ARG C 170 8.01 12.25 -32.16
N HIS C 171 8.23 11.25 -31.31
CA HIS C 171 8.63 11.55 -29.92
C HIS C 171 10.04 12.11 -29.83
N VAL C 172 10.94 11.65 -30.68
CA VAL C 172 12.27 12.25 -30.74
C VAL C 172 12.20 13.71 -31.25
N THR C 173 11.53 13.92 -32.39
CA THR C 173 11.33 15.27 -32.95
C THR C 173 10.78 16.26 -31.93
N ARG C 174 9.72 15.88 -31.23
CA ARG C 174 9.15 16.72 -30.17
C ARG C 174 10.21 17.21 -29.18
N LEU C 175 10.97 16.28 -28.60
CA LEU C 175 11.97 16.60 -27.58
C LEU C 175 13.15 17.43 -28.11
N LEU C 176 13.69 17.03 -29.25
CA LEU C 176 14.70 17.81 -29.92
C LEU C 176 14.27 19.26 -30.17
N ASP C 177 13.04 19.42 -30.68
CA ASP C 177 12.54 20.74 -31.04
C ASP C 177 12.19 21.58 -29.80
N GLU C 178 12.47 21.07 -28.62
CA GLU C 178 12.34 21.87 -27.41
C GLU C 178 13.71 22.35 -26.97
N GLY C 179 14.75 21.83 -27.60
CA GLY C 179 16.12 22.22 -27.27
C GLY C 179 16.92 21.21 -26.49
N SER C 180 16.33 20.03 -26.26
CA SER C 180 16.94 19.00 -25.44
C SER C 180 17.63 17.91 -26.24
N PRO C 181 18.69 17.32 -25.68
CA PRO C 181 19.22 16.09 -26.27
C PRO C 181 18.30 14.92 -25.95
N VAL C 182 18.41 13.85 -26.72
CA VAL C 182 17.51 12.70 -26.50
C VAL C 182 18.30 11.41 -26.31
N ILE C 183 17.85 10.53 -25.42
CA ILE C 183 18.48 9.21 -25.29
C ILE C 183 17.52 8.08 -25.67
N LEU C 184 17.95 7.22 -26.61
CA LEU C 184 17.21 6.01 -26.94
C LEU C 184 17.79 4.84 -26.13
N LYS C 185 16.92 3.96 -25.68
CA LYS C 185 17.33 2.88 -24.79
C LYS C 185 16.72 1.56 -25.24
N GLN C 186 17.56 0.56 -25.50
CA GLN C 186 17.05 -0.80 -25.69
C GLN C 186 16.27 -1.20 -24.45
N ASP C 187 15.09 -1.81 -24.66
CA ASP C 187 14.27 -2.31 -23.56
C ASP C 187 15.08 -3.09 -22.53
N TYR C 188 15.87 -4.05 -23.01
CA TYR C 188 16.55 -4.99 -22.12
C TYR C 188 18.07 -4.86 -22.13
N GLY C 189 18.55 -3.70 -22.55
CA GLY C 189 19.98 -3.47 -22.65
C GLY C 189 20.67 -3.56 -21.32
N SER C 190 21.84 -4.18 -21.33
CA SER C 190 22.67 -4.23 -20.14
C SER C 190 23.63 -3.05 -20.15
N GLY C 191 23.39 -2.10 -19.28
CA GLY C 191 24.21 -0.90 -19.19
C GLY C 191 24.10 0.06 -20.37
N SER C 192 25.06 0.99 -20.42
CA SER C 192 25.12 2.04 -21.41
C SER C 192 25.35 1.54 -22.85
N ASP C 193 25.71 0.26 -22.99
CA ASP C 193 25.94 -0.32 -24.32
C ASP C 193 24.65 -0.45 -25.12
N GLY C 194 23.51 -0.25 -24.46
CA GLY C 194 22.22 -0.34 -25.11
C GLY C 194 21.58 1.01 -25.38
N ASN C 195 22.30 2.08 -25.05
CA ASN C 195 21.77 3.43 -25.18
C ASN C 195 22.55 4.26 -26.16
N GLU C 196 21.87 5.20 -26.82
CA GLU C 196 22.52 6.17 -27.69
C GLU C 196 21.86 7.54 -27.52
N ILE C 197 22.69 8.57 -27.54
CA ILE C 197 22.23 9.93 -27.38
C ILE C 197 22.07 10.58 -28.75
N LEU C 198 20.96 11.26 -28.95
CA LEU C 198 20.70 12.05 -30.15
C LEU C 198 20.71 13.51 -29.76
N SER C 199 21.36 14.33 -30.58
CA SER C 199 21.53 15.74 -30.23
C SER C 199 21.63 16.63 -31.46
N ARG C 200 21.21 17.88 -31.32
CA ARG C 200 21.48 18.88 -32.34
C ARG C 200 22.94 19.31 -32.25
N THR C 201 23.49 19.26 -31.04
CA THR C 201 24.85 19.76 -30.79
C THR C 201 25.87 18.64 -30.58
N PRO C 202 27.02 18.74 -31.27
CA PRO C 202 28.16 17.84 -31.04
C PRO C 202 28.80 18.03 -29.67
N GLY C 203 29.58 17.03 -29.23
CA GLY C 203 30.43 17.21 -28.06
C GLY C 203 29.83 16.94 -26.69
N LEU C 204 28.55 16.55 -26.65
CA LEU C 204 27.96 16.12 -25.38
C LEU C 204 28.80 15.04 -24.71
N ALA C 205 28.87 15.10 -23.39
CA ALA C 205 29.52 14.07 -22.59
C ALA C 205 28.64 12.83 -22.59
N LEU C 206 29.23 11.69 -22.90
CA LEU C 206 28.51 10.43 -22.99
C LEU C 206 28.32 9.75 -21.65
N ARG C 207 27.37 10.23 -20.85
CA ARG C 207 27.12 9.59 -19.56
C ARG C 207 25.90 8.70 -19.70
N GLY C 208 26.13 7.38 -19.73
CA GLY C 208 25.06 6.42 -19.81
C GLY C 208 24.70 5.95 -21.20
N ALA C 209 25.54 6.24 -22.18
CA ALA C 209 25.30 5.77 -23.55
C ALA C 209 26.62 5.53 -24.29
N ARG C 210 26.56 4.66 -25.29
CA ARG C 210 27.74 4.30 -26.06
C ARG C 210 28.21 5.39 -27.02
N ALA C 211 27.26 6.04 -27.67
CA ALA C 211 27.62 6.98 -28.72
C ALA C 211 26.65 8.13 -28.78
N LEU C 212 27.06 9.13 -29.56
CA LEU C 212 26.27 10.33 -29.79
C LEU C 212 26.07 10.51 -31.28
N ARG C 213 24.84 10.82 -31.69
CA ARG C 213 24.56 11.11 -33.09
C ARG C 213 24.05 12.54 -33.20
N VAL C 214 24.71 13.32 -34.03
CA VAL C 214 24.28 14.69 -34.25
C VAL C 214 23.33 14.72 -35.42
N LEU C 215 22.07 15.06 -35.15
CA LEU C 215 21.05 15.09 -36.18
C LEU C 215 20.50 16.50 -36.39
N ALA C 216 20.69 17.03 -37.59
CA ALA C 216 20.31 18.41 -37.89
C ALA C 216 18.81 18.62 -38.14
N ASP C 217 18.18 17.66 -38.80
CA ASP C 217 16.79 17.85 -39.22
C ASP C 217 15.95 16.56 -39.30
N SER C 218 14.70 16.73 -39.71
CA SER C 218 13.74 15.63 -39.81
C SER C 218 14.28 14.50 -40.70
N ALA C 219 14.83 14.87 -41.86
CA ALA C 219 15.42 13.90 -42.79
C ALA C 219 16.59 13.13 -42.17
N ALA C 220 17.47 13.85 -41.47
CA ALA C 220 18.66 13.25 -40.84
C ALA C 220 18.28 12.13 -39.88
N LEU C 221 17.20 12.37 -39.15
CA LEU C 221 16.64 11.41 -38.23
C LEU C 221 15.93 10.26 -38.96
N ASP C 222 15.30 10.55 -40.10
CA ASP C 222 14.71 9.52 -40.95
C ASP C 222 15.78 8.51 -41.33
N ALA C 223 16.95 9.03 -41.71
CA ALA C 223 18.06 8.18 -42.08
C ALA C 223 18.58 7.42 -40.86
N TYR C 224 18.77 8.15 -39.74
CA TYR C 224 19.24 7.52 -38.51
C TYR C 224 18.39 6.30 -38.13
N LEU C 225 17.07 6.50 -38.00
CA LEU C 225 16.17 5.42 -37.62
C LEU C 225 16.22 4.25 -38.59
N ASP C 226 16.27 4.55 -39.88
CA ASP C 226 16.33 3.49 -40.87
C ASP C 226 17.65 2.73 -40.75
N GLU C 227 18.69 3.42 -40.32
CA GLU C 227 20.00 2.80 -40.15
C GLU C 227 20.11 1.96 -38.86
N ARG C 228 19.46 2.43 -37.80
CA ARG C 228 19.79 1.98 -36.46
C ARG C 228 18.67 1.21 -35.77
N TRP C 229 17.49 1.18 -36.38
CA TRP C 229 16.31 0.62 -35.76
C TRP C 229 16.45 -0.86 -35.41
N ASP C 230 17.07 -1.60 -36.32
CA ASP C 230 17.31 -3.01 -36.15
C ASP C 230 18.18 -3.25 -34.90
N TRP C 231 19.23 -2.46 -34.75
CA TRP C 231 20.08 -2.59 -33.57
C TRP C 231 19.32 -2.20 -32.30
N LEU C 232 18.61 -1.08 -32.37
CA LEU C 232 17.87 -0.55 -31.23
C LEU C 232 16.78 -1.48 -30.72
N THR C 233 16.18 -2.25 -31.64
CA THR C 233 15.10 -3.18 -31.30
C THR C 233 15.60 -4.62 -31.16
N GLU C 234 16.91 -4.82 -31.25
CA GLU C 234 17.49 -6.16 -31.26
C GLU C 234 16.84 -7.06 -32.31
N GLY C 235 16.83 -6.61 -33.55
CA GLY C 235 16.28 -7.39 -34.64
C GLY C 235 14.76 -7.47 -34.61
N GLY C 236 14.12 -6.35 -34.26
CA GLY C 236 12.68 -6.24 -34.29
C GLY C 236 11.97 -6.96 -33.16
N ARG C 237 12.71 -7.32 -32.12
CA ARG C 237 12.17 -8.15 -31.06
C ARG C 237 11.69 -7.34 -29.84
N HIS C 238 12.26 -6.16 -29.64
CA HIS C 238 11.94 -5.37 -28.45
C HIS C 238 11.66 -3.90 -28.77
N ARG C 239 11.01 -3.24 -27.82
CA ARG C 239 10.65 -1.85 -27.99
C ARG C 239 11.78 -0.94 -27.55
N VAL C 240 11.71 0.32 -27.99
CA VAL C 240 12.75 1.29 -27.70
C VAL C 240 12.22 2.39 -26.80
N VAL C 241 12.92 2.66 -25.71
CA VAL C 241 12.54 3.77 -24.85
C VAL C 241 13.14 5.06 -25.40
N VAL C 242 12.33 6.10 -25.48
CA VAL C 242 12.75 7.42 -25.96
C VAL C 242 12.54 8.44 -24.85
N GLU C 243 13.59 9.14 -24.43
CA GLU C 243 13.37 10.13 -23.39
C GLU C 243 14.35 11.28 -23.39
N ARG C 244 14.02 12.31 -22.63
CA ARG C 244 14.87 13.50 -22.61
C ARG C 244 16.16 13.19 -21.83
N TYR C 245 17.29 13.53 -22.44
CA TYR C 245 18.59 13.33 -21.82
C TYR C 245 19.03 14.58 -21.06
N HIS C 246 19.57 14.38 -19.87
CA HIS C 246 20.04 15.51 -19.07
C HIS C 246 21.55 15.48 -18.89
N PRO C 247 22.28 16.22 -19.73
CA PRO C 247 23.76 16.23 -19.65
C PRO C 247 24.29 16.84 -18.35
N GLY C 248 25.47 16.40 -17.93
CA GLY C 248 26.09 16.92 -16.71
C GLY C 248 25.41 16.46 -15.44
N SER C 249 24.59 15.42 -15.53
CA SER C 249 23.88 14.95 -14.34
C SER C 249 24.78 13.99 -13.55
N ARG C 250 24.57 13.93 -12.23
CA ARG C 250 25.18 12.90 -11.40
C ARG C 250 24.22 11.71 -11.24
N ALA C 251 24.76 10.51 -11.06
CA ALA C 251 23.96 9.28 -11.05
C ALA C 251 23.93 8.62 -9.68
N TYR C 252 22.72 8.43 -9.16
CA TYR C 252 22.52 7.79 -7.88
C TYR C 252 21.65 6.55 -8.04
N PHE C 253 21.60 5.77 -6.96
CA PHE C 253 20.77 4.58 -6.94
C PHE C 253 20.26 4.43 -5.53
N ALA C 254 19.10 3.80 -5.42
CA ALA C 254 18.54 3.36 -4.14
C ALA C 254 18.11 1.92 -4.33
N GLU C 255 18.64 1.03 -3.51
CA GLU C 255 18.48 -0.39 -3.73
C GLU C 255 17.64 -1.01 -2.61
N PHE C 256 16.72 -1.90 -2.99
CA PHE C 256 15.68 -2.42 -2.10
C PHE C 256 15.63 -3.94 -2.10
N TRP C 257 15.27 -4.51 -0.95
CA TRP C 257 15.05 -5.93 -0.88
C TRP C 257 13.56 -6.14 -0.86
N ILE C 258 13.06 -6.84 -1.87
CA ILE C 258 11.63 -7.05 -1.98
C ILE C 258 11.30 -8.52 -1.70
N SER C 259 10.55 -8.72 -0.63
CA SER C 259 10.18 -10.05 -0.15
C SER C 259 8.67 -10.11 0.09
N ASP C 260 8.15 -11.28 0.44
CA ASP C 260 6.71 -11.46 0.71
C ASP C 260 6.18 -10.46 1.73
N GLY C 261 6.99 -10.16 2.75
CA GLY C 261 6.59 -9.25 3.80
C GLY C 261 6.62 -7.77 3.43
N GLY C 262 7.33 -7.44 2.35
CA GLY C 262 7.29 -6.08 1.85
C GLY C 262 8.58 -5.54 1.27
N VAL C 263 8.75 -4.23 1.41
CA VAL C 263 9.88 -3.54 0.81
C VAL C 263 10.82 -2.99 1.87
N ARG C 264 12.09 -3.36 1.77
CA ARG C 264 13.10 -2.96 2.75
C ARG C 264 14.21 -2.20 2.05
N LEU C 265 14.53 -1.01 2.55
CA LEU C 265 15.67 -0.27 2.00
C LEU C 265 16.97 -1.03 2.26
N GLY C 266 17.70 -1.32 1.19
CA GLY C 266 19.03 -1.88 1.32
C GLY C 266 20.04 -0.77 1.57
N GLY C 267 20.32 0.03 0.53
CA GLY C 267 21.18 1.19 0.66
C GLY C 267 21.07 2.09 -0.56
N HIS C 268 21.79 3.21 -0.52
CA HIS C 268 21.79 4.14 -1.63
C HIS C 268 23.21 4.65 -1.85
N GLY C 269 23.53 5.08 -3.06
CA GLY C 269 24.86 5.57 -3.33
C GLY C 269 24.95 6.39 -4.59
N GLU C 270 26.15 6.87 -4.90
CA GLU C 270 26.40 7.54 -6.14
C GLU C 270 27.33 6.76 -7.03
N ARG C 272 30.01 7.44 -9.60
CA ARG C 272 30.78 8.63 -9.87
C ARG C 272 31.43 8.68 -11.23
N TYR C 273 31.27 9.82 -11.89
CA TYR C 273 31.94 10.09 -13.16
C TYR C 273 33.09 11.06 -12.92
N ARG C 274 34.32 10.56 -12.88
CA ARG C 274 35.41 11.51 -12.70
C ARG C 274 36.69 11.14 -13.47
N PRO C 275 36.64 11.24 -14.81
CA PRO C 275 35.48 11.66 -15.60
C PRO C 275 34.58 10.49 -16.04
N LEU C 276 34.99 9.26 -15.77
CA LEU C 276 34.23 8.09 -16.22
C LEU C 276 33.69 7.30 -15.01
N PRO C 277 32.76 6.36 -15.24
CA PRO C 277 32.08 5.70 -14.11
C PRO C 277 32.88 4.56 -13.46
N ASP C 278 34.08 4.85 -12.99
CA ASP C 278 34.96 3.82 -12.46
C ASP C 278 34.87 3.65 -10.95
N SER C 279 33.94 4.35 -10.30
CA SER C 279 33.82 4.25 -8.84
C SER C 279 32.44 4.58 -8.32
N GLN C 280 32.14 4.09 -7.11
CA GLN C 280 30.92 4.44 -6.41
C GLN C 280 31.17 4.72 -4.94
N VAL C 281 30.25 5.41 -4.33
CA VAL C 281 30.37 5.81 -2.97
C VAL C 281 29.04 5.55 -2.35
N PRO C 283 27.23 5.70 1.65
CA PRO C 283 25.96 6.07 1.07
C PRO C 283 26.02 7.32 0.18
N ALA C 284 24.90 7.78 -0.33
CA ALA C 284 24.89 8.80 -1.33
C ALA C 284 25.28 10.15 -0.77
N PRO C 285 26.39 10.74 -1.38
CA PRO C 285 26.76 12.03 -0.80
C PRO C 285 26.24 13.25 -1.58
N ASP C 286 26.39 14.42 -0.98
CA ASP C 286 26.07 15.69 -1.64
C ASP C 286 24.59 15.85 -1.99
N LEU C 287 23.73 15.05 -1.35
CA LEU C 287 22.28 15.24 -1.44
C LEU C 287 21.75 15.86 -0.16
N ASP C 288 20.94 16.92 -0.26
CA ASP C 288 20.31 17.43 0.94
C ASP C 288 19.16 16.50 1.34
N GLN C 289 18.46 16.84 2.42
CA GLN C 289 17.45 15.94 2.98
C GLN C 289 16.31 15.70 1.99
N ALA C 290 15.91 16.77 1.29
CA ALA C 290 14.83 16.71 0.32
C ALA C 290 15.14 15.79 -0.84
N GLN C 291 16.37 15.88 -1.35
CA GLN C 291 16.79 15.03 -2.48
C GLN C 291 16.99 13.58 -2.07
N LEU C 292 17.40 13.35 -0.83
CA LEU C 292 17.63 11.98 -0.36
C LEU C 292 16.27 11.33 -0.15
N ASP C 293 15.34 12.09 0.42
CA ASP C 293 13.97 11.64 0.59
C ASP C 293 13.33 11.32 -0.76
N ASP C 294 13.63 12.10 -1.79
CA ASP C 294 13.09 11.87 -3.13
C ASP C 294 13.65 10.62 -3.77
N LEU C 295 14.95 10.41 -3.55
CA LEU C 295 15.65 9.22 -4.01
C LEU C 295 15.05 7.94 -3.42
N VAL C 296 14.87 7.93 -2.10
CA VAL C 296 14.47 6.70 -1.43
C VAL C 296 12.98 6.51 -1.53
N GLU C 297 12.20 7.58 -1.41
CA GLU C 297 10.75 7.44 -1.44
C GLU C 297 10.25 7.12 -2.85
N GLY C 298 10.94 7.64 -3.87
CA GLY C 298 10.62 7.32 -5.24
C GLY C 298 10.91 5.85 -5.54
N GLY C 299 12.12 5.43 -5.17
CA GLY C 299 12.52 4.04 -5.27
C GLY C 299 11.54 3.12 -4.54
N ARG C 300 11.15 3.49 -3.33
CA ARG C 300 10.25 2.67 -2.52
C ARG C 300 8.84 2.51 -3.15
N ARG C 301 8.33 3.57 -3.78
CA ARG C 301 7.02 3.51 -4.46
C ARG C 301 7.08 2.60 -5.67
N LEU C 302 8.12 2.76 -6.47
CA LEU C 302 8.35 1.87 -7.57
C LEU C 302 8.34 0.40 -7.09
N CYS C 303 9.10 0.12 -6.03
CA CYS C 303 9.22 -1.23 -5.47
C CYS C 303 7.92 -1.81 -4.93
N VAL C 304 7.14 -0.97 -4.26
CA VAL C 304 5.82 -1.34 -3.79
C VAL C 304 4.93 -1.86 -4.93
N ALA C 305 5.08 -1.26 -6.11
CA ALA C 305 4.31 -1.71 -7.28
C ALA C 305 4.87 -3.02 -7.80
N LEU C 306 6.19 -3.11 -7.91
CA LEU C 306 6.82 -4.36 -8.34
C LEU C 306 6.46 -5.50 -7.41
N HIS C 307 6.32 -5.18 -6.12
CA HIS C 307 5.98 -6.17 -5.09
C HIS C 307 4.56 -6.70 -5.33
N ALA C 308 3.64 -5.78 -5.58
CA ALA C 308 2.25 -6.12 -5.83
C ALA C 308 2.10 -7.04 -7.03
N LEU C 309 2.90 -6.83 -8.08
CA LEU C 309 2.75 -7.66 -9.28
C LEU C 309 3.49 -8.98 -9.13
N GLY C 310 4.27 -9.13 -8.06
CA GLY C 310 4.90 -10.39 -7.74
C GLY C 310 6.43 -10.45 -7.76
N TYR C 311 7.10 -9.36 -8.07
CA TYR C 311 8.55 -9.42 -8.13
C TYR C 311 9.10 -9.71 -6.72
N ARG C 312 10.06 -10.61 -6.64
CA ARG C 312 10.74 -10.86 -5.37
C ARG C 312 12.26 -10.85 -5.58
N GLY C 313 12.98 -10.14 -4.74
CA GLY C 313 14.44 -10.16 -4.83
C GLY C 313 15.04 -8.80 -4.60
N VAL C 314 16.17 -8.51 -5.24
CA VAL C 314 16.78 -7.19 -5.08
C VAL C 314 16.34 -6.28 -6.23
N LEU C 315 16.05 -5.03 -5.89
CA LEU C 315 15.65 -4.06 -6.91
C LEU C 315 16.44 -2.77 -6.78
N SER C 316 17.38 -2.54 -7.69
CA SER C 316 18.07 -1.24 -7.68
C SER C 316 17.39 -0.20 -8.58
N ALA C 317 16.93 0.90 -7.99
CA ALA C 317 16.35 2.00 -8.75
C ALA C 317 17.39 3.08 -9.06
N ASP C 318 17.68 3.27 -10.33
CA ASP C 318 18.64 4.28 -10.75
C ASP C 318 17.96 5.60 -11.06
N ALA C 319 18.62 6.68 -10.66
CA ALA C 319 18.08 8.01 -10.82
C ALA C 319 19.20 8.97 -11.20
N VAL C 320 18.85 10.13 -11.78
CA VAL C 320 19.85 11.17 -11.91
C VAL C 320 19.45 12.41 -11.12
N VAL C 321 20.44 13.20 -10.73
CA VAL C 321 20.17 14.50 -10.16
C VAL C 321 20.60 15.52 -11.19
N THR C 322 19.63 16.25 -11.75
CA THR C 322 19.90 17.23 -12.80
C THR C 322 20.72 18.40 -12.27
N PRO C 323 21.33 19.19 -13.16
CA PRO C 323 22.05 20.36 -12.65
C PRO C 323 21.15 21.33 -11.86
N ALA C 324 19.84 21.26 -12.08
CA ALA C 324 18.87 22.04 -11.30
C ALA C 324 18.49 21.37 -9.98
N GLY C 325 19.10 20.22 -9.68
CA GLY C 325 18.86 19.55 -8.41
C GLY C 325 17.60 18.70 -8.36
N GLU C 326 17.11 18.30 -9.52
CA GLU C 326 15.91 17.49 -9.58
C GLU C 326 16.21 15.98 -9.68
N VAL C 327 15.53 15.21 -8.84
CA VAL C 327 15.74 13.78 -8.84
C VAL C 327 14.76 13.11 -9.81
N LEU C 328 15.30 12.49 -10.87
CA LEU C 328 14.55 11.80 -11.90
C LEU C 328 15.03 10.38 -12.04
N PHE C 329 14.10 9.42 -11.93
CA PHE C 329 14.44 8.01 -12.07
C PHE C 329 14.48 7.59 -13.53
N THR C 330 15.41 6.70 -13.85
CA THR C 330 15.68 6.40 -15.26
C THR C 330 15.59 4.91 -15.62
N GLU C 331 15.80 4.03 -14.64
CA GLU C 331 15.71 2.59 -14.87
C GLU C 331 15.58 1.86 -13.56
N HIS C 332 15.09 0.62 -13.60
CA HIS C 332 15.28 -0.24 -12.43
C HIS C 332 16.07 -1.48 -12.85
N ASN C 333 16.64 -2.14 -11.85
CA ASN C 333 17.50 -3.29 -12.09
C ASN C 333 17.18 -4.37 -11.05
N GLY C 334 16.46 -5.38 -11.47
CA GLY C 334 16.09 -6.48 -10.61
C GLY C 334 17.11 -7.61 -10.63
N ARG C 335 18.05 -7.54 -9.69
CA ARG C 335 19.18 -8.45 -9.60
C ARG C 335 20.05 -7.93 -8.49
N ALA C 336 20.95 -8.78 -8.00
CA ALA C 336 22.00 -8.34 -7.07
C ALA C 336 23.03 -7.64 -7.95
N THR C 337 23.24 -6.35 -7.71
CA THR C 337 24.10 -5.57 -8.60
C THR C 337 25.55 -5.51 -8.11
N GLY C 338 26.32 -4.59 -8.70
CA GLY C 338 27.70 -4.38 -8.29
C GLY C 338 27.78 -3.75 -6.91
N SER C 339 26.66 -3.20 -6.45
CA SER C 339 26.59 -2.53 -5.16
C SER C 339 26.07 -3.40 -4.01
N THR C 340 25.39 -4.51 -4.33
CA THR C 340 24.52 -5.12 -3.34
C THR C 340 25.29 -5.69 -2.13
N HIS C 341 26.33 -6.49 -2.39
CA HIS C 341 27.13 -7.04 -1.30
C HIS C 341 27.97 -5.96 -0.59
N ILE C 342 28.12 -4.79 -1.21
CA ILE C 342 28.96 -3.76 -0.61
C ILE C 342 28.27 -3.08 0.56
N TYR C 343 27.08 -2.52 0.34
CA TYR C 343 26.36 -1.94 1.48
C TYR C 343 25.73 -3.00 2.40
N GLU C 344 25.32 -4.13 1.84
CA GLU C 344 24.54 -5.08 2.63
C GLU C 344 25.43 -5.91 3.52
N ILE C 345 26.55 -6.37 2.95
CA ILE C 345 27.47 -7.21 3.74
C ILE C 345 28.68 -6.43 4.24
N VAL C 346 29.52 -5.93 3.32
CA VAL C 346 30.70 -5.17 3.75
C VAL C 346 30.31 -4.02 4.69
N GLY C 347 29.25 -3.28 4.35
CA GLY C 347 28.82 -2.19 5.20
C GLY C 347 28.11 -2.60 6.48
N LYS C 348 26.92 -3.19 6.34
CA LYS C 348 26.09 -3.49 7.50
C LYS C 348 26.65 -4.61 8.39
N ARG C 349 27.38 -5.55 7.82
CA ARG C 349 27.79 -6.76 8.57
C ARG C 349 29.24 -6.67 9.08
N VAL C 350 30.14 -6.26 8.19
CA VAL C 350 31.56 -6.19 8.49
C VAL C 350 31.92 -4.92 9.26
N VAL C 351 31.60 -3.77 8.71
CA VAL C 351 31.85 -2.51 9.38
C VAL C 351 30.88 -2.33 10.55
N GLY C 352 29.64 -2.75 10.35
CA GLY C 352 28.64 -2.70 11.40
C GLY C 352 27.79 -1.44 11.40
N PRO C 353 27.15 -1.15 12.54
CA PRO C 353 26.19 -0.05 12.70
C PRO C 353 26.75 1.32 12.38
N GLY C 354 28.06 1.50 12.47
CA GLY C 354 28.68 2.77 12.14
C GLY C 354 28.61 3.13 10.66
N PHE C 355 28.48 2.14 9.78
CA PHE C 355 28.36 2.41 8.35
C PHE C 355 27.10 3.22 8.07
N GLY C 356 27.28 4.31 7.36
CA GLY C 356 26.20 5.24 7.09
C GLY C 356 26.05 6.30 8.15
N THR C 357 26.93 6.28 9.16
CA THR C 357 26.90 7.29 10.21
C THR C 357 28.28 7.88 10.48
N ASP C 358 29.30 7.03 10.63
CA ASP C 358 30.66 7.55 10.74
C ASP C 358 31.64 6.87 9.77
N ARG C 359 31.12 5.98 8.93
CA ARG C 359 31.92 5.33 7.89
C ARG C 359 31.20 5.38 6.55
N ILE C 360 31.98 5.57 5.49
CA ILE C 360 31.47 5.51 4.13
C ILE C 360 32.26 4.45 3.39
N LEU C 361 31.74 3.98 2.25
CA LEU C 361 32.42 2.98 1.44
C LEU C 361 32.73 3.56 0.07
N LEU C 362 33.94 3.30 -0.41
CA LEU C 362 34.33 3.77 -1.73
C LEU C 362 34.92 2.61 -2.50
N GLU C 363 34.28 2.25 -3.60
CA GLU C 363 34.75 1.14 -4.41
C GLU C 363 35.26 1.64 -5.74
N ARG C 364 36.31 1.03 -6.25
CA ARG C 364 36.87 1.49 -7.51
C ARG C 364 37.34 0.35 -8.38
N VAL C 365 36.93 0.36 -9.64
CA VAL C 365 37.46 -0.56 -10.63
C VAL C 365 38.98 -0.53 -10.59
N TRP C 366 39.59 -1.70 -10.42
CA TRP C 366 41.04 -1.84 -10.47
C TRP C 366 41.64 -1.11 -11.68
N PRO C 367 42.32 0.02 -11.43
CA PRO C 367 42.87 0.84 -12.52
C PRO C 367 43.94 0.10 -13.31
N GLU C 368 43.95 0.23 -14.63
CA GLU C 368 44.86 -0.57 -15.46
C GLU C 368 46.31 -0.13 -15.23
N GLY C 369 46.50 0.98 -14.51
CA GLY C 369 47.82 1.36 -14.06
C GLY C 369 48.41 0.39 -13.04
N TRP C 370 47.54 -0.31 -12.31
CA TRP C 370 47.95 -1.18 -11.20
C TRP C 370 48.17 -2.64 -11.63
N GLU C 371 48.84 -3.39 -10.76
CA GLU C 371 49.02 -4.83 -10.95
C GLU C 371 49.42 -5.52 -9.64
N ALA C 372 48.85 -6.69 -9.40
CA ALA C 372 49.26 -7.55 -8.29
C ALA C 372 49.60 -8.92 -8.85
N PRO C 373 50.64 -9.57 -8.31
CA PRO C 373 51.11 -10.84 -8.90
C PRO C 373 50.06 -11.94 -8.77
N SER C 374 49.29 -11.88 -7.70
CA SER C 374 48.28 -12.87 -7.36
C SER C 374 47.31 -12.26 -6.37
N PHE C 375 46.28 -13.00 -5.98
CA PHE C 375 45.40 -12.57 -4.90
C PHE C 375 46.21 -12.37 -3.62
N ALA C 376 47.02 -13.38 -3.30
CA ALA C 376 47.79 -13.41 -2.07
C ALA C 376 48.79 -12.26 -2.01
N GLY C 377 49.41 -11.98 -3.15
CA GLY C 377 50.33 -10.87 -3.24
C GLY C 377 49.63 -9.55 -2.94
N ALA C 378 48.41 -9.39 -3.44
CA ALA C 378 47.61 -8.22 -3.15
C ALA C 378 47.35 -8.09 -1.65
N LEU C 379 46.87 -9.19 -1.07
CA LEU C 379 46.58 -9.28 0.37
C LEU C 379 47.81 -8.94 1.22
N THR C 380 48.96 -9.49 0.82
CA THR C 380 50.18 -9.35 1.59
C THR C 380 50.74 -7.91 1.63
N ARG C 381 50.75 -7.25 0.48
CA ARG C 381 51.23 -5.86 0.42
C ARG C 381 50.32 -4.94 1.25
N LEU C 382 49.02 -5.14 1.13
CA LEU C 382 48.05 -4.39 1.93
C LEU C 382 48.23 -4.65 3.43
N ARG C 383 48.49 -5.91 3.79
CA ARG C 383 48.67 -6.27 5.20
C ARG C 383 49.93 -5.65 5.77
N ASP C 384 51.04 -5.80 5.04
CA ASP C 384 52.34 -5.33 5.53
C ASP C 384 52.47 -3.81 5.53
N SER C 385 51.67 -3.15 4.70
CA SER C 385 51.66 -1.69 4.68
C SER C 385 50.77 -1.13 5.78
N GLY C 386 49.78 -1.93 6.21
CA GLY C 386 48.81 -1.46 7.18
C GLY C 386 47.59 -0.84 6.49
N HIS C 387 47.52 -0.95 5.17
CA HIS C 387 46.38 -0.41 4.44
C HIS C 387 45.17 -1.36 4.34
N LEU C 388 45.41 -2.66 4.50
CA LEU C 388 44.36 -3.66 4.61
C LEU C 388 43.30 -3.25 5.63
N TYR C 389 42.03 -3.44 5.31
CA TYR C 389 40.96 -3.14 6.26
C TYR C 389 41.17 -3.85 7.59
N ASP C 390 40.98 -3.10 8.68
CA ASP C 390 41.25 -3.58 10.03
C ASP C 390 39.98 -3.47 10.87
N PRO C 391 39.41 -4.62 11.27
CA PRO C 391 38.20 -4.68 12.09
C PRO C 391 38.30 -3.87 13.38
N GLU C 392 39.51 -3.71 13.90
CA GLU C 392 39.68 -2.95 15.12
C GLU C 392 39.52 -1.44 14.90
N THR C 393 39.97 -0.94 13.75
CA THR C 393 39.88 0.48 13.46
C THR C 393 38.67 0.82 12.58
N ARG C 394 38.14 -0.20 11.91
CA ARG C 394 37.06 -0.01 10.92
C ARG C 394 37.52 0.94 9.81
N ARG C 395 38.79 0.80 9.43
CA ARG C 395 39.38 1.54 8.31
C ARG C 395 40.25 0.64 7.44
N GLY C 396 40.31 0.96 6.15
CA GLY C 396 41.28 0.38 5.24
C GLY C 396 40.62 -0.22 4.02
N ALA C 397 41.40 -0.92 3.20
CA ALA C 397 40.92 -1.55 2.00
C ALA C 397 40.36 -2.96 2.23
N VAL C 398 39.13 -3.17 1.79
CA VAL C 398 38.57 -4.51 1.77
C VAL C 398 38.77 -5.06 0.38
N ILE C 399 39.26 -6.27 0.26
CA ILE C 399 39.36 -6.90 -1.04
C ILE C 399 37.99 -7.49 -1.39
N LEU C 400 37.32 -6.91 -2.39
CA LEU C 400 35.96 -7.31 -2.76
C LEU C 400 35.88 -8.53 -3.66
N ALA C 401 36.83 -8.66 -4.58
CA ALA C 401 36.70 -9.65 -5.64
C ALA C 401 37.92 -10.56 -5.72
N ALA C 402 37.72 -11.72 -6.35
CA ALA C 402 38.78 -12.68 -6.55
C ALA C 402 39.86 -12.13 -7.46
N TYR C 403 40.97 -12.85 -7.56
CA TYR C 403 42.04 -12.41 -8.42
C TYR C 403 41.63 -12.52 -9.89
N ASN C 404 41.64 -11.38 -10.56
CA ASN C 404 41.38 -11.28 -11.98
C ASN C 404 42.68 -11.49 -12.77
N THR C 405 42.80 -12.63 -13.44
CA THR C 405 44.04 -12.96 -14.15
C THR C 405 44.21 -12.13 -15.41
N HIS C 406 43.11 -11.60 -15.94
CA HIS C 406 43.20 -10.73 -17.10
C HIS C 406 43.80 -9.38 -16.66
N ARG C 407 43.14 -8.73 -15.71
CA ARG C 407 43.54 -7.41 -15.25
C ARG C 407 44.75 -7.40 -14.29
N LYS C 408 45.29 -8.58 -13.99
CA LYS C 408 46.35 -8.74 -12.99
C LYS C 408 46.06 -7.97 -11.69
N GLY C 409 44.84 -8.11 -11.17
CA GLY C 409 44.48 -7.41 -9.95
C GLY C 409 43.25 -7.95 -9.25
N VAL C 410 42.81 -7.27 -8.21
CA VAL C 410 41.59 -7.60 -7.53
C VAL C 410 40.59 -6.48 -7.74
N LEU C 412 38.97 -3.20 -5.02
CA LEU C 412 39.01 -2.77 -3.64
C LEU C 412 37.87 -1.89 -3.17
N CYS C 413 37.58 -1.99 -1.91
CA CYS C 413 36.61 -1.10 -1.30
C CYS C 413 37.29 -0.37 -0.14
N TYR C 414 37.41 0.95 -0.23
CA TYR C 414 38.07 1.74 0.81
C TYR C 414 37.07 2.16 1.86
N VAL C 415 37.30 1.76 3.11
CA VAL C 415 36.42 2.14 4.20
C VAL C 415 37.02 3.25 5.01
N ALA C 416 36.32 4.37 5.10
CA ALA C 416 36.87 5.54 5.75
C ALA C 416 35.80 6.34 6.43
N GLU C 417 36.21 7.38 7.13
CA GLU C 417 35.29 8.25 7.82
C GLU C 417 34.50 9.12 6.83
N ASP C 418 35.12 9.44 5.71
CA ASP C 418 34.45 10.19 4.64
C ASP C 418 35.18 10.00 3.32
N LEU C 419 34.60 10.56 2.26
CA LEU C 419 35.13 10.41 0.91
C LEU C 419 36.57 10.95 0.78
N GLU C 420 36.89 12.04 1.49
CA GLU C 420 38.24 12.58 1.38
C GLU C 420 39.24 11.62 2.00
N ALA C 421 38.92 11.08 3.18
CA ALA C 421 39.78 10.08 3.82
C ALA C 421 39.88 8.81 2.95
N ALA C 422 38.78 8.38 2.33
CA ALA C 422 38.84 7.22 1.42
C ALA C 422 39.83 7.44 0.26
N LEU C 423 39.76 8.62 -0.37
CA LEU C 423 40.67 8.97 -1.46
C LEU C 423 42.15 9.09 -1.05
N HIS C 424 42.40 9.54 0.16
CA HIS C 424 43.74 9.46 0.72
C HIS C 424 44.19 8.03 0.92
N ARG C 425 43.33 7.18 1.50
CA ARG C 425 43.65 5.78 1.59
C ARG C 425 44.01 5.22 0.26
N GLU C 426 43.15 5.42 -0.72
CA GLU C 426 43.43 4.90 -2.07
C GLU C 426 44.72 5.42 -2.70
N GLU C 427 44.94 6.72 -2.61
CA GLU C 427 46.17 7.34 -3.08
C GLU C 427 47.38 6.68 -2.44
N SER C 428 47.26 6.39 -1.15
CA SER C 428 48.32 5.69 -0.43
C SER C 428 48.49 4.27 -0.98
N VAL C 429 47.37 3.58 -1.24
CA VAL C 429 47.41 2.20 -1.71
C VAL C 429 48.02 2.07 -3.12
N SER C 430 47.93 3.12 -3.92
CA SER C 430 48.57 3.14 -5.24
C SER C 430 50.09 2.84 -5.20
N ARG C 431 50.78 3.18 -4.10
CA ARG C 431 52.23 2.91 -4.01
C ARG C 431 52.55 1.42 -4.04
N LEU C 432 51.66 0.62 -3.46
CA LEU C 432 51.82 -0.83 -3.43
C LEU C 432 51.75 -1.45 -4.82
N PHE C 433 50.90 -0.90 -5.67
CA PHE C 433 50.58 -1.52 -6.96
C PHE C 433 50.94 -0.64 -8.16
N ARG D 2 9.79 -18.21 31.01
CA ARG D 2 8.98 -17.15 30.54
C ARG D 2 8.21 -16.64 31.72
N LEU D 3 7.97 -15.37 31.74
CA LEU D 3 7.11 -14.84 32.79
C LEU D 3 5.68 -14.65 32.26
N LEU D 4 4.72 -15.26 32.94
CA LEU D 4 3.33 -15.30 32.49
C LEU D 4 2.44 -14.54 33.45
N VAL D 5 1.77 -13.50 32.95
CA VAL D 5 1.00 -12.65 33.84
C VAL D 5 -0.50 -12.78 33.60
N GLY D 6 -1.22 -13.22 34.63
CA GLY D 6 -2.66 -13.40 34.53
C GLY D 6 -3.40 -12.14 34.90
N ASN D 7 -3.12 -11.06 34.17
CA ASN D 7 -3.77 -9.81 34.50
C ASN D 7 -5.15 -9.72 33.85
N ASP D 8 -5.94 -8.81 34.38
CA ASP D 8 -7.32 -8.62 33.99
C ASP D 8 -7.50 -7.34 33.15
N TRP D 9 -8.75 -7.02 32.84
CA TRP D 9 -9.09 -5.81 32.10
C TRP D 9 -8.39 -4.61 32.73
N SER D 10 -7.90 -3.70 31.90
CA SER D 10 -7.07 -2.58 32.36
C SER D 10 -7.67 -1.78 33.51
N GLU D 11 -6.86 -1.60 34.55
CA GLU D 11 -7.19 -0.71 35.67
C GLU D 11 -7.37 0.73 35.20
N GLU D 12 -6.75 1.09 34.07
CA GLU D 12 -6.97 2.43 33.53
C GLU D 12 -8.41 2.65 33.04
N LEU D 13 -9.07 1.60 32.55
CA LEU D 13 -10.45 1.74 32.02
C LEU D 13 -11.53 1.55 33.07
N ALA D 14 -11.36 0.55 33.93
CA ALA D 14 -12.35 0.27 34.96
C ALA D 14 -11.70 -0.34 36.20
N GLU D 15 -12.33 -0.13 37.34
CA GLU D 15 -11.96 -0.83 38.57
C GLU D 15 -12.40 -2.29 38.45
N PRO D 16 -11.46 -3.23 38.60
CA PRO D 16 -11.78 -4.65 38.49
C PRO D 16 -12.28 -5.24 39.82
N THR D 17 -13.28 -4.61 40.42
CA THR D 17 -13.73 -4.99 41.76
C THR D 17 -14.60 -6.24 41.79
N GLY D 18 -15.00 -6.72 40.62
CA GLY D 18 -15.89 -7.86 40.55
C GLY D 18 -15.19 -9.17 40.24
N SER D 19 -13.91 -9.09 39.89
CA SER D 19 -13.13 -10.29 39.59
C SER D 19 -12.96 -11.17 40.83
N THR D 20 -12.94 -12.49 40.61
CA THR D 20 -12.75 -13.47 41.68
C THR D 20 -11.47 -14.26 41.53
N GLY D 21 -10.73 -14.03 40.45
CA GLY D 21 -9.50 -14.75 40.21
C GLY D 21 -9.62 -16.00 39.35
N TRP D 22 -10.84 -16.37 38.97
CA TRP D 22 -11.11 -17.63 38.26
C TRP D 22 -10.73 -17.60 36.78
N ALA D 23 -11.12 -16.53 36.07
CA ALA D 23 -10.95 -16.48 34.61
C ALA D 23 -9.50 -16.48 34.15
N VAL D 24 -8.64 -15.80 34.90
CA VAL D 24 -7.23 -15.68 34.52
C VAL D 24 -6.45 -16.98 34.75
N GLN D 25 -7.05 -17.92 35.47
CA GLN D 25 -6.41 -19.23 35.62
C GLN D 25 -6.30 -19.99 34.28
N ARG D 26 -6.83 -19.44 33.21
CA ARG D 26 -6.61 -20.00 31.88
C ARG D 26 -5.16 -19.84 31.44
N LEU D 27 -4.44 -18.97 32.15
CA LEU D 27 -3.01 -18.77 31.97
C LEU D 27 -2.25 -20.09 31.94
N VAL D 28 -2.64 -21.00 32.83
CA VAL D 28 -1.96 -22.29 32.98
C VAL D 28 -1.86 -23.05 31.68
N TRP D 29 -2.87 -22.91 30.82
CA TRP D 29 -2.86 -23.58 29.52
C TRP D 29 -1.64 -23.17 28.68
N PHE D 30 -1.21 -21.92 28.83
CA PHE D 30 -0.09 -21.38 28.08
C PHE D 30 1.26 -21.72 28.69
N ALA D 31 1.24 -22.31 29.88
CA ALA D 31 2.47 -22.58 30.62
C ALA D 31 3.34 -23.60 29.91
N ARG D 32 4.63 -23.30 29.78
CA ARG D 32 5.56 -24.27 29.23
C ARG D 32 6.62 -24.56 30.30
N ASP D 33 7.49 -25.51 30.00
CA ASP D 33 8.44 -26.00 31.01
C ASP D 33 9.30 -24.90 31.63
N GLY D 34 9.26 -24.82 32.95
CA GLY D 34 10.12 -23.90 33.68
C GLY D 34 9.54 -22.53 33.88
N ASP D 35 8.35 -22.27 33.33
CA ASP D 35 7.79 -20.92 33.40
C ASP D 35 7.38 -20.54 34.82
N VAL D 36 7.13 -19.25 34.99
CA VAL D 36 6.73 -18.65 36.26
C VAL D 36 5.43 -17.91 36.01
N LEU D 37 4.44 -18.14 36.87
CA LEU D 37 3.11 -17.65 36.59
C LEU D 37 2.68 -16.67 37.67
N VAL D 38 2.24 -15.49 37.25
CA VAL D 38 1.72 -14.52 38.20
C VAL D 38 0.21 -14.56 38.16
N LEU D 39 -0.39 -14.97 39.28
CA LEU D 39 -1.84 -15.07 39.37
C LEU D 39 -2.36 -14.34 40.60
N PRO D 40 -3.61 -13.86 40.55
CA PRO D 40 -4.20 -13.19 41.72
C PRO D 40 -4.63 -14.18 42.78
N VAL D 41 -4.94 -15.38 42.34
CA VAL D 41 -5.45 -16.41 43.23
C VAL D 41 -4.75 -17.71 42.86
N ALA D 42 -4.32 -18.46 43.86
CA ALA D 42 -3.67 -19.73 43.62
C ALA D 42 -4.67 -20.73 43.07
N PRO D 43 -4.33 -21.35 41.94
CA PRO D 43 -5.14 -22.43 41.34
C PRO D 43 -5.10 -23.68 42.20
N GLN D 44 -6.18 -24.45 42.23
CA GLN D 44 -6.16 -25.74 42.89
C GLN D 44 -5.13 -26.59 42.19
N GLU D 45 -4.46 -27.42 42.98
CA GLU D 45 -3.43 -28.33 42.50
C GLU D 45 -3.99 -29.32 41.48
N GLU D 46 -5.17 -29.83 41.75
CA GLU D 46 -5.80 -30.79 40.83
C GLU D 46 -5.98 -30.16 39.45
N PHE D 47 -6.38 -28.89 39.40
CA PHE D 47 -6.49 -28.20 38.12
C PHE D 47 -5.14 -28.14 37.42
N LEU D 48 -4.12 -27.71 38.18
CA LEU D 48 -2.78 -27.55 37.65
C LEU D 48 -2.21 -28.86 37.12
N ALA D 49 -2.36 -29.94 37.89
CA ALA D 49 -1.97 -31.28 37.46
C ALA D 49 -2.67 -31.69 36.17
N TYR D 50 -3.99 -31.50 36.16
CA TYR D 50 -4.77 -31.85 34.99
C TYR D 50 -4.37 -31.06 33.72
N VAL D 51 -4.19 -29.76 33.82
CA VAL D 51 -3.87 -29.02 32.61
C VAL D 51 -2.50 -29.46 32.08
N THR D 52 -1.51 -29.55 32.98
CA THR D 52 -0.14 -29.86 32.59
C THR D 52 0.03 -31.30 32.05
N SER D 53 -0.77 -32.24 32.52
CA SER D 53 -0.73 -33.59 31.96
C SER D 53 -1.22 -33.59 30.50
N LEU D 54 -2.25 -32.81 30.24
CA LEU D 54 -2.71 -32.66 28.86
C LEU D 54 -1.73 -31.88 28.00
N THR D 55 -1.17 -30.80 28.54
CA THR D 55 -0.25 -30.00 27.70
C THR D 55 1.14 -30.58 27.63
N GLY D 56 1.42 -31.61 28.43
CA GLY D 56 2.72 -32.26 28.40
C GLY D 56 3.80 -31.44 29.10
N THR D 57 3.38 -30.39 29.80
CA THR D 57 4.29 -29.54 30.56
C THR D 57 4.61 -30.18 31.92
N ARG D 58 5.87 -30.15 32.33
CA ARG D 58 6.26 -30.73 33.62
C ARG D 58 5.88 -29.78 34.76
N ARG D 59 4.89 -30.18 35.55
CA ARG D 59 4.28 -29.31 36.55
C ARG D 59 5.24 -28.87 37.65
N SER D 60 6.12 -29.78 38.05
CA SER D 60 7.09 -29.49 39.09
C SER D 60 8.12 -28.45 38.63
N SER D 61 8.26 -28.29 37.33
CA SER D 61 9.14 -27.28 36.78
C SER D 61 8.52 -25.88 36.87
N LEU D 62 7.24 -25.82 37.20
CA LEU D 62 6.53 -24.54 37.19
C LEU D 62 6.51 -23.92 38.57
N THR D 63 6.43 -22.59 38.61
CA THR D 63 6.27 -21.85 39.85
C THR D 63 5.10 -20.88 39.70
N VAL D 64 4.24 -20.83 40.71
CA VAL D 64 3.16 -19.86 40.74
C VAL D 64 3.42 -18.82 41.82
N VAL D 65 3.46 -17.54 41.44
CA VAL D 65 3.63 -16.50 42.44
C VAL D 65 2.36 -15.69 42.60
N VAL D 66 1.88 -15.61 43.83
CA VAL D 66 0.65 -14.88 44.13
C VAL D 66 1.00 -13.69 45.01
N PRO D 67 0.76 -12.47 44.51
CA PRO D 67 1.04 -11.26 45.29
C PRO D 67 0.13 -11.29 46.50
N PRO D 68 0.50 -10.57 47.57
CA PRO D 68 -0.45 -10.44 48.68
C PRO D 68 -1.67 -9.65 48.22
N PRO D 69 -2.70 -9.53 49.06
CA PRO D 69 -3.88 -8.79 48.57
C PRO D 69 -3.60 -7.30 48.43
N GLY D 70 -4.40 -6.63 47.59
CA GLY D 70 -4.25 -5.21 47.34
C GLY D 70 -5.49 -4.44 47.73
N ARG D 71 -5.68 -3.25 47.15
CA ARG D 71 -6.76 -2.36 47.61
C ARG D 71 -8.16 -2.88 47.26
N LEU D 72 -8.25 -3.72 46.23
CA LEU D 72 -9.53 -4.29 45.81
C LEU D 72 -9.64 -5.75 46.23
N GLY D 73 -8.62 -6.24 46.93
CA GLY D 73 -8.63 -7.60 47.43
C GLY D 73 -7.67 -8.52 46.69
N ALA D 74 -8.08 -9.78 46.53
CA ALA D 74 -7.22 -10.76 45.90
C ALA D 74 -7.71 -11.16 44.51
N GLY D 75 -8.91 -10.69 44.14
CA GLY D 75 -9.55 -11.11 42.90
C GLY D 75 -8.79 -10.82 41.61
N ALA D 76 -8.03 -9.72 41.59
CA ALA D 76 -7.39 -9.30 40.35
C ALA D 76 -6.03 -8.62 40.59
N LEU D 77 -5.15 -8.72 39.59
CA LEU D 77 -3.81 -8.17 39.72
C LEU D 77 -3.82 -6.65 39.54
N THR D 78 -4.17 -5.95 40.60
CA THR D 78 -4.16 -4.50 40.59
C THR D 78 -2.72 -4.02 40.64
N ALA D 79 -2.51 -2.81 40.13
CA ALA D 79 -1.19 -2.20 40.00
C ALA D 79 -0.35 -2.22 41.27
N ASP D 80 -1.03 -2.06 42.41
CA ASP D 80 -0.33 -1.97 43.69
C ASP D 80 0.09 -3.36 44.18
N ARG D 81 -0.63 -4.39 43.74
CA ARG D 81 -0.24 -5.76 44.06
C ARG D 81 1.05 -6.12 43.33
N LEU D 82 1.16 -5.66 42.08
CA LEU D 82 2.31 -5.99 41.23
C LEU D 82 3.54 -5.14 41.53
N ALA D 83 3.37 -4.06 42.29
CA ALA D 83 4.51 -3.22 42.68
C ALA D 83 4.91 -3.48 44.12
N ASP D 84 4.14 -4.34 44.78
CA ASP D 84 4.43 -4.76 46.15
C ASP D 84 5.83 -5.37 46.24
N PRO D 85 6.67 -4.83 47.15
CA PRO D 85 8.02 -5.32 47.43
C PRO D 85 8.05 -6.79 47.83
N ARG D 86 7.08 -7.21 48.64
CA ARG D 86 6.98 -8.62 49.05
C ARG D 86 6.76 -9.51 47.84
N PHE D 87 6.02 -9.00 46.84
CA PHE D 87 5.72 -9.79 45.66
C PHE D 87 6.91 -9.80 44.70
N LEU D 88 7.58 -8.67 44.60
CA LEU D 88 8.73 -8.59 43.70
C LEU D 88 9.88 -9.45 44.20
N ALA D 89 10.05 -9.50 45.53
CA ALA D 89 11.06 -10.39 46.13
C ALA D 89 10.72 -11.87 45.86
N ALA D 90 9.48 -12.26 46.15
CA ALA D 90 9.04 -13.63 45.88
C ALA D 90 9.19 -14.00 44.40
N LEU D 91 9.03 -13.00 43.54
CA LEU D 91 9.16 -13.21 42.11
C LEU D 91 10.63 -13.44 41.72
N ARG D 92 11.54 -12.63 42.27
CA ARG D 92 12.95 -12.81 41.96
C ARG D 92 13.43 -14.14 42.52
N GLU D 93 12.84 -14.59 43.62
CA GLU D 93 13.18 -15.91 44.13
C GLU D 93 12.68 -17.03 43.21
N ALA D 94 11.50 -16.85 42.62
CA ALA D 94 10.96 -17.87 41.71
C ALA D 94 11.86 -18.06 40.50
N PHE D 95 12.45 -16.96 40.03
CA PHE D 95 13.39 -16.99 38.92
C PHE D 95 14.66 -17.69 39.33
N ALA D 96 15.04 -17.47 40.58
CA ALA D 96 16.30 -17.98 41.13
C ALA D 96 17.48 -17.75 40.19
N GLY D 97 17.60 -16.52 39.67
CA GLY D 97 18.75 -16.13 38.86
C GLY D 97 18.59 -16.33 37.37
N ARG D 98 17.55 -17.06 36.99
CA ARG D 98 17.24 -17.26 35.58
C ARG D 98 16.87 -15.95 34.92
N PRO D 99 17.36 -15.72 33.69
CA PRO D 99 16.90 -14.55 32.93
C PRO D 99 15.45 -14.73 32.47
N VAL D 100 14.68 -13.65 32.42
CA VAL D 100 13.36 -13.74 31.79
C VAL D 100 13.53 -13.71 30.28
N HIS D 101 13.08 -14.76 29.60
CA HIS D 101 13.26 -14.91 28.15
C HIS D 101 12.16 -14.18 27.35
N GLU D 102 10.93 -14.26 27.83
CA GLU D 102 9.80 -13.61 27.21
C GLU D 102 8.80 -13.29 28.29
N VAL D 103 8.08 -12.17 28.14
CA VAL D 103 6.92 -11.91 29.01
C VAL D 103 5.62 -12.07 28.23
N PHE D 104 4.72 -12.92 28.74
CA PHE D 104 3.39 -13.09 28.16
C PHE D 104 2.34 -12.63 29.18
N ALA D 105 1.52 -11.66 28.78
CA ALA D 105 0.44 -11.18 29.64
C ALA D 105 -0.90 -11.42 28.96
N LEU D 106 -1.97 -11.56 29.74
CA LEU D 106 -3.28 -11.84 29.16
C LEU D 106 -3.85 -10.54 28.59
N TRP D 107 -3.47 -9.42 29.20
CA TRP D 107 -3.96 -8.11 28.77
C TRP D 107 -2.78 -7.16 28.55
N PRO D 108 -2.73 -6.46 27.39
CA PRO D 108 -1.60 -5.58 27.05
C PRO D 108 -1.63 -4.25 27.82
N ASP D 109 -1.30 -4.28 29.11
CA ASP D 109 -1.49 -3.08 29.92
C ASP D 109 -0.16 -2.44 30.39
N ALA D 110 -0.25 -1.18 30.78
CA ALA D 110 0.93 -0.47 31.28
C ALA D 110 1.55 -1.15 32.52
N VAL D 111 0.74 -1.82 33.34
CA VAL D 111 1.27 -2.53 34.52
C VAL D 111 2.23 -3.66 34.15
N VAL D 112 2.04 -4.26 32.99
CA VAL D 112 2.96 -5.29 32.54
C VAL D 112 4.33 -4.70 32.25
N ALA D 113 4.33 -3.54 31.60
CA ALA D 113 5.57 -2.83 31.31
C ALA D 113 6.24 -2.33 32.58
N ASP D 114 5.45 -1.93 33.57
CA ASP D 114 6.00 -1.53 34.86
C ASP D 114 6.69 -2.70 35.55
N LEU D 115 6.04 -3.86 35.52
CA LEU D 115 6.61 -5.08 36.10
C LEU D 115 7.89 -5.48 35.39
N ALA D 116 7.87 -5.47 34.06
CA ALA D 116 9.11 -5.75 33.32
C ALA D 116 10.22 -4.75 33.66
N ASP D 117 9.84 -3.49 33.91
CA ASP D 117 10.82 -2.47 34.32
C ASP D 117 11.41 -2.77 35.70
N ALA D 118 10.53 -3.10 36.64
CA ALA D 118 10.92 -3.44 38.02
C ALA D 118 11.93 -4.57 38.03
N LEU D 119 11.71 -5.57 37.17
CA LEU D 119 12.55 -6.76 37.13
C LEU D 119 13.79 -6.59 36.27
N GLY D 120 13.93 -5.46 35.61
CA GLY D 120 15.08 -5.27 34.74
C GLY D 120 15.03 -6.08 33.46
N CYS D 121 13.84 -6.47 33.01
CA CYS D 121 13.74 -7.21 31.76
C CYS D 121 12.79 -6.57 30.72
N PRO D 122 12.97 -5.26 30.42
CA PRO D 122 12.11 -4.66 29.40
C PRO D 122 12.26 -5.34 28.04
N GLU D 123 13.47 -5.82 27.73
CA GLU D 123 13.71 -6.47 26.45
C GLU D 123 12.93 -7.79 26.25
N ALA D 124 12.36 -8.35 27.32
CA ALA D 124 11.64 -9.63 27.24
C ALA D 124 10.15 -9.41 26.94
N LEU D 125 9.75 -8.15 27.01
CA LEU D 125 8.38 -7.78 26.70
C LEU D 125 8.33 -7.10 25.33
N GLU D 126 7.86 -7.80 24.30
CA GLU D 126 7.70 -7.16 22.99
C GLU D 126 6.68 -6.05 23.09
N GLY D 127 6.99 -4.88 22.53
CA GLY D 127 6.09 -3.75 22.62
C GLY D 127 6.12 -3.03 23.96
N HIS D 128 7.18 -3.29 24.74
CA HIS D 128 7.40 -2.63 26.02
C HIS D 128 7.20 -1.10 25.97
N ASP D 129 7.93 -0.44 25.08
CA ASP D 129 7.85 1.01 24.99
C ASP D 129 6.44 1.51 24.67
N PHE D 130 5.81 0.87 23.68
CA PHE D 130 4.41 1.09 23.34
C PHE D 130 3.52 0.99 24.60
N LEU D 131 3.70 -0.08 25.37
CA LEU D 131 2.87 -0.32 26.54
C LEU D 131 3.07 0.71 27.66
N THR D 132 4.31 1.19 27.85
CA THR D 132 4.55 2.21 28.89
C THR D 132 3.73 3.48 28.59
N GLN D 133 3.52 3.76 27.31
CA GLN D 133 2.70 4.94 26.95
C GLN D 133 1.23 4.55 26.86
N SER D 134 0.89 3.40 27.45
CA SER D 134 -0.50 2.90 27.46
C SER D 134 -1.09 2.72 26.07
N GLY D 135 -0.26 2.38 25.09
CA GLY D 135 -0.73 2.20 23.72
C GLY D 135 -1.62 0.97 23.60
N GLY D 136 -1.54 0.06 24.57
CA GLY D 136 -2.30 -1.17 24.53
C GLY D 136 -3.79 -0.97 24.64
N LEU D 137 -4.20 0.18 25.18
CA LEU D 137 -5.62 0.52 25.27
C LEU D 137 -6.27 0.60 23.90
N ILE D 138 -5.48 0.90 22.86
CA ILE D 138 -6.03 1.01 21.51
C ILE D 138 -6.69 -0.32 21.09
N GLY D 139 -6.27 -1.41 21.71
CA GLY D 139 -6.79 -2.72 21.39
C GLY D 139 -8.18 -2.93 21.94
N SER D 140 -8.57 -2.08 22.87
CA SER D 140 -9.92 -2.16 23.43
C SER D 140 -10.81 -0.97 23.02
N SER D 141 -10.35 -0.15 22.07
CA SER D 141 -11.11 1.03 21.64
C SER D 141 -11.90 0.73 20.37
N LYS D 142 -13.22 0.80 20.44
CA LYS D 142 -14.06 0.72 19.21
C LYS D 142 -13.88 1.94 18.30
N ALA D 143 -13.68 3.11 18.91
CA ALA D 143 -13.42 4.32 18.13
C ALA D 143 -12.17 4.10 17.28
N ALA D 144 -11.16 3.48 17.88
CA ALA D 144 -9.95 3.13 17.15
C ALA D 144 -10.20 2.06 16.08
N PHE D 145 -11.02 1.07 16.42
CA PHE D 145 -11.37 0.05 15.45
C PHE D 145 -12.00 0.71 14.21
N ARG D 146 -12.96 1.59 14.44
CA ARG D 146 -13.68 2.21 13.30
C ARG D 146 -12.74 2.90 12.33
N ALA D 147 -11.78 3.67 12.84
CA ALA D 147 -10.85 4.38 11.98
C ALA D 147 -9.88 3.45 11.28
N LEU D 148 -9.31 2.51 12.04
CA LEU D 148 -8.36 1.56 11.49
C LEU D 148 -8.96 0.74 10.35
N ALA D 149 -10.11 0.11 10.62
CA ALA D 149 -10.87 -0.59 9.59
C ALA D 149 -11.24 0.28 8.38
N ALA D 150 -11.76 1.49 8.62
CA ALA D 150 -12.05 2.38 7.48
C ALA D 150 -10.78 2.67 6.67
N GLY D 151 -9.70 3.01 7.35
CA GLY D 151 -8.44 3.28 6.68
C GLY D 151 -7.87 2.07 5.95
N ALA D 152 -8.01 0.90 6.57
CA ALA D 152 -7.45 -0.34 6.04
C ALA D 152 -8.33 -1.00 4.97
N GLY D 153 -9.48 -0.39 4.65
CA GLY D 153 -10.37 -0.92 3.63
C GLY D 153 -11.04 -2.22 4.04
N VAL D 154 -11.14 -2.43 5.35
CA VAL D 154 -11.83 -3.57 5.94
C VAL D 154 -13.31 -3.25 6.09
N ALA D 155 -14.19 -4.14 5.61
CA ALA D 155 -15.64 -3.87 5.63
C ALA D 155 -16.22 -3.74 7.04
N LEU D 156 -17.09 -2.74 7.22
CA LEU D 156 -17.73 -2.48 8.52
C LEU D 156 -19.13 -1.91 8.31
N PRO D 157 -20.00 -1.98 9.33
CA PRO D 157 -21.34 -1.42 9.17
C PRO D 157 -21.30 0.10 9.03
N ALA D 158 -22.26 0.66 8.30
CA ALA D 158 -22.33 2.11 8.13
C ALA D 158 -22.40 2.76 9.50
N GLY D 159 -21.73 3.90 9.65
CA GLY D 159 -21.82 4.61 10.90
C GLY D 159 -20.70 5.59 11.15
N ALA D 160 -20.54 5.99 12.40
CA ALA D 160 -19.59 7.03 12.74
C ALA D 160 -19.14 6.93 14.18
N VAL D 161 -18.30 7.87 14.60
CA VAL D 161 -17.84 7.97 15.98
C VAL D 161 -18.20 9.33 16.49
N CYS D 162 -18.99 9.40 17.55
CA CYS D 162 -19.53 10.70 17.93
C CYS D 162 -19.08 11.14 19.33
N ALA D 163 -18.68 12.41 19.42
CA ALA D 163 -18.19 12.96 20.68
C ALA D 163 -19.29 13.73 21.41
N ASP D 164 -20.28 14.21 20.67
CA ASP D 164 -21.35 14.97 21.29
C ASP D 164 -22.70 14.54 20.78
N ARG D 165 -23.74 15.00 21.48
CA ARG D 165 -25.11 14.61 21.23
C ARG D 165 -25.61 15.06 19.87
N ARG D 166 -25.18 16.24 19.42
CA ARG D 166 -25.66 16.76 18.16
C ARG D 166 -25.27 15.86 16.99
N ARG D 167 -24.03 15.40 16.95
CA ARG D 167 -23.60 14.56 15.84
C ARG D 167 -24.19 13.15 15.97
N ALA D 168 -24.39 12.68 17.21
CA ALA D 168 -24.98 11.37 17.42
C ALA D 168 -26.41 11.40 16.86
N HIS D 169 -27.20 12.36 17.33
CA HIS D 169 -28.54 12.58 16.79
C HIS D 169 -28.56 12.55 15.27
N ARG D 170 -27.66 13.27 14.64
CA ARG D 170 -27.63 13.27 13.19
C ARG D 170 -27.42 11.87 12.63
N HIS D 171 -26.42 11.16 13.16
CA HIS D 171 -26.02 9.91 12.54
C HIS D 171 -27.00 8.77 12.85
N VAL D 172 -27.70 8.89 13.97
CA VAL D 172 -28.70 7.92 14.34
C VAL D 172 -29.96 8.16 13.50
N THR D 173 -30.35 9.43 13.40
CA THR D 173 -31.50 9.84 12.59
C THR D 173 -31.35 9.34 11.16
N ARG D 174 -30.15 9.51 10.61
CA ARG D 174 -29.88 9.11 9.22
C ARG D 174 -30.05 7.61 9.00
N LEU D 175 -29.55 6.79 9.93
CA LEU D 175 -29.65 5.34 9.79
C LEU D 175 -31.09 4.84 9.97
N LEU D 176 -31.78 5.41 10.95
CA LEU D 176 -33.16 5.06 11.22
C LEU D 176 -34.07 5.48 10.06
N ASP D 177 -33.82 6.66 9.51
CA ASP D 177 -34.64 7.15 8.40
C ASP D 177 -34.41 6.33 7.13
N GLU D 178 -33.35 5.53 7.12
CA GLU D 178 -33.14 4.56 6.05
C GLU D 178 -33.82 3.23 6.36
N GLY D 179 -34.44 3.14 7.55
CA GLY D 179 -35.21 1.96 7.93
C GLY D 179 -34.43 0.89 8.66
N SER D 180 -33.17 1.15 8.97
CA SER D 180 -32.35 0.19 9.69
C SER D 180 -32.35 0.46 11.18
N PRO D 181 -32.16 -0.60 11.99
CA PRO D 181 -31.95 -0.35 13.41
C PRO D 181 -30.52 0.11 13.66
N VAL D 182 -30.27 0.76 14.79
CA VAL D 182 -28.95 1.30 15.12
C VAL D 182 -28.37 0.72 16.42
N ILE D 183 -27.06 0.47 16.46
CA ILE D 183 -26.45 0.09 17.73
C ILE D 183 -25.41 1.16 18.18
N LEU D 184 -25.55 1.58 19.44
CA LEU D 184 -24.64 2.53 20.07
C LEU D 184 -23.66 1.75 20.95
N LYS D 185 -22.38 2.05 20.84
CA LYS D 185 -21.36 1.30 21.55
C LYS D 185 -20.44 2.23 22.32
N GLN D 186 -20.26 1.96 23.61
CA GLN D 186 -19.23 2.67 24.38
C GLN D 186 -17.89 2.39 23.74
N ASP D 187 -17.10 3.44 23.55
CA ASP D 187 -15.71 3.32 23.08
C ASP D 187 -14.96 2.15 23.75
N TYR D 188 -14.93 2.12 25.08
CA TYR D 188 -14.16 1.09 25.78
C TYR D 188 -15.02 0.04 26.46
N GLY D 189 -16.27 -0.07 26.04
CA GLY D 189 -17.17 -1.03 26.65
C GLY D 189 -16.63 -2.44 26.57
N SER D 190 -16.73 -3.14 27.70
CA SER D 190 -16.43 -4.56 27.71
C SER D 190 -17.70 -5.35 27.37
N GLY D 191 -17.65 -6.11 26.28
CA GLY D 191 -18.80 -6.90 25.86
C GLY D 191 -20.08 -6.14 25.53
N SER D 192 -21.17 -6.89 25.37
CA SER D 192 -22.47 -6.34 25.02
C SER D 192 -23.04 -5.38 26.09
N ASP D 193 -22.44 -5.40 27.27
CA ASP D 193 -22.93 -4.58 28.38
C ASP D 193 -22.76 -3.08 28.15
N GLY D 194 -21.92 -2.71 27.18
CA GLY D 194 -21.69 -1.32 26.86
C GLY D 194 -22.42 -0.90 25.58
N ASN D 195 -23.34 -1.74 25.10
CA ASN D 195 -24.07 -1.43 23.86
C ASN D 195 -25.57 -1.35 24.06
N GLU D 196 -26.23 -0.52 23.25
CA GLU D 196 -27.69 -0.45 23.24
C GLU D 196 -28.19 -0.36 21.81
N ILE D 197 -29.30 -1.04 21.53
CA ILE D 197 -29.89 -1.02 20.22
C ILE D 197 -31.07 -0.05 20.13
N LEU D 198 -31.07 0.76 19.07
CA LEU D 198 -32.14 1.72 18.83
C LEU D 198 -32.93 1.31 17.58
N SER D 199 -34.26 1.34 17.67
CA SER D 199 -35.10 0.89 16.57
C SER D 199 -36.47 1.58 16.54
N ARG D 200 -37.05 1.66 15.35
CA ARG D 200 -38.46 2.04 15.20
C ARG D 200 -39.34 0.92 15.72
N THR D 201 -38.82 -0.29 15.63
CA THR D 201 -39.60 -1.49 15.84
C THR D 201 -39.20 -2.21 17.12
N PRO D 202 -40.19 -2.63 17.91
CA PRO D 202 -39.90 -3.45 19.09
C PRO D 202 -39.55 -4.90 18.74
N GLY D 203 -38.99 -5.64 19.68
CA GLY D 203 -38.87 -7.08 19.55
C GLY D 203 -37.63 -7.63 18.85
N LEU D 204 -36.73 -6.76 18.40
CA LEU D 204 -35.45 -7.21 17.85
C LEU D 204 -34.74 -8.17 18.82
N ALA D 205 -34.04 -9.16 18.27
CA ALA D 205 -33.19 -10.04 19.06
C ALA D 205 -31.94 -9.27 19.50
N LEU D 206 -31.70 -9.23 20.80
CA LEU D 206 -30.59 -8.44 21.34
C LEU D 206 -29.28 -9.23 21.35
N ARG D 207 -28.75 -9.47 20.17
CA ARG D 207 -27.45 -10.07 20.02
C ARG D 207 -26.38 -8.97 20.06
N GLY D 208 -25.66 -8.89 21.17
CA GLY D 208 -24.53 -7.97 21.27
C GLY D 208 -24.80 -6.63 21.89
N ALA D 209 -25.99 -6.48 22.46
CA ALA D 209 -26.34 -5.32 23.26
C ALA D 209 -27.22 -5.89 24.34
N ARG D 210 -27.50 -5.17 25.42
CA ARG D 210 -28.36 -5.79 26.42
C ARG D 210 -29.61 -4.96 26.74
N ALA D 211 -29.94 -4.03 25.85
CA ALA D 211 -31.21 -3.32 25.92
C ALA D 211 -31.60 -2.77 24.56
N LEU D 212 -32.90 -2.68 24.34
CA LEU D 212 -33.38 -2.02 23.14
C LEU D 212 -34.25 -0.84 23.53
N ARG D 213 -34.10 0.26 22.80
CA ARG D 213 -35.00 1.40 22.95
C ARG D 213 -35.75 1.62 21.65
N VAL D 214 -37.07 1.70 21.76
CA VAL D 214 -37.92 2.00 20.62
C VAL D 214 -38.11 3.50 20.53
N LEU D 215 -37.68 4.08 19.41
CA LEU D 215 -37.75 5.53 19.24
C LEU D 215 -38.64 5.92 18.07
N ALA D 216 -39.76 6.55 18.38
CA ALA D 216 -40.75 6.89 17.36
C ALA D 216 -40.26 7.97 16.40
N ASP D 217 -39.58 8.99 16.93
CA ASP D 217 -39.22 10.16 16.12
C ASP D 217 -38.09 11.01 16.71
N SER D 218 -37.90 12.18 16.12
CA SER D 218 -36.76 13.05 16.41
C SER D 218 -36.75 13.55 17.86
N ALA D 219 -37.92 13.87 18.39
CA ALA D 219 -38.00 14.33 19.77
C ALA D 219 -37.80 13.17 20.75
N ALA D 220 -38.26 11.98 20.38
CA ALA D 220 -38.07 10.79 21.22
C ALA D 220 -36.59 10.51 21.41
N LEU D 221 -35.84 10.72 20.33
CA LEU D 221 -34.41 10.50 20.32
C LEU D 221 -33.65 11.60 21.10
N ASP D 222 -34.14 12.84 20.99
CA ASP D 222 -33.65 13.93 21.83
C ASP D 222 -33.75 13.55 23.30
N ALA D 223 -34.92 13.03 23.67
CA ALA D 223 -35.20 12.58 25.03
C ALA D 223 -34.28 11.44 25.44
N TYR D 224 -34.15 10.45 24.58
CA TYR D 224 -33.26 9.32 24.87
C TYR D 224 -31.81 9.79 25.04
N LEU D 225 -31.32 10.58 24.10
CA LEU D 225 -29.95 11.05 24.15
C LEU D 225 -29.70 11.91 25.37
N ASP D 226 -30.67 12.78 25.67
CA ASP D 226 -30.56 13.64 26.84
C ASP D 226 -30.55 12.80 28.13
N GLU D 227 -31.15 11.62 28.08
CA GLU D 227 -31.19 10.75 29.25
C GLU D 227 -29.98 9.79 29.36
N ARG D 228 -29.50 9.31 28.22
CA ARG D 228 -28.56 8.19 28.20
C ARG D 228 -27.11 8.58 27.92
N TRP D 229 -26.89 9.81 27.47
CA TRP D 229 -25.57 10.23 27.00
C TRP D 229 -24.48 10.11 28.08
N ASP D 230 -24.83 10.45 29.31
CA ASP D 230 -23.88 10.33 30.43
C ASP D 230 -23.44 8.86 30.62
N TRP D 231 -24.36 7.92 30.47
CA TRP D 231 -24.05 6.50 30.54
C TRP D 231 -23.25 6.06 29.33
N LEU D 232 -23.69 6.51 28.15
CA LEU D 232 -23.07 6.16 26.88
C LEU D 232 -21.62 6.60 26.81
N THR D 233 -21.32 7.73 27.43
CA THR D 233 -19.98 8.32 27.38
C THR D 233 -19.14 8.03 28.63
N GLU D 234 -19.68 7.25 29.56
CA GLU D 234 -19.06 7.05 30.87
C GLU D 234 -18.75 8.38 31.56
N GLY D 235 -19.77 9.22 31.69
CA GLY D 235 -19.62 10.50 32.36
C GLY D 235 -18.86 11.51 31.53
N GLY D 236 -19.04 11.47 30.21
CA GLY D 236 -18.38 12.41 29.32
C GLY D 236 -16.89 12.16 29.21
N ARG D 237 -16.47 10.92 29.47
CA ARG D 237 -15.08 10.53 29.37
C ARG D 237 -14.72 10.08 27.95
N HIS D 238 -15.63 9.35 27.29
CA HIS D 238 -15.33 8.72 26.02
C HIS D 238 -16.39 8.95 24.93
N ARG D 239 -15.99 8.70 23.69
CA ARG D 239 -16.87 8.87 22.53
C ARG D 239 -17.78 7.65 22.35
N VAL D 240 -18.76 7.79 21.46
CA VAL D 240 -19.74 6.74 21.23
C VAL D 240 -19.74 6.30 19.76
N VAL D 241 -19.72 4.99 19.51
CA VAL D 241 -19.79 4.52 18.14
C VAL D 241 -21.26 4.30 17.77
N VAL D 242 -21.68 4.92 16.66
CA VAL D 242 -23.00 4.75 16.07
C VAL D 242 -22.85 3.86 14.84
N GLU D 243 -23.51 2.71 14.83
CA GLU D 243 -23.40 1.72 13.76
C GLU D 243 -24.77 1.26 13.25
N ARG D 244 -24.86 0.87 11.99
CA ARG D 244 -26.02 0.12 11.54
C ARG D 244 -25.98 -1.26 12.19
N TYR D 245 -27.07 -1.60 12.88
CA TYR D 245 -27.25 -2.92 13.48
C TYR D 245 -27.90 -3.90 12.50
N HIS D 246 -27.42 -5.14 12.48
CA HIS D 246 -27.98 -6.18 11.60
C HIS D 246 -28.51 -7.35 12.43
N PRO D 247 -29.84 -7.40 12.60
CA PRO D 247 -30.45 -8.46 13.44
C PRO D 247 -30.35 -9.84 12.80
N GLY D 248 -30.28 -10.88 13.63
CA GLY D 248 -30.29 -12.24 13.15
C GLY D 248 -28.98 -12.61 12.45
N SER D 249 -27.97 -11.79 12.64
CA SER D 249 -26.63 -12.10 12.15
C SER D 249 -25.94 -13.14 13.04
N ARG D 250 -25.06 -13.94 12.44
CA ARG D 250 -24.20 -14.84 13.19
C ARG D 250 -22.87 -14.13 13.48
N ALA D 251 -22.20 -14.51 14.57
CA ALA D 251 -20.97 -13.81 14.97
C ALA D 251 -19.73 -14.68 14.84
N TYR D 252 -18.72 -14.16 14.16
CA TYR D 252 -17.48 -14.89 13.96
C TYR D 252 -16.28 -14.07 14.45
N PHE D 253 -15.18 -14.76 14.70
CA PHE D 253 -13.96 -14.08 15.07
C PHE D 253 -12.80 -14.66 14.28
N ALA D 254 -11.79 -13.84 14.05
CA ALA D 254 -10.52 -14.34 13.56
C ALA D 254 -9.42 -13.71 14.40
N GLU D 255 -8.64 -14.57 15.04
CA GLU D 255 -7.68 -14.12 16.05
C GLU D 255 -6.26 -14.26 15.53
N PHE D 256 -5.44 -13.26 15.84
CA PHE D 256 -4.09 -13.21 15.29
C PHE D 256 -3.07 -13.05 16.41
N TRP D 257 -1.86 -13.51 16.16
CA TRP D 257 -0.76 -13.23 17.08
C TRP D 257 0.14 -12.18 16.46
N ILE D 258 0.27 -11.04 17.13
CA ILE D 258 1.03 -9.93 16.56
C ILE D 258 2.33 -9.75 17.31
N SER D 259 3.44 -10.05 16.62
CA SER D 259 4.79 -9.93 17.19
C SER D 259 5.67 -9.01 16.34
N ASP D 260 6.91 -8.81 16.77
CA ASP D 260 7.88 -7.99 16.03
C ASP D 260 8.04 -8.48 14.59
N GLY D 261 8.12 -9.81 14.44
CA GLY D 261 8.31 -10.39 13.12
C GLY D 261 7.09 -10.31 12.21
N GLY D 262 5.95 -9.89 12.74
CA GLY D 262 4.76 -9.79 11.90
C GLY D 262 3.47 -10.36 12.49
N VAL D 263 2.59 -10.83 11.60
CA VAL D 263 1.24 -11.17 11.96
C VAL D 263 0.97 -12.64 11.63
N ARG D 264 0.55 -13.40 12.63
CA ARG D 264 0.32 -14.83 12.47
C ARG D 264 -1.14 -15.17 12.79
N LEU D 265 -1.79 -15.91 11.91
CA LEU D 265 -3.15 -16.39 12.18
C LEU D 265 -3.12 -17.41 13.32
N GLY D 266 -3.85 -17.11 14.39
CA GLY D 266 -4.04 -18.04 15.47
C GLY D 266 -5.15 -19.03 15.11
N GLY D 267 -6.38 -18.53 15.01
CA GLY D 267 -7.51 -19.32 14.56
C GLY D 267 -8.79 -18.53 14.45
N HIS D 268 -9.85 -19.21 14.01
CA HIS D 268 -11.13 -18.56 13.83
C HIS D 268 -12.27 -19.43 14.34
N GLY D 269 -13.39 -18.81 14.67
CA GLY D 269 -14.52 -19.57 15.12
C GLY D 269 -15.84 -18.84 15.08
N GLU D 270 -16.87 -19.47 15.60
CA GLU D 270 -18.15 -18.86 15.68
C GLU D 270 -18.62 -18.78 17.07
N ARG D 272 -21.89 -18.87 18.92
CA ARG D 272 -23.24 -19.34 18.63
C ARG D 272 -24.29 -18.78 19.57
N TYR D 273 -25.40 -18.34 19.01
CA TYR D 273 -26.63 -18.03 19.74
C TYR D 273 -27.63 -19.16 19.54
N ARG D 274 -27.87 -19.97 20.57
CA ARG D 274 -28.78 -21.10 20.41
C ARG D 274 -29.79 -21.27 21.55
N PRO D 275 -30.61 -20.24 21.83
CA PRO D 275 -30.74 -18.93 21.18
C PRO D 275 -29.77 -17.84 21.69
N LEU D 276 -28.97 -18.17 22.70
CA LEU D 276 -28.17 -17.16 23.40
C LEU D 276 -26.68 -17.51 23.36
N PRO D 277 -25.79 -16.53 23.66
CA PRO D 277 -24.36 -16.75 23.32
C PRO D 277 -23.56 -17.58 24.34
N ASP D 278 -23.91 -18.86 24.48
CA ASP D 278 -23.29 -19.70 25.49
C ASP D 278 -22.37 -20.78 24.94
N SER D 279 -21.99 -20.66 23.67
CA SER D 279 -21.09 -21.65 23.10
C SER D 279 -20.28 -21.11 21.92
N GLN D 280 -19.15 -21.76 21.69
CA GLN D 280 -18.20 -21.42 20.63
C GLN D 280 -17.85 -22.65 19.82
N VAL D 281 -17.54 -22.48 18.56
CA VAL D 281 -17.05 -23.52 17.74
C VAL D 281 -15.84 -23.11 16.96
N PRO D 283 -12.84 -24.80 14.18
CA PRO D 283 -12.84 -23.61 13.34
C PRO D 283 -14.25 -23.16 12.91
N ALA D 284 -14.31 -22.02 12.22
CA ALA D 284 -15.55 -21.41 11.80
C ALA D 284 -16.30 -22.29 10.82
N PRO D 285 -17.54 -22.69 11.19
CA PRO D 285 -18.39 -23.53 10.36
C PRO D 285 -19.41 -22.74 9.55
N ASP D 286 -19.94 -23.38 8.51
CA ASP D 286 -21.03 -22.85 7.70
C ASP D 286 -20.67 -21.62 6.89
N LEU D 287 -19.38 -21.30 6.80
CA LEU D 287 -18.93 -20.23 5.91
C LEU D 287 -18.55 -20.80 4.56
N ASP D 288 -18.92 -20.10 3.49
CA ASP D 288 -18.36 -20.43 2.18
C ASP D 288 -16.88 -20.06 2.22
N GLN D 289 -16.11 -20.52 1.23
CA GLN D 289 -14.67 -20.34 1.30
C GLN D 289 -14.33 -18.85 1.15
N ALA D 290 -15.09 -18.14 0.32
CA ALA D 290 -14.88 -16.72 0.13
C ALA D 290 -15.25 -15.91 1.38
N GLN D 291 -16.24 -16.36 2.13
CA GLN D 291 -16.59 -15.69 3.37
C GLN D 291 -15.51 -15.87 4.41
N LEU D 292 -14.88 -17.05 4.43
CA LEU D 292 -13.81 -17.31 5.40
C LEU D 292 -12.60 -16.48 5.03
N ASP D 293 -12.29 -16.43 3.74
CA ASP D 293 -11.19 -15.61 3.24
C ASP D 293 -11.37 -14.13 3.55
N ASP D 294 -12.59 -13.62 3.44
CA ASP D 294 -12.85 -12.23 3.80
C ASP D 294 -12.66 -12.02 5.27
N LEU D 295 -13.03 -13.03 6.05
CA LEU D 295 -12.88 -13.00 7.51
C LEU D 295 -11.39 -12.96 7.92
N VAL D 296 -10.59 -13.85 7.35
CA VAL D 296 -9.19 -13.92 7.72
C VAL D 296 -8.40 -12.75 7.14
N GLU D 297 -8.60 -12.45 5.86
CA GLU D 297 -7.83 -11.37 5.23
C GLU D 297 -8.21 -9.99 5.79
N GLY D 298 -9.50 -9.79 6.06
CA GLY D 298 -9.95 -8.63 6.81
C GLY D 298 -9.20 -8.48 8.12
N GLY D 299 -9.28 -9.52 8.95
CA GLY D 299 -8.55 -9.57 10.22
C GLY D 299 -7.06 -9.31 10.07
N ARG D 300 -6.46 -9.92 9.05
CA ARG D 300 -5.05 -9.74 8.76
C ARG D 300 -4.69 -8.27 8.42
N ARG D 301 -5.42 -7.66 7.47
CA ARG D 301 -5.18 -6.25 7.10
C ARG D 301 -5.24 -5.35 8.31
N LEU D 302 -6.31 -5.48 9.08
CA LEU D 302 -6.46 -4.79 10.34
C LEU D 302 -5.24 -4.97 11.27
N CYS D 303 -4.74 -6.20 11.38
CA CYS D 303 -3.65 -6.49 12.33
C CYS D 303 -2.33 -5.95 11.83
N VAL D 304 -2.12 -6.00 10.53
CA VAL D 304 -0.98 -5.36 9.89
C VAL D 304 -0.88 -3.87 10.26
N ALA D 305 -2.02 -3.19 10.28
CA ALA D 305 -2.06 -1.79 10.68
C ALA D 305 -1.74 -1.63 12.17
N LEU D 306 -2.30 -2.51 12.99
CA LEU D 306 -2.04 -2.44 14.41
C LEU D 306 -0.58 -2.70 14.69
N HIS D 307 -0.02 -3.64 13.94
CA HIS D 307 1.40 -3.96 14.04
C HIS D 307 2.26 -2.74 13.75
N ALA D 308 1.95 -2.05 12.65
CA ALA D 308 2.77 -0.94 12.17
C ALA D 308 2.78 0.22 13.17
N LEU D 309 1.72 0.34 13.94
CA LEU D 309 1.64 1.42 14.90
C LEU D 309 2.23 1.00 16.24
N GLY D 310 2.61 -0.27 16.37
CA GLY D 310 3.34 -0.71 17.54
C GLY D 310 2.69 -1.78 18.43
N TYR D 311 1.43 -2.11 18.19
CA TYR D 311 0.73 -3.06 19.05
C TYR D 311 1.41 -4.42 18.98
N ARG D 312 1.56 -5.06 20.13
CA ARG D 312 2.11 -6.41 20.17
C ARG D 312 1.24 -7.26 21.07
N GLY D 313 0.90 -8.46 20.61
CA GLY D 313 0.13 -9.35 21.46
C GLY D 313 -0.92 -10.11 20.68
N VAL D 314 -2.01 -10.45 21.38
CA VAL D 314 -3.12 -11.15 20.77
C VAL D 314 -4.20 -10.15 20.33
N LEU D 315 -4.72 -10.34 19.13
CA LEU D 315 -5.75 -9.44 18.59
C LEU D 315 -6.86 -10.29 17.94
N SER D 316 -8.05 -10.23 18.53
CA SER D 316 -9.23 -10.91 17.99
C SER D 316 -10.14 -9.95 17.23
N ALA D 317 -10.31 -10.17 15.93
CA ALA D 317 -11.17 -9.34 15.12
C ALA D 317 -12.57 -9.97 15.00
N ASP D 318 -13.57 -9.26 15.48
CA ASP D 318 -14.93 -9.77 15.42
C ASP D 318 -15.67 -9.32 14.16
N ALA D 319 -16.46 -10.22 13.61
CA ALA D 319 -17.22 -9.93 12.41
C ALA D 319 -18.61 -10.52 12.53
N VAL D 320 -19.57 -9.98 11.77
CA VAL D 320 -20.84 -10.66 11.61
C VAL D 320 -21.03 -11.03 10.13
N VAL D 321 -21.77 -12.11 9.89
CA VAL D 321 -22.23 -12.40 8.55
C VAL D 321 -23.69 -12.06 8.57
N THR D 322 -24.09 -11.06 7.79
CA THR D 322 -25.48 -10.63 7.77
C THR D 322 -26.38 -11.74 7.22
N PRO D 323 -27.70 -11.65 7.50
CA PRO D 323 -28.63 -12.54 6.79
C PRO D 323 -28.41 -12.50 5.28
N ALA D 324 -28.05 -11.33 4.77
CA ALA D 324 -27.77 -11.13 3.35
C ALA D 324 -26.46 -11.76 2.89
N GLY D 325 -25.64 -12.21 3.83
CA GLY D 325 -24.43 -12.97 3.50
C GLY D 325 -23.13 -12.19 3.47
N GLU D 326 -23.17 -10.96 3.96
CA GLU D 326 -21.99 -10.10 3.92
C GLU D 326 -21.19 -10.13 5.23
N VAL D 327 -19.87 -10.19 5.08
CA VAL D 327 -19.00 -10.20 6.24
C VAL D 327 -18.63 -8.77 6.66
N LEU D 328 -19.07 -8.36 7.85
CA LEU D 328 -18.78 -7.03 8.36
C LEU D 328 -18.13 -7.10 9.70
N PHE D 329 -16.97 -6.46 9.80
CA PHE D 329 -16.25 -6.36 11.06
C PHE D 329 -16.87 -5.32 11.98
N THR D 330 -16.95 -5.65 13.27
CA THR D 330 -17.68 -4.84 14.25
C THR D 330 -16.79 -4.32 15.41
N GLU D 331 -15.72 -5.04 15.72
CA GLU D 331 -14.79 -4.59 16.75
C GLU D 331 -13.54 -5.42 16.70
N HIS D 332 -12.47 -4.94 17.35
CA HIS D 332 -11.33 -5.78 17.67
C HIS D 332 -11.10 -5.82 19.17
N ASN D 333 -10.31 -6.80 19.61
CA ASN D 333 -10.07 -7.07 21.01
C ASN D 333 -8.61 -7.40 21.16
N GLY D 334 -7.88 -6.53 21.85
CA GLY D 334 -6.45 -6.73 22.01
C GLY D 334 -6.19 -7.32 23.38
N ARG D 335 -6.13 -8.65 23.44
CA ARG D 335 -6.05 -9.37 24.71
C ARG D 335 -6.17 -10.86 24.45
N ALA D 336 -5.78 -11.68 25.42
CA ALA D 336 -6.03 -13.10 25.28
C ALA D 336 -7.53 -13.28 25.54
N THR D 337 -8.25 -13.85 24.60
CA THR D 337 -9.70 -13.87 24.77
C THR D 337 -10.13 -15.20 25.37
N GLY D 338 -11.45 -15.41 25.48
CA GLY D 338 -11.99 -16.65 25.96
C GLY D 338 -11.69 -17.79 25.02
N SER D 339 -11.23 -17.45 23.81
CA SER D 339 -10.97 -18.43 22.76
C SER D 339 -9.48 -18.74 22.55
N THR D 340 -8.59 -17.93 23.11
CA THR D 340 -7.19 -18.01 22.68
C THR D 340 -6.52 -19.31 23.10
N HIS D 341 -6.67 -19.70 24.37
CA HIS D 341 -6.09 -20.97 24.80
C HIS D 341 -6.80 -22.17 24.16
N ILE D 342 -8.01 -21.96 23.63
CA ILE D 342 -8.77 -23.09 23.11
C ILE D 342 -8.23 -23.55 21.77
N TYR D 343 -8.15 -22.66 20.78
CA TYR D 343 -7.58 -23.08 19.51
C TYR D 343 -6.05 -23.22 19.59
N GLU D 344 -5.40 -22.36 20.36
CA GLU D 344 -3.92 -22.35 20.34
C GLU D 344 -3.33 -23.49 21.16
N ILE D 345 -3.86 -23.75 22.35
CA ILE D 345 -3.29 -24.84 23.13
C ILE D 345 -4.10 -26.13 23.01
N VAL D 346 -5.31 -26.14 23.56
CA VAL D 346 -6.18 -27.32 23.45
C VAL D 346 -6.28 -27.82 22.00
N GLY D 347 -6.38 -26.90 21.05
CA GLY D 347 -6.43 -27.28 19.66
C GLY D 347 -5.11 -27.73 19.06
N LYS D 348 -4.16 -26.81 18.94
CA LYS D 348 -2.92 -27.08 18.22
C LYS D 348 -1.94 -27.97 18.99
N ARG D 349 -1.92 -27.86 20.32
CA ARG D 349 -0.96 -28.66 21.11
C ARG D 349 -1.55 -29.98 21.63
N VAL D 350 -2.66 -29.92 22.37
CA VAL D 350 -3.29 -31.12 22.88
C VAL D 350 -3.77 -32.01 21.73
N VAL D 351 -4.76 -31.54 20.97
CA VAL D 351 -5.36 -32.36 19.91
C VAL D 351 -4.37 -32.63 18.78
N GLY D 352 -3.52 -31.65 18.48
CA GLY D 352 -2.53 -31.81 17.44
C GLY D 352 -2.93 -31.32 16.06
N PRO D 353 -2.17 -31.73 15.03
CA PRO D 353 -2.35 -31.32 13.64
C PRO D 353 -3.74 -31.63 13.10
N GLY D 354 -4.38 -32.68 13.61
CA GLY D 354 -5.71 -33.05 13.16
C GLY D 354 -6.75 -31.98 13.40
N PHE D 355 -6.50 -31.09 14.34
CA PHE D 355 -7.42 -29.99 14.63
C PHE D 355 -7.55 -29.04 13.44
N GLY D 356 -8.78 -28.85 12.97
CA GLY D 356 -9.06 -27.99 11.85
C GLY D 356 -9.19 -28.81 10.58
N THR D 357 -8.83 -30.08 10.68
CA THR D 357 -9.02 -31.01 9.58
C THR D 357 -10.04 -32.06 9.94
N ASP D 358 -9.71 -32.93 10.90
CA ASP D 358 -10.62 -34.00 11.29
C ASP D 358 -11.15 -33.83 12.71
N ARG D 359 -10.86 -32.70 13.35
CA ARG D 359 -11.39 -32.43 14.68
C ARG D 359 -11.84 -30.98 14.77
N ILE D 360 -12.87 -30.75 15.56
CA ILE D 360 -13.38 -29.40 15.82
C ILE D 360 -13.53 -29.27 17.33
N LEU D 361 -13.58 -28.03 17.81
CA LEU D 361 -13.73 -27.79 19.24
C LEU D 361 -15.03 -27.06 19.54
N LEU D 362 -15.72 -27.52 20.57
CA LEU D 362 -16.97 -26.90 21.00
C LEU D 362 -16.84 -26.60 22.47
N GLU D 363 -17.07 -25.36 22.88
CA GLU D 363 -16.94 -25.01 24.28
C GLU D 363 -18.26 -24.52 24.81
N ARG D 364 -18.68 -25.03 25.95
CA ARG D 364 -19.89 -24.54 26.54
C ARG D 364 -19.86 -24.38 28.03
N VAL D 365 -20.61 -23.41 28.48
CA VAL D 365 -20.62 -22.93 29.85
C VAL D 365 -21.32 -23.77 30.95
N TRP D 366 -22.48 -24.36 30.68
CA TRP D 366 -23.18 -25.32 31.57
C TRP D 366 -22.69 -26.75 31.34
N PHE D 375 -14.20 -30.09 41.50
CA PHE D 375 -13.51 -30.18 40.22
C PHE D 375 -13.20 -31.63 39.94
N ALA D 376 -12.79 -32.33 40.99
CA ALA D 376 -12.44 -33.73 40.90
C ALA D 376 -13.69 -34.58 40.70
N GLY D 377 -14.85 -33.95 40.87
CA GLY D 377 -16.13 -34.62 40.65
C GLY D 377 -16.44 -34.63 39.18
N ALA D 378 -16.15 -33.50 38.53
CA ALA D 378 -16.31 -33.42 37.09
C ALA D 378 -15.35 -34.39 36.42
N LEU D 379 -14.11 -34.40 36.90
CA LEU D 379 -13.07 -35.25 36.35
C LEU D 379 -13.38 -36.73 36.57
N THR D 380 -13.79 -37.07 37.79
CA THR D 380 -14.14 -38.44 38.14
C THR D 380 -15.24 -39.00 37.24
N ARG D 381 -16.31 -38.23 37.12
CA ARG D 381 -17.49 -38.74 36.43
C ARG D 381 -17.19 -38.77 34.94
N LEU D 382 -16.48 -37.77 34.44
CA LEU D 382 -16.07 -37.82 33.04
C LEU D 382 -15.12 -38.98 32.77
N ARG D 383 -14.19 -39.23 33.70
CA ARG D 383 -13.29 -40.37 33.58
C ARG D 383 -14.03 -41.69 33.64
N ASP D 384 -14.84 -41.87 34.67
CA ASP D 384 -15.49 -43.15 34.89
C ASP D 384 -16.47 -43.50 33.78
N SER D 385 -16.99 -42.47 33.10
CA SER D 385 -17.99 -42.72 32.06
C SER D 385 -17.33 -42.95 30.72
N GLY D 386 -16.09 -42.50 30.58
CA GLY D 386 -15.42 -42.56 29.29
C GLY D 386 -15.59 -41.31 28.42
N HIS D 387 -16.30 -40.29 28.91
CA HIS D 387 -16.48 -39.06 28.12
C HIS D 387 -15.32 -38.05 28.20
N LEU D 388 -14.44 -38.23 29.18
CA LEU D 388 -13.25 -37.41 29.31
C LEU D 388 -12.39 -37.52 28.06
N TYR D 389 -11.77 -36.40 27.65
CA TYR D 389 -10.90 -36.38 26.48
C TYR D 389 -9.81 -37.45 26.56
N ASP D 390 -9.71 -38.27 25.52
CA ASP D 390 -8.75 -39.36 25.44
C ASP D 390 -7.74 -39.06 24.35
N PRO D 391 -6.49 -38.74 24.74
CA PRO D 391 -5.39 -38.49 23.80
C PRO D 391 -5.27 -39.53 22.71
N GLU D 392 -5.59 -40.77 23.07
CA GLU D 392 -5.49 -41.90 22.17
C GLU D 392 -6.52 -41.88 21.05
N THR D 393 -7.66 -41.25 21.31
CA THR D 393 -8.74 -41.19 20.33
C THR D 393 -8.94 -39.76 19.82
N ARG D 394 -8.33 -38.80 20.51
CA ARG D 394 -8.54 -37.39 20.24
C ARG D 394 -10.02 -37.05 20.25
N ARG D 395 -10.77 -37.68 21.16
CA ARG D 395 -12.19 -37.38 21.37
C ARG D 395 -12.52 -37.21 22.85
N GLY D 396 -13.50 -36.37 23.15
CA GLY D 396 -14.02 -36.28 24.51
C GLY D 396 -14.04 -34.87 25.09
N ALA D 397 -14.43 -34.77 26.35
CA ALA D 397 -14.52 -33.48 27.00
C ALA D 397 -13.19 -33.11 27.68
N VAL D 398 -12.69 -31.92 27.36
CA VAL D 398 -11.57 -31.31 28.06
C VAL D 398 -12.09 -30.32 29.11
N ILE D 399 -11.67 -30.44 30.35
CA ILE D 399 -12.03 -29.45 31.35
C ILE D 399 -11.12 -28.21 31.19
N LEU D 400 -11.69 -27.15 30.66
CA LEU D 400 -10.96 -25.91 30.38
C LEU D 400 -10.66 -25.08 31.61
N ALA D 401 -11.56 -25.13 32.60
CA ALA D 401 -11.45 -24.26 33.77
C ALA D 401 -12.08 -24.94 34.98
N ALA D 402 -11.75 -24.49 36.18
CA ALA D 402 -12.38 -25.02 37.38
C ALA D 402 -13.46 -24.10 37.91
N VAL D 410 -17.79 -26.20 36.24
CA VAL D 410 -16.64 -26.02 35.39
C VAL D 410 -17.03 -25.80 33.94
N LEU D 412 -16.35 -26.84 29.83
CA LEU D 412 -15.91 -27.92 29.03
C LEU D 412 -15.67 -27.59 27.59
N CYS D 413 -14.74 -28.26 27.00
CA CYS D 413 -14.49 -28.18 25.58
C CYS D 413 -14.58 -29.58 24.99
N TYR D 414 -15.59 -29.82 24.15
CA TYR D 414 -15.78 -31.10 23.50
C TYR D 414 -14.99 -31.24 22.20
N VAL D 415 -14.10 -32.22 22.13
CA VAL D 415 -13.34 -32.50 20.91
C VAL D 415 -13.99 -33.66 20.15
N ALA D 416 -14.42 -33.39 18.93
CA ALA D 416 -15.04 -34.42 18.11
C ALA D 416 -14.73 -34.19 16.62
N GLU D 417 -15.24 -35.07 15.76
CA GLU D 417 -14.96 -34.99 14.33
C GLU D 417 -15.68 -33.80 13.69
N ASP D 418 -16.92 -33.58 14.10
CA ASP D 418 -17.70 -32.47 13.62
C ASP D 418 -18.63 -31.98 14.72
N LEU D 419 -19.42 -30.94 14.43
CA LEU D 419 -20.32 -30.36 15.41
C LEU D 419 -21.41 -31.35 15.89
N GLU D 420 -21.96 -32.15 14.97
CA GLU D 420 -23.00 -33.09 15.35
C GLU D 420 -22.48 -34.10 16.37
N ALA D 421 -21.28 -34.61 16.13
CA ALA D 421 -20.59 -35.49 17.07
C ALA D 421 -20.32 -34.81 18.42
N ALA D 422 -19.95 -33.52 18.40
CA ALA D 422 -19.72 -32.78 19.65
C ALA D 422 -21.00 -32.60 20.46
N LEU D 423 -22.09 -32.25 19.77
CA LEU D 423 -23.39 -32.07 20.44
C LEU D 423 -23.95 -33.40 21.00
N HIS D 424 -23.65 -34.53 20.35
CA HIS D 424 -24.06 -35.82 20.92
C HIS D 424 -23.27 -36.10 22.19
N ARG D 425 -21.97 -35.78 22.17
CA ARG D 425 -21.11 -35.99 23.34
C ARG D 425 -21.60 -35.17 24.53
N GLU D 426 -21.91 -33.90 24.27
CA GLU D 426 -22.43 -33.04 25.33
C GLU D 426 -23.73 -33.57 25.91
N GLU D 427 -24.62 -34.03 25.04
CA GLU D 427 -25.90 -34.58 25.46
C GLU D 427 -25.71 -35.76 26.40
N SER D 428 -24.78 -36.64 26.01
CA SER D 428 -24.32 -37.73 26.87
C SER D 428 -23.86 -37.23 28.23
N VAL D 429 -23.08 -36.15 28.25
CA VAL D 429 -22.50 -35.63 29.49
C VAL D 429 -23.58 -35.11 30.46
N SER D 430 -24.71 -34.65 29.93
CA SER D 430 -25.91 -34.44 30.75
C SER D 430 -26.18 -35.58 31.74
#